data_7T7S
# 
_entry.id   7T7S 
# 
_audit_conform.dict_name       mmcif_pdbx.dic 
_audit_conform.dict_version    5.380 
_audit_conform.dict_location   http://mmcif.pdb.org/dictionaries/ascii/mmcif_pdbx.dic 
# 
loop_
_database_2.database_id 
_database_2.database_code 
_database_2.pdbx_database_accession 
_database_2.pdbx_DOI 
PDB   7T7S         pdb_00007t7s 10.2210/pdb7t7s/pdb 
WWPDB D_1000261793 ?            ?                   
# 
_pdbx_database_status.status_code                     REL 
_pdbx_database_status.status_code_sf                  REL 
_pdbx_database_status.status_code_mr                  ? 
_pdbx_database_status.entry_id                        7T7S 
_pdbx_database_status.recvd_initial_deposition_date   2021-12-15 
_pdbx_database_status.SG_entry                        N 
_pdbx_database_status.deposit_site                    RCSB 
_pdbx_database_status.process_site                    RCSB 
_pdbx_database_status.status_code_cs                  ? 
_pdbx_database_status.status_code_nmr_data            ? 
_pdbx_database_status.methods_development_category    ? 
_pdbx_database_status.pdb_format_compatible           Y 
# 
loop_
_audit_author.name 
_audit_author.pdbx_ordinal 
_audit_author.identifier_ORCID 
'Reeve, S.M.'  1 0000-0003-2064-405X 
'Wang, S.'     2 ?                   
'Donald, B.R.' 3 0000-0001-6884-4398 
'Wright, D.L.' 4 0000-0002-0169-5962 
# 
_citation.abstract                  ? 
_citation.abstract_id_CAS           ? 
_citation.book_id_ISBN              ? 
_citation.book_publisher            ? 
_citation.book_publisher_city       ? 
_citation.book_title                ? 
_citation.coordinate_linkage        ? 
_citation.country                   US 
_citation.database_id_Medline       ? 
_citation.details                   ? 
_citation.id                        primary 
_citation.journal_abbrev            'Plos Comput.Biol.' 
_citation.journal_id_ASTM           ? 
_citation.journal_id_CSD            ? 
_citation.journal_id_ISSN           1553-7358 
_citation.journal_full              ? 
_citation.journal_issue             ? 
_citation.journal_volume            18 
_citation.language                  ? 
_citation.page_first                e1009855 
_citation.page_last                 e1009855 
_citation.title                     'Chiral evasion and stereospecific antifolate resistance in Staphylococcus aureus.' 
_citation.year                      2022 
_citation.database_id_CSD           ? 
_citation.pdbx_database_id_DOI      10.1371/journal.pcbi.1009855 
_citation.pdbx_database_id_PubMed   35143481 
_citation.pdbx_database_id_patent   ? 
_citation.unpublished_flag          ? 
# 
loop_
_citation_author.citation_id 
_citation_author.name 
_citation_author.ordinal 
_citation_author.identifier_ORCID 
primary 'Wang, S.'       1  ?                   
primary 'Reeve, S.M.'    2  0000-0003-2064-405X 
primary 'Holt, G.T.'     3  0000-0003-3354-9748 
primary 'Ojewole, A.A.'  4  0000-0003-2661-4388 
primary 'Frenkel, M.S.'  5  0000-0002-5638-7692 
primary 'Gainza, P.'     6  ?                   
primary 'Keshipeddy, S.' 7  ?                   
primary 'Fowler, V.G.'   8  0000-0002-8048-0897 
primary 'Wright, D.L.'   9  0000-0003-4634-3351 
primary 'Donald, B.R.'   10 0000-0001-6884-4398 
# 
_cell.angle_alpha                  90.00 
_cell.angle_alpha_esd              ? 
_cell.angle_beta                   90.00 
_cell.angle_beta_esd               ? 
_cell.angle_gamma                  120.00 
_cell.angle_gamma_esd              ? 
_cell.entry_id                     7T7S 
_cell.details                      ? 
_cell.formula_units_Z              ? 
_cell.length_a                     78.875 
_cell.length_a_esd                 ? 
_cell.length_b                     78.875 
_cell.length_b_esd                 ? 
_cell.length_c                     107.993 
_cell.length_c_esd                 ? 
_cell.volume                       ? 
_cell.volume_esd                   ? 
_cell.Z_PDB                        12 
_cell.reciprocal_angle_alpha       ? 
_cell.reciprocal_angle_beta        ? 
_cell.reciprocal_angle_gamma       ? 
_cell.reciprocal_angle_alpha_esd   ? 
_cell.reciprocal_angle_beta_esd    ? 
_cell.reciprocal_angle_gamma_esd   ? 
_cell.reciprocal_length_a          ? 
_cell.reciprocal_length_b          ? 
_cell.reciprocal_length_c          ? 
_cell.reciprocal_length_a_esd      ? 
_cell.reciprocal_length_b_esd      ? 
_cell.reciprocal_length_c_esd      ? 
_cell.pdbx_unique_axis             ? 
# 
_symmetry.entry_id                         7T7S 
_symmetry.cell_setting                     ? 
_symmetry.Int_Tables_number                178 
_symmetry.space_group_name_Hall            ? 
_symmetry.space_group_name_H-M             'P 61 2 2' 
_symmetry.pdbx_full_space_group_name_H-M   ? 
# 
loop_
_entity.id 
_entity.type 
_entity.src_method 
_entity.pdbx_description 
_entity.formula_weight 
_entity.pdbx_number_of_molecules 
_entity.pdbx_ec 
_entity.pdbx_mutation 
_entity.pdbx_fragment 
_entity.details 
1 polymer     man 'Dihydrofolate reductase'                                                                  18015.557 1  1.5.1.3 
? ? ? 
2 non-polymer syn 'Tricyclic NADPH'                                                                          745.421   1  ?       
? ? ? 
3 non-polymer syn '6-ethyl-5-{(3R)-3-[3-methoxy-5-(pyridin-4-yl)phenyl]but-1-yn-1-yl}pyrimidine-2,4-diamine' 373.451   1  ?       
? ? ? 
4 non-polymer syn 'ACETATE ION'                                                                              59.044    1  ?       
? ? ? 
5 water       nat water                                                                                      18.015    46 ?       
? ? ? 
# 
_entity_name_com.entity_id   1 
_entity_name_com.name        DHFR 
# 
_entity_poly.entity_id                      1 
_entity_poly.type                           'polypeptide(L)' 
_entity_poly.nstd_linkage                   no 
_entity_poly.nstd_monomer                   no 
_entity_poly.pdbx_seq_one_letter_code       
;TLSILVAHDLQRVIGFENQLPWHLPNDLKHVKKLSTGHTLVMGRKTFESIGKPLPNRRNVVLTSDTSFNVEGVDVIHSIE
DIYQLPGHVFIFGGQTLFEEMIDKVDDMYITVIEGKFRGDTFFPPYTFEDWEVASSVEGKLDEKNTIPHTFLHLIRK
;
_entity_poly.pdbx_seq_one_letter_code_can   
;TLSILVAHDLQRVIGFENQLPWHLPNDLKHVKKLSTGHTLVMGRKTFESIGKPLPNRRNVVLTSDTSFNVEGVDVIHSIE
DIYQLPGHVFIFGGQTLFEEMIDKVDDMYITVIEGKFRGDTFFPPYTFEDWEVASSVEGKLDEKNTIPHTFLHLIRK
;
_entity_poly.pdbx_strand_id                 X 
_entity_poly.pdbx_target_identifier         ? 
# 
loop_
_entity_poly_seq.entity_id 
_entity_poly_seq.num 
_entity_poly_seq.mon_id 
_entity_poly_seq.hetero 
1 1   THR n 
1 2   LEU n 
1 3   SER n 
1 4   ILE n 
1 5   LEU n 
1 6   VAL n 
1 7   ALA n 
1 8   HIS n 
1 9   ASP n 
1 10  LEU n 
1 11  GLN n 
1 12  ARG n 
1 13  VAL n 
1 14  ILE n 
1 15  GLY n 
1 16  PHE n 
1 17  GLU n 
1 18  ASN n 
1 19  GLN n 
1 20  LEU n 
1 21  PRO n 
1 22  TRP n 
1 23  HIS n 
1 24  LEU n 
1 25  PRO n 
1 26  ASN n 
1 27  ASP n 
1 28  LEU n 
1 29  LYS n 
1 30  HIS n 
1 31  VAL n 
1 32  LYS n 
1 33  LYS n 
1 34  LEU n 
1 35  SER n 
1 36  THR n 
1 37  GLY n 
1 38  HIS n 
1 39  THR n 
1 40  LEU n 
1 41  VAL n 
1 42  MET n 
1 43  GLY n 
1 44  ARG n 
1 45  LYS n 
1 46  THR n 
1 47  PHE n 
1 48  GLU n 
1 49  SER n 
1 50  ILE n 
1 51  GLY n 
1 52  LYS n 
1 53  PRO n 
1 54  LEU n 
1 55  PRO n 
1 56  ASN n 
1 57  ARG n 
1 58  ARG n 
1 59  ASN n 
1 60  VAL n 
1 61  VAL n 
1 62  LEU n 
1 63  THR n 
1 64  SER n 
1 65  ASP n 
1 66  THR n 
1 67  SER n 
1 68  PHE n 
1 69  ASN n 
1 70  VAL n 
1 71  GLU n 
1 72  GLY n 
1 73  VAL n 
1 74  ASP n 
1 75  VAL n 
1 76  ILE n 
1 77  HIS n 
1 78  SER n 
1 79  ILE n 
1 80  GLU n 
1 81  ASP n 
1 82  ILE n 
1 83  TYR n 
1 84  GLN n 
1 85  LEU n 
1 86  PRO n 
1 87  GLY n 
1 88  HIS n 
1 89  VAL n 
1 90  PHE n 
1 91  ILE n 
1 92  PHE n 
1 93  GLY n 
1 94  GLY n 
1 95  GLN n 
1 96  THR n 
1 97  LEU n 
1 98  PHE n 
1 99  GLU n 
1 100 GLU n 
1 101 MET n 
1 102 ILE n 
1 103 ASP n 
1 104 LYS n 
1 105 VAL n 
1 106 ASP n 
1 107 ASP n 
1 108 MET n 
1 109 TYR n 
1 110 ILE n 
1 111 THR n 
1 112 VAL n 
1 113 ILE n 
1 114 GLU n 
1 115 GLY n 
1 116 LYS n 
1 117 PHE n 
1 118 ARG n 
1 119 GLY n 
1 120 ASP n 
1 121 THR n 
1 122 PHE n 
1 123 PHE n 
1 124 PRO n 
1 125 PRO n 
1 126 TYR n 
1 127 THR n 
1 128 PHE n 
1 129 GLU n 
1 130 ASP n 
1 131 TRP n 
1 132 GLU n 
1 133 VAL n 
1 134 ALA n 
1 135 SER n 
1 136 SER n 
1 137 VAL n 
1 138 GLU n 
1 139 GLY n 
1 140 LYS n 
1 141 LEU n 
1 142 ASP n 
1 143 GLU n 
1 144 LYS n 
1 145 ASN n 
1 146 THR n 
1 147 ILE n 
1 148 PRO n 
1 149 HIS n 
1 150 THR n 
1 151 PHE n 
1 152 LEU n 
1 153 HIS n 
1 154 LEU n 
1 155 ILE n 
1 156 ARG n 
1 157 LYS n 
# 
_entity_src_gen.entity_id                          1 
_entity_src_gen.pdbx_src_id                        1 
_entity_src_gen.pdbx_alt_source_flag               sample 
_entity_src_gen.pdbx_seq_type                      'Biological sequence' 
_entity_src_gen.pdbx_beg_seq_num                   1 
_entity_src_gen.pdbx_end_seq_num                   157 
_entity_src_gen.gene_src_common_name               ? 
_entity_src_gen.gene_src_genus                     ? 
_entity_src_gen.pdbx_gene_src_gene                 folA 
_entity_src_gen.gene_src_species                   ? 
_entity_src_gen.gene_src_strain                    ? 
_entity_src_gen.gene_src_tissue                    ? 
_entity_src_gen.gene_src_tissue_fraction           ? 
_entity_src_gen.gene_src_details                   ? 
_entity_src_gen.pdbx_gene_src_fragment             ? 
_entity_src_gen.pdbx_gene_src_scientific_name      'Staphylococcus aureus' 
_entity_src_gen.pdbx_gene_src_ncbi_taxonomy_id     1280 
_entity_src_gen.pdbx_gene_src_variant              ? 
_entity_src_gen.pdbx_gene_src_cell_line            ? 
_entity_src_gen.pdbx_gene_src_atcc                 ? 
_entity_src_gen.pdbx_gene_src_organ                ? 
_entity_src_gen.pdbx_gene_src_organelle            ? 
_entity_src_gen.pdbx_gene_src_cell                 ? 
_entity_src_gen.pdbx_gene_src_cellular_location    ? 
_entity_src_gen.host_org_common_name               ? 
_entity_src_gen.pdbx_host_org_scientific_name      'Escherichia coli BL21' 
_entity_src_gen.pdbx_host_org_ncbi_taxonomy_id     511693 
_entity_src_gen.host_org_genus                     ? 
_entity_src_gen.pdbx_host_org_gene                 ? 
_entity_src_gen.pdbx_host_org_organ                ? 
_entity_src_gen.host_org_species                   ? 
_entity_src_gen.pdbx_host_org_tissue               ? 
_entity_src_gen.pdbx_host_org_tissue_fraction      ? 
_entity_src_gen.pdbx_host_org_strain               BL21 
_entity_src_gen.pdbx_host_org_variant              ? 
_entity_src_gen.pdbx_host_org_cell_line            ? 
_entity_src_gen.pdbx_host_org_atcc                 ? 
_entity_src_gen.pdbx_host_org_culture_collection   ? 
_entity_src_gen.pdbx_host_org_cell                 ? 
_entity_src_gen.pdbx_host_org_organelle            ? 
_entity_src_gen.pdbx_host_org_cellular_location    ? 
_entity_src_gen.pdbx_host_org_vector_type          ? 
_entity_src_gen.pdbx_host_org_vector               ? 
_entity_src_gen.host_org_details                   ? 
_entity_src_gen.expression_system_id               ? 
_entity_src_gen.plasmid_name                       pET41b 
_entity_src_gen.plasmid_details                    ? 
_entity_src_gen.pdbx_description                   ? 
# 
_struct_ref.id                         1 
_struct_ref.db_name                    UNP 
_struct_ref.db_code                    DYR_STAAU 
_struct_ref.pdbx_db_accession          P0A017 
_struct_ref.pdbx_db_isoform            ? 
_struct_ref.entity_id                  1 
_struct_ref.pdbx_seq_one_letter_code   
;TLSILVAHDLQRVIGFENQLPWHLPNDLKHVKKLSTGHTLVMGRKTFESIGKPLPNRRNVVLTSDTSFNVEGVDVIHSIE
DIYQLPGHVFIFGGQTLFEEMIDKVDDMYITVIEGKFRGDTFFPPYTFEDWEVASSVEGKLDEKNTIPHTFLHLIRK
;
_struct_ref.pdbx_align_begin           2 
# 
_struct_ref_seq.align_id                      1 
_struct_ref_seq.ref_id                        1 
_struct_ref_seq.pdbx_PDB_id_code              7T7S 
_struct_ref_seq.pdbx_strand_id                X 
_struct_ref_seq.seq_align_beg                 1 
_struct_ref_seq.pdbx_seq_align_beg_ins_code   ? 
_struct_ref_seq.seq_align_end                 157 
_struct_ref_seq.pdbx_seq_align_end_ins_code   ? 
_struct_ref_seq.pdbx_db_accession             P0A017 
_struct_ref_seq.db_align_beg                  2 
_struct_ref_seq.pdbx_db_align_beg_ins_code    ? 
_struct_ref_seq.db_align_end                  158 
_struct_ref_seq.pdbx_db_align_end_ins_code    ? 
_struct_ref_seq.pdbx_auth_seq_align_beg       1 
_struct_ref_seq.pdbx_auth_seq_align_end       157 
# 
loop_
_chem_comp.id 
_chem_comp.type 
_chem_comp.mon_nstd_flag 
_chem_comp.name 
_chem_comp.pdbx_synonyms 
_chem_comp.formula 
_chem_comp.formula_weight 
06U non-polymer         . '6-ethyl-5-{(3R)-3-[3-methoxy-5-(pyridin-4-yl)phenyl]but-1-yn-1-yl}pyrimidine-2,4-diamine' ? 
'C22 H23 N5 O'      373.451 
ACT non-polymer         . 'ACETATE ION'                                                                              ? 
'C2 H3 O2 -1'       59.044  
ALA 'L-peptide linking' y ALANINE                                                                                    ? 
'C3 H7 N O2'        89.093  
ARG 'L-peptide linking' y ARGININE                                                                                   ? 
'C6 H15 N4 O2 1'    175.209 
ASN 'L-peptide linking' y ASPARAGINE                                                                                 ? 
'C4 H8 N2 O3'       132.118 
ASP 'L-peptide linking' y 'ASPARTIC ACID'                                                                            ? 
'C4 H7 N O4'        133.103 
GLN 'L-peptide linking' y GLUTAMINE                                                                                  ? 
'C5 H10 N2 O3'      146.144 
GLU 'L-peptide linking' y 'GLUTAMIC ACID'                                                                            ? 
'C5 H9 N O4'        147.129 
GLY 'peptide linking'   y GLYCINE                                                                                    ? 
'C2 H5 N O2'        75.067  
HIS 'L-peptide linking' y HISTIDINE                                                                                  ? 
'C6 H10 N3 O2 1'    156.162 
HOH non-polymer         . WATER                                                                                      ? 'H2 O' 
18.015  
ILE 'L-peptide linking' y ISOLEUCINE                                                                                 ? 
'C6 H13 N O2'       131.173 
LEU 'L-peptide linking' y LEUCINE                                                                                    ? 
'C6 H13 N O2'       131.173 
LYS 'L-peptide linking' y LYSINE                                                                                     ? 
'C6 H15 N2 O2 1'    147.195 
MET 'L-peptide linking' y METHIONINE                                                                                 ? 
'C5 H11 N O2 S'     149.211 
PHE 'L-peptide linking' y PHENYLALANINE                                                                              ? 
'C9 H11 N O2'       165.189 
PRO 'L-peptide linking' y PROLINE                                                                                    ? 
'C5 H9 N O2'        115.130 
SER 'L-peptide linking' y SERINE                                                                                     ? 
'C3 H7 N O3'        105.093 
THR 'L-peptide linking' y THREONINE                                                                                  ? 
'C4 H9 N O3'        119.119 
TRP 'L-peptide linking' y TRYPTOPHAN                                                                                 ? 
'C11 H12 N2 O2'     204.225 
TYR 'L-peptide linking' y TYROSINE                                                                                   ? 
'C9 H11 N O3'       181.189 
VAL 'L-peptide linking' y VALINE                                                                                     ? 
'C5 H11 N O2'       117.146 
XNP non-polymer         . 'Tricyclic NADPH'                                                                          ? 
'C21 H30 N7 O17 P3' 745.421 
# 
_exptl.absorpt_coefficient_mu     ? 
_exptl.absorpt_correction_T_max   ? 
_exptl.absorpt_correction_T_min   ? 
_exptl.absorpt_correction_type    ? 
_exptl.absorpt_process_details    ? 
_exptl.entry_id                   7T7S 
_exptl.crystals_number            1 
_exptl.details                    ? 
_exptl.method                     'X-RAY DIFFRACTION' 
_exptl.method_details             ? 
# 
_exptl_crystal.colour                      ? 
_exptl_crystal.density_diffrn              ? 
_exptl_crystal.density_Matthews            2.69 
_exptl_crystal.density_method              ? 
_exptl_crystal.density_percent_sol         54.3 
_exptl_crystal.description                 ? 
_exptl_crystal.F_000                       ? 
_exptl_crystal.id                          1 
_exptl_crystal.preparation                 ? 
_exptl_crystal.size_max                    ? 
_exptl_crystal.size_mid                    ? 
_exptl_crystal.size_min                    ? 
_exptl_crystal.size_rad                    ? 
_exptl_crystal.colour_lustre               ? 
_exptl_crystal.colour_modifier             ? 
_exptl_crystal.colour_primary              ? 
_exptl_crystal.density_meas                ? 
_exptl_crystal.density_meas_esd            ? 
_exptl_crystal.density_meas_gt             ? 
_exptl_crystal.density_meas_lt             ? 
_exptl_crystal.density_meas_temp           ? 
_exptl_crystal.density_meas_temp_esd       ? 
_exptl_crystal.density_meas_temp_gt        ? 
_exptl_crystal.density_meas_temp_lt        ? 
_exptl_crystal.pdbx_crystal_image_url      ? 
_exptl_crystal.pdbx_crystal_image_format   ? 
_exptl_crystal.pdbx_mosaicity              ? 
_exptl_crystal.pdbx_mosaicity_esd          ? 
# 
_exptl_crystal_grow.apparatus       ? 
_exptl_crystal_grow.atmosphere      ? 
_exptl_crystal_grow.crystal_id      1 
_exptl_crystal_grow.details         ? 
_exptl_crystal_grow.method          'VAPOR DIFFUSION, HANGING DROP' 
_exptl_crystal_grow.method_ref      ? 
_exptl_crystal_grow.pH              ? 
_exptl_crystal_grow.pressure        ? 
_exptl_crystal_grow.pressure_esd    ? 
_exptl_crystal_grow.seeding         ? 
_exptl_crystal_grow.seeding_ref     ? 
_exptl_crystal_grow.temp            277 
_exptl_crystal_grow.temp_details    ? 
_exptl_crystal_grow.temp_esd        ? 
_exptl_crystal_grow.time            ? 
_exptl_crystal_grow.pdbx_details    '0.1M MES pH 6.25, 0.1M Sodium acetate, 13% PEG 10,000, 0.5% gamma-butrylactone' 
_exptl_crystal_grow.pdbx_pH_range   ? 
# 
_diffrn.ambient_environment              ? 
_diffrn.ambient_temp                     100 
_diffrn.ambient_temp_details             ? 
_diffrn.ambient_temp_esd                 ? 
_diffrn.crystal_id                       1 
_diffrn.crystal_support                  ? 
_diffrn.crystal_treatment                ? 
_diffrn.details                          ? 
_diffrn.id                               1 
_diffrn.ambient_pressure                 ? 
_diffrn.ambient_pressure_esd             ? 
_diffrn.ambient_pressure_gt              ? 
_diffrn.ambient_pressure_lt              ? 
_diffrn.ambient_temp_gt                  ? 
_diffrn.ambient_temp_lt                  ? 
_diffrn.pdbx_serial_crystal_experiment   N 
# 
_diffrn_detector.details                      ? 
_diffrn_detector.detector                     CCD 
_diffrn_detector.diffrn_id                    1 
_diffrn_detector.type                         'ADSC QUANTUM 315r' 
_diffrn_detector.area_resol_mean              ? 
_diffrn_detector.dtime                        ? 
_diffrn_detector.pdbx_frames_total            ? 
_diffrn_detector.pdbx_collection_time_total   ? 
_diffrn_detector.pdbx_collection_date         2014-04-25 
_diffrn_detector.pdbx_frequency               ? 
# 
_diffrn_radiation.collimation                      ? 
_diffrn_radiation.diffrn_id                        1 
_diffrn_radiation.filter_edge                      ? 
_diffrn_radiation.inhomogeneity                    ? 
_diffrn_radiation.monochromator                    ? 
_diffrn_radiation.polarisn_norm                    ? 
_diffrn_radiation.polarisn_ratio                   ? 
_diffrn_radiation.probe                            ? 
_diffrn_radiation.type                             ? 
_diffrn_radiation.xray_symbol                      ? 
_diffrn_radiation.wavelength_id                    1 
_diffrn_radiation.pdbx_monochromatic_or_laue_m_l   M 
_diffrn_radiation.pdbx_wavelength_list             ? 
_diffrn_radiation.pdbx_wavelength                  ? 
_diffrn_radiation.pdbx_diffrn_protocol             'SINGLE WAVELENGTH' 
_diffrn_radiation.pdbx_analyzer                    ? 
_diffrn_radiation.pdbx_scattering_type             x-ray 
# 
_diffrn_radiation_wavelength.id           1 
_diffrn_radiation_wavelength.wavelength   1.10 
_diffrn_radiation_wavelength.wt           1.0 
# 
_diffrn_source.current                     ? 
_diffrn_source.details                     ? 
_diffrn_source.diffrn_id                   1 
_diffrn_source.power                       ? 
_diffrn_source.size                        ? 
_diffrn_source.source                      SYNCHROTRON 
_diffrn_source.target                      ? 
_diffrn_source.type                        'NSLS BEAMLINE X25' 
_diffrn_source.voltage                     ? 
_diffrn_source.take-off_angle              ? 
_diffrn_source.pdbx_wavelength_list        1.10 
_diffrn_source.pdbx_wavelength             ? 
_diffrn_source.pdbx_synchrotron_beamline   X25 
_diffrn_source.pdbx_synchrotron_site       NSLS 
# 
_reflns.B_iso_Wilson_estimate                          ? 
_reflns.entry_id                                       7T7S 
_reflns.data_reduction_details                         ? 
_reflns.data_reduction_method                          ? 
_reflns.d_resolution_high                              2.2 
_reflns.d_resolution_low                               31.846 
_reflns.details                                        ? 
_reflns.limit_h_max                                    ? 
_reflns.limit_h_min                                    ? 
_reflns.limit_k_max                                    ? 
_reflns.limit_k_min                                    ? 
_reflns.limit_l_max                                    ? 
_reflns.limit_l_min                                    ? 
_reflns.number_all                                     ? 
_reflns.number_obs                                     10390 
_reflns.observed_criterion                             ? 
_reflns.observed_criterion_F_max                       ? 
_reflns.observed_criterion_F_min                       ? 
_reflns.observed_criterion_I_max                       ? 
_reflns.observed_criterion_I_min                       ? 
_reflns.observed_criterion_sigma_F                     ? 
_reflns.observed_criterion_sigma_I                     ? 
_reflns.percent_possible_obs                           97.95 
_reflns.R_free_details                                 ? 
_reflns.Rmerge_F_all                                   ? 
_reflns.Rmerge_F_obs                                   ? 
_reflns.Friedel_coverage                               ? 
_reflns.number_gt                                      ? 
_reflns.threshold_expression                           ? 
_reflns.pdbx_redundancy                                18.2 
_reflns.pdbx_Rmerge_I_obs                              0.16 
_reflns.pdbx_Rmerge_I_all                              ? 
_reflns.pdbx_Rsym_value                                ? 
_reflns.pdbx_netI_over_av_sigmaI                       ? 
_reflns.pdbx_netI_over_sigmaI                          20.81 
_reflns.pdbx_res_netI_over_av_sigmaI_2                 ? 
_reflns.pdbx_res_netI_over_sigmaI_2                    ? 
_reflns.pdbx_chi_squared                               ? 
_reflns.pdbx_scaling_rejects                           ? 
_reflns.pdbx_d_res_high_opt                            ? 
_reflns.pdbx_d_res_low_opt                             ? 
_reflns.pdbx_d_res_opt_method                          ? 
_reflns.phase_calculation_details                      ? 
_reflns.pdbx_Rrim_I_all                                ? 
_reflns.pdbx_Rpim_I_all                                ? 
_reflns.pdbx_d_opt                                     ? 
_reflns.pdbx_number_measured_all                       ? 
_reflns.pdbx_diffrn_id                                 1 
_reflns.pdbx_ordinal                                   1 
_reflns.pdbx_CC_half                                   ? 
_reflns.pdbx_CC_star                                   ? 
_reflns.pdbx_R_split                                   ? 
_reflns.pdbx_aniso_diffraction_limit_axis_1_ortho[1]   ? 
_reflns.pdbx_aniso_diffraction_limit_axis_1_ortho[2]   ? 
_reflns.pdbx_aniso_diffraction_limit_axis_1_ortho[3]   ? 
_reflns.pdbx_aniso_diffraction_limit_axis_2_ortho[1]   ? 
_reflns.pdbx_aniso_diffraction_limit_axis_2_ortho[2]   ? 
_reflns.pdbx_aniso_diffraction_limit_axis_2_ortho[3]   ? 
_reflns.pdbx_aniso_diffraction_limit_axis_3_ortho[1]   ? 
_reflns.pdbx_aniso_diffraction_limit_axis_3_ortho[2]   ? 
_reflns.pdbx_aniso_diffraction_limit_axis_3_ortho[3]   ? 
_reflns.pdbx_aniso_diffraction_limit_1                 ? 
_reflns.pdbx_aniso_diffraction_limit_2                 ? 
_reflns.pdbx_aniso_diffraction_limit_3                 ? 
_reflns.pdbx_aniso_B_tensor_eigenvector_1_ortho[1]     ? 
_reflns.pdbx_aniso_B_tensor_eigenvector_1_ortho[2]     ? 
_reflns.pdbx_aniso_B_tensor_eigenvector_1_ortho[3]     ? 
_reflns.pdbx_aniso_B_tensor_eigenvector_2_ortho[1]     ? 
_reflns.pdbx_aniso_B_tensor_eigenvector_2_ortho[2]     ? 
_reflns.pdbx_aniso_B_tensor_eigenvector_2_ortho[3]     ? 
_reflns.pdbx_aniso_B_tensor_eigenvector_3_ortho[1]     ? 
_reflns.pdbx_aniso_B_tensor_eigenvector_3_ortho[2]     ? 
_reflns.pdbx_aniso_B_tensor_eigenvector_3_ortho[3]     ? 
_reflns.pdbx_aniso_B_tensor_eigenvalue_1               ? 
_reflns.pdbx_aniso_B_tensor_eigenvalue_2               ? 
_reflns.pdbx_aniso_B_tensor_eigenvalue_3               ? 
_reflns.pdbx_orthogonalization_convention              ? 
_reflns.pdbx_percent_possible_ellipsoidal              ? 
_reflns.pdbx_percent_possible_spherical                ? 
_reflns.pdbx_percent_possible_ellipsoidal_anomalous    ? 
_reflns.pdbx_percent_possible_spherical_anomalous      ? 
_reflns.pdbx_redundancy_anomalous                      ? 
_reflns.pdbx_CC_half_anomalous                         ? 
_reflns.pdbx_absDiff_over_sigma_anomalous              ? 
_reflns.pdbx_percent_possible_anomalous                ? 
_reflns.pdbx_observed_signal_threshold                 ? 
_reflns.pdbx_signal_type                               ? 
_reflns.pdbx_signal_details                            ? 
_reflns.pdbx_signal_software_id                        ? 
# 
_reflns_shell.d_res_high                                    2.2 
_reflns_shell.d_res_low                                     2.28 
_reflns_shell.meanI_over_sigI_all                           ? 
_reflns_shell.meanI_over_sigI_obs                           ? 
_reflns_shell.number_measured_all                           ? 
_reflns_shell.number_measured_obs                           ? 
_reflns_shell.number_possible                               ? 
_reflns_shell.number_unique_all                             ? 
_reflns_shell.number_unique_obs                             866 
_reflns_shell.percent_possible_all                          ? 
_reflns_shell.percent_possible_obs                          ? 
_reflns_shell.Rmerge_F_all                                  ? 
_reflns_shell.Rmerge_F_obs                                  ? 
_reflns_shell.Rmerge_I_all                                  ? 
_reflns_shell.Rmerge_I_obs                                  0.9 
_reflns_shell.meanI_over_sigI_gt                            ? 
_reflns_shell.meanI_over_uI_all                             ? 
_reflns_shell.meanI_over_uI_gt                              ? 
_reflns_shell.number_measured_gt                            ? 
_reflns_shell.number_unique_gt                              ? 
_reflns_shell.percent_possible_gt                           ? 
_reflns_shell.Rmerge_F_gt                                   ? 
_reflns_shell.Rmerge_I_gt                                   ? 
_reflns_shell.pdbx_redundancy                               ? 
_reflns_shell.pdbx_Rsym_value                               ? 
_reflns_shell.pdbx_chi_squared                              ? 
_reflns_shell.pdbx_netI_over_sigmaI_all                     ? 
_reflns_shell.pdbx_netI_over_sigmaI_obs                     ? 
_reflns_shell.pdbx_Rrim_I_all                               ? 
_reflns_shell.pdbx_Rpim_I_all                               ? 
_reflns_shell.pdbx_rejects                                  ? 
_reflns_shell.pdbx_ordinal                                  1 
_reflns_shell.pdbx_diffrn_id                                1 
_reflns_shell.pdbx_CC_half                                  ? 
_reflns_shell.pdbx_CC_star                                  ? 
_reflns_shell.pdbx_R_split                                  ? 
_reflns_shell.pdbx_percent_possible_ellipsoidal             ? 
_reflns_shell.pdbx_percent_possible_spherical               ? 
_reflns_shell.pdbx_percent_possible_ellipsoidal_anomalous   ? 
_reflns_shell.pdbx_percent_possible_spherical_anomalous     ? 
_reflns_shell.pdbx_redundancy_anomalous                     ? 
_reflns_shell.pdbx_CC_half_anomalous                        ? 
_reflns_shell.pdbx_absDiff_over_sigma_anomalous             ? 
_reflns_shell.pdbx_percent_possible_anomalous               ? 
# 
_refine.aniso_B[1][1]                            ? 
_refine.aniso_B[1][2]                            ? 
_refine.aniso_B[1][3]                            ? 
_refine.aniso_B[2][2]                            ? 
_refine.aniso_B[2][3]                            ? 
_refine.aniso_B[3][3]                            ? 
_refine.B_iso_max                                ? 
_refine.B_iso_mean                               ? 
_refine.B_iso_min                                ? 
_refine.correlation_coeff_Fo_to_Fc               ? 
_refine.correlation_coeff_Fo_to_Fc_free          ? 
_refine.details                                  ? 
_refine.diff_density_max                         ? 
_refine.diff_density_max_esd                     ? 
_refine.diff_density_min                         ? 
_refine.diff_density_min_esd                     ? 
_refine.diff_density_rms                         ? 
_refine.diff_density_rms_esd                     ? 
_refine.entry_id                                 7T7S 
_refine.pdbx_refine_id                           'X-RAY DIFFRACTION' 
_refine.ls_abs_structure_details                 ? 
_refine.ls_abs_structure_Flack                   ? 
_refine.ls_abs_structure_Flack_esd               ? 
_refine.ls_abs_structure_Rogers                  ? 
_refine.ls_abs_structure_Rogers_esd              ? 
_refine.ls_d_res_high                            2.200 
_refine.ls_d_res_low                             31.846 
_refine.ls_extinction_coef                       ? 
_refine.ls_extinction_coef_esd                   ? 
_refine.ls_extinction_expression                 ? 
_refine.ls_extinction_method                     ? 
_refine.ls_goodness_of_fit_all                   ? 
_refine.ls_goodness_of_fit_all_esd               ? 
_refine.ls_goodness_of_fit_obs                   ? 
_refine.ls_goodness_of_fit_obs_esd               ? 
_refine.ls_hydrogen_treatment                    ? 
_refine.ls_matrix_type                           ? 
_refine.ls_number_constraints                    ? 
_refine.ls_number_parameters                     ? 
_refine.ls_number_reflns_all                     ? 
_refine.ls_number_reflns_obs                     10390 
_refine.ls_number_reflns_R_free                  491 
_refine.ls_number_reflns_R_work                  ? 
_refine.ls_number_restraints                     ? 
_refine.ls_percent_reflns_obs                    97.95 
_refine.ls_percent_reflns_R_free                 4.73 
_refine.ls_R_factor_all                          ? 
_refine.ls_R_factor_obs                          0.1868 
_refine.ls_R_factor_R_free                       0.2529 
_refine.ls_R_factor_R_free_error                 ? 
_refine.ls_R_factor_R_free_error_details         ? 
_refine.ls_R_factor_R_work                       0.1840 
_refine.ls_R_Fsqd_factor_obs                     ? 
_refine.ls_R_I_factor_obs                        ? 
_refine.ls_redundancy_reflns_all                 ? 
_refine.ls_redundancy_reflns_obs                 ? 
_refine.ls_restrained_S_all                      ? 
_refine.ls_restrained_S_obs                      ? 
_refine.ls_shift_over_esd_max                    ? 
_refine.ls_shift_over_esd_mean                   ? 
_refine.ls_structure_factor_coef                 ? 
_refine.ls_weighting_details                     ? 
_refine.ls_weighting_scheme                      ? 
_refine.ls_wR_factor_all                         ? 
_refine.ls_wR_factor_obs                         ? 
_refine.ls_wR_factor_R_free                      ? 
_refine.ls_wR_factor_R_work                      ? 
_refine.occupancy_max                            ? 
_refine.occupancy_min                            ? 
_refine.solvent_model_details                    'FLAT BULK SOLVENT MODEL' 
_refine.solvent_model_param_bsol                 ? 
_refine.solvent_model_param_ksol                 ? 
_refine.pdbx_R_complete                          ? 
_refine.ls_R_factor_gt                           ? 
_refine.ls_goodness_of_fit_gt                    ? 
_refine.ls_goodness_of_fit_ref                   ? 
_refine.ls_shift_over_su_max                     ? 
_refine.ls_shift_over_su_max_lt                  ? 
_refine.ls_shift_over_su_mean                    ? 
_refine.ls_shift_over_su_mean_lt                 ? 
_refine.pdbx_ls_sigma_I                          ? 
_refine.pdbx_ls_sigma_F                          1.35 
_refine.pdbx_ls_sigma_Fsqd                       ? 
_refine.pdbx_data_cutoff_high_absF               ? 
_refine.pdbx_data_cutoff_high_rms_absF           ? 
_refine.pdbx_data_cutoff_low_absF                ? 
_refine.pdbx_isotropic_thermal_model             ? 
_refine.pdbx_ls_cross_valid_method               'FREE R-VALUE' 
_refine.pdbx_method_to_determine_struct          'MOLECULAR REPLACEMENT' 
_refine.pdbx_starting_model                      3F0Q 
_refine.pdbx_stereochemistry_target_values       ML 
_refine.pdbx_R_Free_selection_details            ? 
_refine.pdbx_stereochem_target_val_spec_case     ? 
_refine.pdbx_overall_ESU_R                       ? 
_refine.pdbx_overall_ESU_R_Free                  ? 
_refine.pdbx_solvent_vdw_probe_radii             1.11 
_refine.pdbx_solvent_ion_probe_radii             ? 
_refine.pdbx_solvent_shrinkage_radii             0.90 
_refine.pdbx_real_space_R                        ? 
_refine.pdbx_density_correlation                 ? 
_refine.pdbx_pd_number_of_powder_patterns        ? 
_refine.pdbx_pd_number_of_points                 ? 
_refine.pdbx_pd_meas_number_of_points            ? 
_refine.pdbx_pd_proc_ls_prof_R_factor            ? 
_refine.pdbx_pd_proc_ls_prof_wR_factor           ? 
_refine.pdbx_pd_Marquardt_correlation_coeff      ? 
_refine.pdbx_pd_Fsqrd_R_factor                   ? 
_refine.pdbx_pd_ls_matrix_band_width             ? 
_refine.pdbx_overall_phase_error                 25.05 
_refine.pdbx_overall_SU_R_free_Cruickshank_DPI   ? 
_refine.pdbx_overall_SU_R_free_Blow_DPI          ? 
_refine.pdbx_overall_SU_R_Blow_DPI               ? 
_refine.pdbx_TLS_residual_ADP_flag               ? 
_refine.pdbx_diffrn_id                           1 
_refine.overall_SU_B                             ? 
_refine.overall_SU_ML                            0.32 
_refine.overall_SU_R_Cruickshank_DPI             ? 
_refine.overall_SU_R_free                        ? 
_refine.overall_FOM_free_R_set                   ? 
_refine.overall_FOM_work_R_set                   ? 
_refine.pdbx_average_fsc_overall                 ? 
_refine.pdbx_average_fsc_work                    ? 
_refine.pdbx_average_fsc_free                    ? 
# 
_refine_hist.pdbx_refine_id                   'X-RAY DIFFRACTION' 
_refine_hist.cycle_id                         LAST 
_refine_hist.details                          ? 
_refine_hist.d_res_high                       2.200 
_refine_hist.d_res_low                        31.846 
_refine_hist.number_atoms_solvent             46 
_refine_hist.number_atoms_total               1395 
_refine_hist.number_reflns_all                ? 
_refine_hist.number_reflns_obs                ? 
_refine_hist.number_reflns_R_free             ? 
_refine_hist.number_reflns_R_work             ? 
_refine_hist.R_factor_all                     ? 
_refine_hist.R_factor_obs                     ? 
_refine_hist.R_factor_R_free                  ? 
_refine_hist.R_factor_R_work                  ? 
_refine_hist.pdbx_number_residues_total       ? 
_refine_hist.pdbx_B_iso_mean_ligand           ? 
_refine_hist.pdbx_B_iso_mean_solvent          ? 
_refine_hist.pdbx_number_atoms_protein        1269 
_refine_hist.pdbx_number_atoms_nucleic_acid   0 
_refine_hist.pdbx_number_atoms_ligand         80 
_refine_hist.pdbx_number_atoms_lipid          ? 
_refine_hist.pdbx_number_atoms_carb           ? 
_refine_hist.pdbx_pseudo_atom_details         ? 
# 
loop_
_refine_ls_restr.pdbx_refine_id 
_refine_ls_restr.criterion 
_refine_ls_restr.dev_ideal 
_refine_ls_restr.dev_ideal_target 
_refine_ls_restr.number 
_refine_ls_restr.rejects 
_refine_ls_restr.type 
_refine_ls_restr.weight 
_refine_ls_restr.pdbx_restraint_function 
'X-RAY DIFFRACTION' ? 0.011  ? 1401 ? f_bond_d           ? ? 
'X-RAY DIFFRACTION' ? 1.959  ? 1913 ? f_angle_d          ? ? 
'X-RAY DIFFRACTION' ? 26.027 ? 570  ? f_dihedral_angle_d ? ? 
'X-RAY DIFFRACTION' ? 0.234  ? 214  ? f_chiral_restr     ? ? 
'X-RAY DIFFRACTION' ? 0.007  ? 235  ? f_plane_restr      ? ? 
# 
loop_
_refine_ls_shell.pdbx_refine_id 
_refine_ls_shell.d_res_high 
_refine_ls_shell.d_res_low 
_refine_ls_shell.number_reflns_all 
_refine_ls_shell.number_reflns_obs 
_refine_ls_shell.number_reflns_R_free 
_refine_ls_shell.number_reflns_R_work 
_refine_ls_shell.percent_reflns_obs 
_refine_ls_shell.percent_reflns_R_free 
_refine_ls_shell.R_factor_all 
_refine_ls_shell.R_factor_obs 
_refine_ls_shell.R_factor_R_free 
_refine_ls_shell.R_factor_R_free_error 
_refine_ls_shell.R_factor_R_work 
_refine_ls_shell.redundancy_reflns_all 
_refine_ls_shell.redundancy_reflns_obs 
_refine_ls_shell.wR_factor_all 
_refine_ls_shell.wR_factor_obs 
_refine_ls_shell.wR_factor_R_free 
_refine_ls_shell.wR_factor_R_work 
_refine_ls_shell.pdbx_R_complete 
_refine_ls_shell.pdbx_total_number_of_bins_used 
_refine_ls_shell.pdbx_phase_error 
_refine_ls_shell.pdbx_fsc_work 
_refine_ls_shell.pdbx_fsc_free 
'X-RAY DIFFRACTION' 2.200  2.4212 . . 119 2237 92.00  . . . 0.3127 . 0.2607 . . . . . . . . . . . 
'X-RAY DIFFRACTION' 2.4212 2.7714 . . 129 2461 100.00 . . . 0.2745 . 0.2099 . . . . . . . . . . . 
'X-RAY DIFFRACTION' 2.7714 3.4910 . . 138 2498 100.00 . . . 0.2340 . 0.1976 . . . . . . . . . . . 
'X-RAY DIFFRACTION' 3.4910 31.846 . . 105 2703 100.00 . . . 0.2440 . 0.1577 . . . . . . . . . . . 
# 
_struct.entry_id                     7T7S 
_struct.title                        'R-27 in Complex with S. aureus DHFR and tricyclic-NADPH (tNADPH)' 
_struct.pdbx_model_details           ? 
_struct.pdbx_formula_weight          ? 
_struct.pdbx_formula_weight_method   ? 
_struct.pdbx_model_type_details      ? 
_struct.pdbx_CASP_flag               N 
# 
_struct_keywords.entry_id        7T7S 
_struct_keywords.text            'DHFR, cofactor, Antibiotic resistance, Antifolates, OXIDOREDUCTASE' 
_struct_keywords.pdbx_keywords   OXIDOREDUCTASE 
# 
loop_
_struct_asym.id 
_struct_asym.pdbx_blank_PDB_chainid_flag 
_struct_asym.pdbx_modified 
_struct_asym.entity_id 
_struct_asym.details 
A N N 1 ? 
B N N 2 ? 
C N N 3 ? 
D N N 4 ? 
E N N 5 ? 
# 
loop_
_struct_conf.conf_type_id 
_struct_conf.id 
_struct_conf.pdbx_PDB_helix_id 
_struct_conf.beg_label_comp_id 
_struct_conf.beg_label_asym_id 
_struct_conf.beg_label_seq_id 
_struct_conf.pdbx_beg_PDB_ins_code 
_struct_conf.end_label_comp_id 
_struct_conf.end_label_asym_id 
_struct_conf.end_label_seq_id 
_struct_conf.pdbx_end_PDB_ins_code 
_struct_conf.beg_auth_comp_id 
_struct_conf.beg_auth_asym_id 
_struct_conf.beg_auth_seq_id 
_struct_conf.end_auth_comp_id 
_struct_conf.end_auth_asym_id 
_struct_conf.end_auth_seq_id 
_struct_conf.pdbx_PDB_helix_class 
_struct_conf.details 
_struct_conf.pdbx_PDB_helix_length 
HELX_P HELX_P1 AA1 LEU A 24  ? THR A 36  ? LEU X 24  THR X 36  1 ? 13 
HELX_P HELX_P2 AA2 ARG A 44  ? GLY A 51  ? ARG X 44  GLY X 51  1 ? 8  
HELX_P HELX_P3 AA3 SER A 78  ? LEU A 85  ? SER X 78  LEU X 85  5 ? 8  
HELX_P HELX_P4 AA4 GLY A 94  ? ILE A 102 ? GLY X 94  ILE X 102 1 ? 9  
HELX_P HELX_P5 AA5 THR A 127 ? GLU A 129 ? THR X 127 GLU X 129 5 ? 3  
# 
_struct_conf_type.id          HELX_P 
_struct_conf_type.criteria    ? 
_struct_conf_type.reference   ? 
# 
_struct_mon_prot_cis.pdbx_id                1 
_struct_mon_prot_cis.label_comp_id          GLY 
_struct_mon_prot_cis.label_seq_id           93 
_struct_mon_prot_cis.label_asym_id          A 
_struct_mon_prot_cis.label_alt_id           . 
_struct_mon_prot_cis.pdbx_PDB_ins_code      ? 
_struct_mon_prot_cis.auth_comp_id           GLY 
_struct_mon_prot_cis.auth_seq_id            93 
_struct_mon_prot_cis.auth_asym_id           X 
_struct_mon_prot_cis.pdbx_label_comp_id_2   GLY 
_struct_mon_prot_cis.pdbx_label_seq_id_2    94 
_struct_mon_prot_cis.pdbx_label_asym_id_2   A 
_struct_mon_prot_cis.pdbx_PDB_ins_code_2    ? 
_struct_mon_prot_cis.pdbx_auth_comp_id_2    GLY 
_struct_mon_prot_cis.pdbx_auth_seq_id_2     94 
_struct_mon_prot_cis.pdbx_auth_asym_id_2    X 
_struct_mon_prot_cis.pdbx_PDB_model_num     1 
_struct_mon_prot_cis.pdbx_omega_angle       1.29 
# 
loop_
_struct_sheet.id 
_struct_sheet.type 
_struct_sheet.number_strands 
_struct_sheet.details 
AA1 ? 8 ? 
AA2 ? 2 ? 
# 
loop_
_struct_sheet_order.sheet_id 
_struct_sheet_order.range_id_1 
_struct_sheet_order.range_id_2 
_struct_sheet_order.offset 
_struct_sheet_order.sense 
AA1 1 2 ? parallel      
AA1 2 3 ? parallel      
AA1 3 4 ? parallel      
AA1 4 5 ? parallel      
AA1 5 6 ? parallel      
AA1 6 7 ? anti-parallel 
AA1 7 8 ? anti-parallel 
AA2 1 2 ? anti-parallel 
# 
loop_
_struct_sheet_range.sheet_id 
_struct_sheet_range.id 
_struct_sheet_range.beg_label_comp_id 
_struct_sheet_range.beg_label_asym_id 
_struct_sheet_range.beg_label_seq_id 
_struct_sheet_range.pdbx_beg_PDB_ins_code 
_struct_sheet_range.end_label_comp_id 
_struct_sheet_range.end_label_asym_id 
_struct_sheet_range.end_label_seq_id 
_struct_sheet_range.pdbx_end_PDB_ins_code 
_struct_sheet_range.beg_auth_comp_id 
_struct_sheet_range.beg_auth_asym_id 
_struct_sheet_range.beg_auth_seq_id 
_struct_sheet_range.end_auth_comp_id 
_struct_sheet_range.end_auth_asym_id 
_struct_sheet_range.end_auth_seq_id 
AA1 1 ASP A 74  ? ILE A 76  ? ASP X 74  ILE X 76  
AA1 2 ARG A 58  ? LEU A 62  ? ARG X 58  LEU X 62  
AA1 3 THR A 39  ? GLY A 43  ? THR X 39  GLY X 43  
AA1 4 VAL A 89  ? GLY A 93  ? VAL X 89  GLY X 93  
AA1 5 LEU A 2   ? HIS A 8   ? LEU X 2   HIS X 8   
AA1 6 ASP A 107 ? ILE A 113 ? ASP X 107 ILE X 113 
AA1 7 HIS A 149 ? ARG A 156 ? HIS X 149 ARG X 156 
AA1 8 TRP A 131 ? GLU A 138 ? TRP X 131 GLU X 138 
AA2 1 VAL A 13  ? GLY A 15  ? VAL X 13  GLY X 15  
AA2 2 THR A 121 ? PHE A 122 ? THR X 121 PHE X 122 
# 
loop_
_pdbx_struct_sheet_hbond.sheet_id 
_pdbx_struct_sheet_hbond.range_id_1 
_pdbx_struct_sheet_hbond.range_id_2 
_pdbx_struct_sheet_hbond.range_1_label_atom_id 
_pdbx_struct_sheet_hbond.range_1_label_comp_id 
_pdbx_struct_sheet_hbond.range_1_label_asym_id 
_pdbx_struct_sheet_hbond.range_1_label_seq_id 
_pdbx_struct_sheet_hbond.range_1_PDB_ins_code 
_pdbx_struct_sheet_hbond.range_1_auth_atom_id 
_pdbx_struct_sheet_hbond.range_1_auth_comp_id 
_pdbx_struct_sheet_hbond.range_1_auth_asym_id 
_pdbx_struct_sheet_hbond.range_1_auth_seq_id 
_pdbx_struct_sheet_hbond.range_2_label_atom_id 
_pdbx_struct_sheet_hbond.range_2_label_comp_id 
_pdbx_struct_sheet_hbond.range_2_label_asym_id 
_pdbx_struct_sheet_hbond.range_2_label_seq_id 
_pdbx_struct_sheet_hbond.range_2_PDB_ins_code 
_pdbx_struct_sheet_hbond.range_2_auth_atom_id 
_pdbx_struct_sheet_hbond.range_2_auth_comp_id 
_pdbx_struct_sheet_hbond.range_2_auth_asym_id 
_pdbx_struct_sheet_hbond.range_2_auth_seq_id 
AA1 1 2 O ASP A 74  ? O ASP X 74  N ASN A 59  ? N ASN X 59  
AA1 2 3 O VAL A 60  ? O VAL X 60  N LEU A 40  ? N LEU X 40  
AA1 3 4 N THR A 39  ? N THR X 39  O PHE A 90  ? O PHE X 90  
AA1 4 5 O ILE A 91  ? O ILE X 91  N SER A 3   ? N SER X 3   
AA1 5 6 N HIS A 8   ? N HIS X 8   O ILE A 113 ? O ILE X 113 
AA1 6 7 N ILE A 110 ? N ILE X 110 O LEU A 152 ? O LEU X 152 
AA1 7 8 O PHE A 151 ? O PHE X 151 N VAL A 137 ? N VAL X 137 
AA2 1 2 N ILE A 14  ? N ILE X 14  O THR A 121 ? O THR X 121 
# 
_atom_sites.entry_id                    7T7S 
_atom_sites.Cartn_transf_matrix[1][1]   ? 
_atom_sites.Cartn_transf_matrix[1][2]   ? 
_atom_sites.Cartn_transf_matrix[1][3]   ? 
_atom_sites.Cartn_transf_matrix[2][1]   ? 
_atom_sites.Cartn_transf_matrix[2][2]   ? 
_atom_sites.Cartn_transf_matrix[2][3]   ? 
_atom_sites.Cartn_transf_matrix[3][1]   ? 
_atom_sites.Cartn_transf_matrix[3][2]   ? 
_atom_sites.Cartn_transf_matrix[3][3]   ? 
_atom_sites.Cartn_transf_vector[1]      ? 
_atom_sites.Cartn_transf_vector[2]      ? 
_atom_sites.Cartn_transf_vector[3]      ? 
_atom_sites.fract_transf_matrix[1][1]   -0.00948726 
_atom_sites.fract_transf_matrix[1][2]   0.01104791 
_atom_sites.fract_transf_matrix[1][3]   0.00149987 
_atom_sites.fract_transf_matrix[2][1]   0.00294371 
_atom_sites.fract_transf_matrix[2][2]   0.01097460 
_atom_sites.fract_transf_matrix[2][3]   0.00923159 
_atom_sites.fract_transf_matrix[3][1]   0.00426712 
_atom_sites.fract_transf_matrix[3][2]   0.00458983 
_atom_sites.fract_transf_matrix[3][3]   -0.00681710 
_atom_sites.fract_transf_vector[1]      0.771504 
_atom_sites.fract_transf_vector[2]      0.598802 
_atom_sites.fract_transf_vector[3]      1.023360 
_atom_sites.solution_primary            ? 
_atom_sites.solution_secondary          ? 
_atom_sites.solution_hydrogens          ? 
_atom_sites.special_details             ? 
# 
loop_
_atom_type.symbol 
C 
N 
O 
P 
S 
# 
loop_
_atom_site.group_PDB 
_atom_site.id 
_atom_site.type_symbol 
_atom_site.label_atom_id 
_atom_site.label_alt_id 
_atom_site.label_comp_id 
_atom_site.label_asym_id 
_atom_site.label_entity_id 
_atom_site.label_seq_id 
_atom_site.pdbx_PDB_ins_code 
_atom_site.Cartn_x 
_atom_site.Cartn_y 
_atom_site.Cartn_z 
_atom_site.occupancy 
_atom_site.B_iso_or_equiv 
_atom_site.pdbx_formal_charge 
_atom_site.auth_seq_id 
_atom_site.auth_comp_id 
_atom_site.auth_asym_id 
_atom_site.auth_atom_id 
_atom_site.pdbx_PDB_model_num 
ATOM   1    N N     . THR A 1 1   ? -7.765  -5.511  12.827  1.00 49.86 ? 1   THR X N     1 
ATOM   2    C CA    . THR A 1 1   ? -6.715  -4.521  12.572  1.00 42.55 ? 1   THR X CA    1 
ATOM   3    C C     . THR A 1 1   ? -6.764  -3.996  11.129  1.00 40.54 ? 1   THR X C     1 
ATOM   4    O O     . THR A 1 1   ? -6.722  -4.778  10.185  1.00 39.26 ? 1   THR X O     1 
ATOM   5    C CB    . THR A 1 1   ? -5.328  -5.117  12.827  1.00 44.87 ? 1   THR X CB    1 
ATOM   6    O OG1   . THR A 1 1   ? -5.403  -6.028  13.929  1.00 57.48 ? 1   THR X OG1   1 
ATOM   7    C CG2   . THR A 1 1   ? -4.291  -4.002  13.097  1.00 30.51 ? 1   THR X CG2   1 
ATOM   8    N N     . LEU A 1 2   ? -6.841  -2.677  10.962  1.00 36.14 ? 2   LEU X N     1 
ATOM   9    C CA    . LEU A 1 2   ? -6.938  -2.061  9.645   1.00 36.56 ? 2   LEU X CA    1 
ATOM   10   C C     . LEU A 1 2   ? -5.728  -1.154  9.429   1.00 32.07 ? 2   LEU X C     1 
ATOM   11   O O     . LEU A 1 2   ? -5.579  -0.139  10.108  1.00 36.82 ? 2   LEU X O     1 
ATOM   12   C CB    . LEU A 1 2   ? -8.249  -1.283  9.518   1.00 31.36 ? 2   LEU X CB    1 
ATOM   13   C CG    . LEU A 1 2   ? -8.651  -0.682  8.161   1.00 37.03 ? 2   LEU X CG    1 
ATOM   14   C CD1   . LEU A 1 2   ? -8.695  -1.714  7.029   1.00 30.07 ? 2   LEU X CD1   1 
ATOM   15   C CD2   . LEU A 1 2   ? -10.014 0.020   8.263   1.00 36.80 ? 2   LEU X CD2   1 
ATOM   16   N N     . SER A 1 3   ? -4.893  -1.494  8.464   1.00 33.40 ? 3   SER X N     1 
ATOM   17   C CA    . SER A 1 3   ? -3.638  -0.798  8.245   1.00 34.51 ? 3   SER X CA    1 
ATOM   18   C C     . SER A 1 3   ? -3.538  -0.297  6.809   1.00 35.92 ? 3   SER X C     1 
ATOM   19   O O     . SER A 1 3   ? -4.099  -0.888  5.882   1.00 35.73 ? 3   SER X O     1 
ATOM   20   C CB    . SER A 1 3   ? -2.463  -1.744  8.515   1.00 28.60 ? 3   SER X CB    1 
ATOM   21   O OG    . SER A 1 3   ? -2.577  -2.320  9.798   1.00 29.16 ? 3   SER X OG    1 
ATOM   22   N N     . ILE A 1 4   ? -2.809  0.789   6.631   1.00 28.74 ? 4   ILE X N     1 
ATOM   23   C CA    . ILE A 1 4   ? -2.329  1.197   5.318   1.00 26.91 ? 4   ILE X CA    1 
ATOM   24   C C     . ILE A 1 4   ? -0.974  0.543   5.081   1.00 28.31 ? 4   ILE X C     1 
ATOM   25   O O     . ILE A 1 4   ? -0.205  0.344   6.021   1.00 28.45 ? 4   ILE X O     1 
ATOM   26   C CB    . ILE A 1 4   ? -2.247  2.731   5.225   1.00 29.30 ? 4   ILE X CB    1 
ATOM   27   C CG1   . ILE A 1 4   ? -3.584  3.288   4.723   1.00 33.33 ? 4   ILE X CG1   1 
ATOM   28   C CG2   . ILE A 1 4   ? -1.109  3.178   4.309   1.00 25.78 ? 4   ILE X CG2   1 
ATOM   29   C CD1   . ILE A 1 4   ? -3.761  4.773   4.974   1.00 32.35 ? 4   ILE X CD1   1 
ATOM   30   N N     . LEU A 1 5   ? -0.686  0.191   3.828   1.00 29.17 ? 5   LEU X N     1 
ATOM   31   C CA    . LEU A 1 5   ? 0.612   -0.347  3.437   1.00 26.05 ? 5   LEU X CA    1 
ATOM   32   C C     . LEU A 1 5   ? 1.011   0.321   2.129   1.00 28.27 ? 5   LEU X C     1 
ATOM   33   O O     . LEU A 1 5   ? 0.373   0.097   1.096   1.00 27.61 ? 5   LEU X O     1 
ATOM   34   C CB    . LEU A 1 5   ? 0.561   -1.866  3.300   1.00 27.18 ? 5   LEU X CB    1 
ATOM   35   C CG    . LEU A 1 5   ? 1.800   -2.587  2.754   1.00 27.50 ? 5   LEU X CG    1 
ATOM   36   C CD1   . LEU A 1 5   ? 3.022   -2.332  3.630   1.00 28.54 ? 5   LEU X CD1   1 
ATOM   37   C CD2   . LEU A 1 5   ? 1.533   -4.082  2.638   1.00 27.00 ? 5   LEU X CD2   1 
ATOM   38   N N     . VAL A 1 6   ? 2.064   1.137   2.162   1.00 26.31 ? 6   VAL X N     1 
ATOM   39   C CA    . VAL A 1 6   ? 2.386   2.001   1.031   1.00 27.66 ? 6   VAL X CA    1 
ATOM   40   C C     . VAL A 1 6   ? 3.892   2.235   0.979   1.00 28.62 ? 6   VAL X C     1 
ATOM   41   O O     . VAL A 1 6   ? 4.581   2.221   2.003   1.00 30.14 ? 6   VAL X O     1 
ATOM   42   C CB    . VAL A 1 6   ? 1.610   3.337   1.140   1.00 30.05 ? 6   VAL X CB    1 
ATOM   43   C CG1   . VAL A 1 6   ? 2.050   4.117   2.393   1.00 27.00 ? 6   VAL X CG1   1 
ATOM   44   C CG2   . VAL A 1 6   ? 1.773   4.179   -0.109  1.00 24.64 ? 6   VAL X CG2   1 
ATOM   45   N N     . ALA A 1 7   ? 4.401   2.461   -0.230  1.00 28.14 ? 7   ALA X N     1 
ATOM   46   C CA    . ALA A 1 7   ? 5.729   3.019   -0.447  1.00 26.73 ? 7   ALA X CA    1 
ATOM   47   C C     . ALA A 1 7   ? 5.577   4.350   -1.174  1.00 28.36 ? 7   ALA X C     1 
ATOM   48   O O     . ALA A 1 7   ? 4.891   4.415   -2.193  1.00 25.36 ? 7   ALA X O     1 
ATOM   49   C CB    . ALA A 1 7   ? 6.606   2.066   -1.270  1.00 26.16 ? 7   ALA X CB    1 
ATOM   50   N N     . HIS A 1 8   ? 6.209   5.410   -0.664  1.00 25.10 ? 8   HIS X N     1 
ATOM   51   C CA    . HIS A 1 8   ? 6.107   6.699   -1.334  1.00 27.72 ? 8   HIS X CA    1 
ATOM   52   C C     . HIS A 1 8   ? 7.433   7.437   -1.228  1.00 33.56 ? 8   HIS X C     1 
ATOM   53   O O     . HIS A 1 8   ? 8.237   7.176   -0.329  1.00 31.35 ? 8   HIS X O     1 
ATOM   54   C CB    . HIS A 1 8   ? 4.932   7.547   -0.793  1.00 27.14 ? 8   HIS X CB    1 
ATOM   55   C CG    . HIS A 1 8   ? 5.134   8.133   0.575   1.00 29.44 ? 8   HIS X CG    1 
ATOM   56   N ND1   . HIS A 1 8   ? 6.114   9.059   0.856   1.00 31.14 ? 8   HIS X ND1   1 
ATOM   57   C CD2   . HIS A 1 8   ? 4.435   7.962   1.725   1.00 26.75 ? 8   HIS X CD2   1 
ATOM   58   C CE1   . HIS A 1 8   ? 6.035   9.405   2.129   1.00 30.91 ? 8   HIS X CE1   1 
ATOM   59   N NE2   . HIS A 1 8   ? 5.028   8.752   2.680   1.00 29.24 ? 8   HIS X NE2   1 
ATOM   60   N N     . ASP A 1 9   ? 7.671   8.356   -2.176  1.00 26.03 ? 9   ASP X N     1 
ATOM   61   C CA    . ASP A 1 9   ? 8.970   9.009   -2.237  1.00 26.72 ? 9   ASP X CA    1 
ATOM   62   C C     . ASP A 1 9   ? 8.943   10.259  -1.345  1.00 26.91 ? 9   ASP X C     1 
ATOM   63   O O     . ASP A 1 9   ? 8.050   10.409  -0.506  1.00 25.00 ? 9   ASP X O     1 
ATOM   64   C CB    . ASP A 1 9   ? 9.368   9.231   -3.707  1.00 24.50 ? 9   ASP X CB    1 
ATOM   65   C CG    . ASP A 1 9   ? 8.761   10.492  -4.343  1.00 28.30 ? 9   ASP X CG    1 
ATOM   66   O OD1   . ASP A 1 9   ? 7.887   11.191  -3.751  1.00 23.22 ? 9   ASP X OD1   1 
ATOM   67   O OD2   . ASP A 1 9   ? 9.201   10.769  -5.473  1.00 26.63 ? 9   ASP X OD2   1 
ATOM   68   N N     . LEU A 1 10  ? 9.914   11.163  -1.511  1.00 26.96 ? 10  LEU X N     1 
ATOM   69   C CA    . LEU A 1 10  ? 10.018  12.318  -0.620  1.00 30.01 ? 10  LEU X CA    1 
ATOM   70   C C     . LEU A 1 10  ? 8.882   13.310  -0.820  1.00 33.84 ? 10  LEU X C     1 
ATOM   71   O O     . LEU A 1 10  ? 8.623   14.133  0.061   1.00 31.68 ? 10  LEU X O     1 
ATOM   72   C CB    . LEU A 1 10  ? 11.343  13.032  -0.836  1.00 26.67 ? 10  LEU X CB    1 
ATOM   73   C CG    . LEU A 1 10  ? 12.584  12.267  -0.393  1.00 31.56 ? 10  LEU X CG    1 
ATOM   74   C CD1   . LEU A 1 10  ? 13.830  12.918  -0.979  1.00 32.00 ? 10  LEU X CD1   1 
ATOM   75   C CD2   . LEU A 1 10  ? 12.628  12.216  1.125   1.00 30.74 ? 10  LEU X CD2   1 
ATOM   76   N N     . GLN A 1 11  ? 8.214   13.262  -1.965  1.00 28.70 ? 11  GLN X N     1 
ATOM   77   C CA    . GLN A 1 11  ? 7.102   14.149  -2.258  1.00 33.51 ? 11  GLN X CA    1 
ATOM   78   C C     . GLN A 1 11  ? 5.793   13.390  -2.272  1.00 28.15 ? 11  GLN X C     1 
ATOM   79   O O     . GLN A 1 11  ? 4.802   13.889  -2.797  1.00 31.86 ? 11  GLN X O     1 
ATOM   80   C CB    . GLN A 1 11  ? 7.352   14.859  -3.584  1.00 30.12 ? 11  GLN X CB    1 
ATOM   81   C CG    . GLN A 1 11  ? 8.800   15.316  -3.646  1.00 39.69 ? 11  GLN X CG    1 
ATOM   82   C CD    . GLN A 1 11  ? 9.061   16.341  -4.711  1.00 46.68 ? 11  GLN X CD    1 
ATOM   83   O OE1   . GLN A 1 11  ? 9.237   15.996  -5.887  1.00 35.35 ? 11  GLN X OE1   1 
ATOM   84   N NE2   . GLN A 1 11  ? 9.101   17.621  -4.309  1.00 41.72 ? 11  GLN X NE2   1 
ATOM   85   N N     . ARG A 1 12  ? 5.799   12.185  -1.700  1.00 29.87 ? 12  ARG X N     1 
ATOM   86   C CA    . ARG A 1 12  ? 4.675   11.261  -1.604  1.00 30.55 ? 12  ARG X CA    1 
ATOM   87   C C     . ARG A 1 12  ? 4.225   10.691  -2.952  1.00 26.49 ? 12  ARG X C     1 
ATOM   88   O O     . ARG A 1 12  ? 3.093   10.242  -3.067  1.00 32.13 ? 12  ARG X O     1 
ATOM   89   C CB    . ARG A 1 12  ? 3.485   11.901  -0.886  1.00 27.91 ? 12  ARG X CB    1 
ATOM   90   C CG    . ARG A 1 12  ? 3.615   11.929  0.609   1.00 27.77 ? 12  ARG X CG    1 
ATOM   91   C CD    . ARG A 1 12  ? 2.549   12.837  1.235   1.00 28.71 ? 12  ARG X CD    1 
ATOM   92   N NE    . ARG A 1 12  ? 2.798   14.232  0.902   1.00 34.02 ? 12  ARG X NE    1 
ATOM   93   C CZ    . ARG A 1 12  ? 2.132   14.923  -0.019  1.00 35.29 ? 12  ARG X CZ    1 
ATOM   94   N NH1   . ARG A 1 12  ? 1.143   14.349  -0.717  1.00 25.33 ? 12  ARG X NH1   1 
ATOM   95   N NH2   . ARG A 1 12  ? 2.466   16.192  -0.244  1.00 28.94 ? 12  ARG X NH2   1 
ATOM   96   N N     . VAL A 1 13  ? 5.083   10.668  -3.974  1.00 24.10 ? 13  VAL X N     1 
ATOM   97   C CA    . VAL A 1 13  ? 4.756   9.924   -5.190  1.00 27.62 ? 13  VAL X CA    1 
ATOM   98   C C     . VAL A 1 13  ? 4.678   8.443   -4.874  1.00 26.23 ? 13  VAL X C     1 
ATOM   99   O O     . VAL A 1 13  ? 5.562   7.886   -4.211  1.00 29.07 ? 13  VAL X O     1 
ATOM   100  C CB    . VAL A 1 13  ? 5.802   10.182  -6.282  1.00 29.54 ? 13  VAL X CB    1 
ATOM   101  C CG1   . VAL A 1 13  ? 5.659   9.159   -7.400  1.00 27.39 ? 13  VAL X CG1   1 
ATOM   102  C CG2   . VAL A 1 13  ? 5.669   11.580  -6.836  1.00 28.42 ? 13  VAL X CG2   1 
ATOM   103  N N     . ILE A 1 14  ? 3.630   7.783   -5.352  1.00 32.23 ? 14  ILE X N     1 
ATOM   104  C CA    . ILE A 1 14  ? 3.543   6.328   -5.249  1.00 28.73 ? 14  ILE X CA    1 
ATOM   105  C C     . ILE A 1 14  ? 3.488   5.634   -6.600  1.00 35.09 ? 14  ILE X C     1 
ATOM   106  O O     . ILE A 1 14  ? 3.604   4.396   -6.645  1.00 35.40 ? 14  ILE X O     1 
ATOM   107  C CB    . ILE A 1 14  ? 2.343   5.885   -4.385  1.00 30.50 ? 14  ILE X CB    1 
ATOM   108  C CG1   . ILE A 1 14  ? 1.028   6.197   -5.107  1.00 31.05 ? 14  ILE X CG1   1 
ATOM   109  C CG2   . ILE A 1 14  ? 2.408   6.547   -2.983  1.00 25.06 ? 14  ILE X CG2   1 
ATOM   110  C CD1   . ILE A 1 14  ? -0.231  5.883   -4.284  1.00 28.41 ? 14  ILE X CD1   1 
ATOM   111  N N     . GLY A 1 15  ? 3.327   6.356   -7.702  1.00 30.75 ? 15  GLY X N     1 
ATOM   112  C CA    . GLY A 1 15  ? 3.241   5.684   -8.986  1.00 33.73 ? 15  GLY X CA    1 
ATOM   113  C C     . GLY A 1 15  ? 3.442   6.626   -10.150 1.00 32.16 ? 15  GLY X C     1 
ATOM   114  O O     . GLY A 1 15  ? 3.319   7.848   -10.023 1.00 28.70 ? 15  GLY X O     1 
ATOM   115  N N     . PHE A 1 16  ? 3.766   6.032   -11.296 1.00 30.92 ? 16  PHE X N     1 
ATOM   116  C CA    . PHE A 1 16  ? 3.927   6.781   -12.537 1.00 34.06 ? 16  PHE X CA    1 
ATOM   117  C C     . PHE A 1 16  ? 3.558   5.875   -13.690 1.00 32.13 ? 16  PHE X C     1 
ATOM   118  O O     . PHE A 1 16  ? 4.186   4.827   -13.871 1.00 34.23 ? 16  PHE X O     1 
ATOM   119  C CB    . PHE A 1 16  ? 5.354   7.297   -12.733 1.00 31.64 ? 16  PHE X CB    1 
ATOM   120  C CG    . PHE A 1 16  ? 5.496   8.192   -13.944 1.00 39.51 ? 16  PHE X CG    1 
ATOM   121  C CD1   . PHE A 1 16  ? 4.760   9.378   -14.035 1.00 36.77 ? 16  PHE X CD1   1 
ATOM   122  C CD2   . PHE A 1 16  ? 6.330   7.846   -14.996 1.00 35.80 ? 16  PHE X CD2   1 
ATOM   123  C CE1   . PHE A 1 16  ? 4.870   10.197  -15.149 1.00 36.89 ? 16  PHE X CE1   1 
ATOM   124  C CE2   . PHE A 1 16  ? 6.442   8.663   -16.104 1.00 40.96 ? 16  PHE X CE2   1 
ATOM   125  C CZ    . PHE A 1 16  ? 5.711   9.832   -16.185 1.00 40.40 ? 16  PHE X CZ    1 
ATOM   126  N N     . GLU A 1 17  ? 2.561   6.287   -14.462 1.00 33.82 ? 17  GLU X N     1 
ATOM   127  C CA    . GLU A 1 17  ? 2.096   5.549   -15.632 1.00 35.23 ? 17  GLU X CA    1 
ATOM   128  C C     . GLU A 1 17  ? 1.962   4.058   -15.342 1.00 35.02 ? 17  GLU X C     1 
ATOM   129  O O     . GLU A 1 17  ? 2.625   3.229   -15.957 1.00 34.35 ? 17  GLU X O     1 
ATOM   130  C CB    . GLU A 1 17  ? 3.036   5.782   -16.815 1.00 36.38 ? 17  GLU X CB    1 
ATOM   131  C CG    . GLU A 1 17  ? 2.844   7.125   -17.469 1.00 38.60 ? 17  GLU X CG    1 
ATOM   132  C CD    . GLU A 1 17  ? 3.904   7.410   -18.503 1.00 48.40 ? 17  GLU X CD    1 
ATOM   133  O OE1   . GLU A 1 17  ? 4.909   6.668   -18.548 1.00 52.58 ? 17  GLU X OE1   1 
ATOM   134  O OE2   . GLU A 1 17  ? 3.737   8.382   -19.263 1.00 55.22 ? 17  GLU X OE2   1 
ATOM   135  N N     . ASN A 1 18  ? 1.112   3.731   -14.366 1.00 35.37 ? 18  ASN X N     1 
ATOM   136  C CA    . ASN A 1 18  ? 0.757   2.359   -14.006 1.00 38.84 ? 18  ASN X CA    1 
ATOM   137  C C     . ASN A 1 18  ? 1.913   1.553   -13.443 1.00 37.72 ? 18  ASN X C     1 
ATOM   138  O O     . ASN A 1 18  ? 1.787   0.342   -13.284 1.00 39.31 ? 18  ASN X O     1 
ATOM   139  C CB    . ASN A 1 18  ? 0.186   1.576   -15.196 1.00 38.44 ? 18  ASN X CB    1 
ATOM   140  C CG    . ASN A 1 18  ? -1.260  1.902   -15.467 1.00 42.10 ? 18  ASN X CG    1 
ATOM   141  O OD1   . ASN A 1 18  ? -1.930  2.519   -14.640 1.00 44.15 ? 18  ASN X OD1   1 
ATOM   142  N ND2   . ASN A 1 18  ? -1.756  1.490   -16.638 1.00 48.01 ? 18  ASN X ND2   1 
ATOM   143  N N     . GLN A 1 19  ? 3.043   2.174   -13.160 1.00 37.00 ? 19  GLN X N     1 
ATOM   144  C CA    . GLN A 1 19  ? 4.208   1.440   -12.719 1.00 40.49 ? 19  GLN X CA    1 
ATOM   145  C C     . GLN A 1 19  ? 4.701   2.018   -11.399 1.00 42.07 ? 19  GLN X C     1 
ATOM   146  O O     . GLN A 1 19  ? 4.407   3.165   -11.055 1.00 34.23 ? 19  GLN X O     1 
ATOM   147  C CB    . GLN A 1 19  ? 5.315   1.487   -13.795 1.00 41.74 ? 19  GLN X CB    1 
ATOM   148  C CG    . GLN A 1 19  ? 5.199   0.385   -14.862 1.00 44.54 ? 19  GLN X CG    1 
ATOM   149  C CD    . GLN A 1 19  ? 5.340   -1.001  -14.251 1.00 51.96 ? 19  GLN X CD    1 
ATOM   150  O OE1   . GLN A 1 19  ? 6.331   -1.286  -13.571 1.00 57.84 ? 19  GLN X OE1   1 
ATOM   151  N NE2   . GLN A 1 19  ? 4.352   -1.869  -14.481 1.00 57.69 ? 19  GLN X NE2   1 
ATOM   152  N N     . LEU A 1 20  ? 5.446   1.209   -10.659 1.00 38.74 ? 20  LEU X N     1 
ATOM   153  C CA    . LEU A 1 20  ? 6.259   1.758   -9.587  1.00 33.09 ? 20  LEU X CA    1 
ATOM   154  C C     . LEU A 1 20  ? 7.442   2.504   -10.195 1.00 37.35 ? 20  LEU X C     1 
ATOM   155  O O     . LEU A 1 20  ? 8.160   1.948   -11.036 1.00 38.38 ? 20  LEU X O     1 
ATOM   156  C CB    . LEU A 1 20  ? 6.760   0.666   -8.650  1.00 35.26 ? 20  LEU X CB    1 
ATOM   157  C CG    . LEU A 1 20  ? 5.759   -0.110  -7.803  1.00 41.03 ? 20  LEU X CG    1 
ATOM   158  C CD1   . LEU A 1 20  ? 6.463   -1.298  -7.164  1.00 36.65 ? 20  LEU X CD1   1 
ATOM   159  C CD2   . LEU A 1 20  ? 5.126   0.811   -6.751  1.00 34.23 ? 20  LEU X CD2   1 
ATOM   160  N N     . PRO A 1 21  ? 7.695   3.746   -9.787  1.00 32.88 ? 21  PRO X N     1 
ATOM   161  C CA    . PRO A 1 21  ? 8.828   4.494   -10.363 1.00 31.31 ? 21  PRO X CA    1 
ATOM   162  C C     . PRO A 1 21  ? 10.195  3.926   -9.999  1.00 35.61 ? 21  PRO X C     1 
ATOM   163  O O     . PRO A 1 21  ? 11.170  4.228   -10.693 1.00 37.11 ? 21  PRO X O     1 
ATOM   164  C CB    . PRO A 1 21  ? 8.649   5.910   -9.786  1.00 29.88 ? 21  PRO X CB    1 
ATOM   165  C CG    . PRO A 1 21  ? 7.224   5.952   -9.257  1.00 34.40 ? 21  PRO X CG    1 
ATOM   166  C CD    . PRO A 1 21  ? 6.917   4.544   -8.825  1.00 30.88 ? 21  PRO X CD    1 
ATOM   167  N N     . TRP A 1 22  ? 10.299  3.133   -8.938  1.00 34.34 ? 22  TRP X N     1 
ATOM   168  C CA    . TRP A 1 22  ? 11.559  2.617   -8.429  1.00 33.04 ? 22  TRP X CA    1 
ATOM   169  C C     . TRP A 1 22  ? 11.494  1.095   -8.374  1.00 36.61 ? 22  TRP X C     1 
ATOM   170  O O     . TRP A 1 22  ? 10.409  0.503   -8.326  1.00 36.54 ? 22  TRP X O     1 
ATOM   171  C CB    . TRP A 1 22  ? 11.846  3.157   -7.020  1.00 34.18 ? 22  TRP X CB    1 
ATOM   172  C CG    . TRP A 1 22  ? 10.663  2.959   -6.130  1.00 31.78 ? 22  TRP X CG    1 
ATOM   173  C CD1   . TRP A 1 22  ? 10.268  1.789   -5.517  1.00 31.70 ? 22  TRP X CD1   1 
ATOM   174  C CD2   . TRP A 1 22  ? 9.687   3.946   -5.778  1.00 31.73 ? 22  TRP X CD2   1 
ATOM   175  N NE1   . TRP A 1 22  ? 9.112   1.998   -4.806  1.00 32.05 ? 22  TRP X NE1   1 
ATOM   176  C CE2   . TRP A 1 22  ? 8.733   3.311   -4.946  1.00 31.25 ? 22  TRP X CE2   1 
ATOM   177  C CE3   . TRP A 1 22  ? 9.527   5.302   -6.083  1.00 29.49 ? 22  TRP X CE3   1 
ATOM   178  C CZ2   . TRP A 1 22  ? 7.637   3.992   -4.418  1.00 30.55 ? 22  TRP X CZ2   1 
ATOM   179  C CZ3   . TRP A 1 22  ? 8.435   5.984   -5.549  1.00 32.50 ? 22  TRP X CZ3   1 
ATOM   180  C CH2   . TRP A 1 22  ? 7.508   5.328   -4.726  1.00 31.28 ? 22  TRP X CH2   1 
ATOM   181  N N     . HIS A 1 23  ? 12.676  0.471   -8.369  1.00 43.56 ? 23  HIS X N     1 
ATOM   182  C CA    A HIS A 1 23  ? 12.819  -0.971  -8.188  0.48 42.54 ? 23  HIS X CA    1 
ATOM   183  C CA    B HIS A 1 23  ? 12.840  -0.971  -8.201  0.52 42.37 ? 23  HIS X CA    1 
ATOM   184  C C     . HIS A 1 23  ? 13.550  -1.195  -6.873  1.00 41.69 ? 23  HIS X C     1 
ATOM   185  O O     . HIS A 1 23  ? 14.736  -0.869  -6.746  1.00 42.23 ? 23  HIS X O     1 
ATOM   186  C CB    A HIS A 1 23  ? 13.565  -1.625  -9.352  0.48 43.30 ? 23  HIS X CB    1 
ATOM   187  C CB    B HIS A 1 23  ? 13.653  -1.579  -9.343  0.52 43.17 ? 23  HIS X CB    1 
ATOM   188  C CG    A HIS A 1 23  ? 13.564  -3.124  -9.299  0.48 43.78 ? 23  HIS X CG    1 
ATOM   189  C CG    B HIS A 1 23  ? 13.090  -1.318  -10.702 0.52 44.22 ? 23  HIS X CG    1 
ATOM   190  N ND1   A HIS A 1 23  ? 14.684  -3.883  -9.575  0.48 45.85 ? 23  HIS X ND1   1 
ATOM   191  N ND1   B HIS A 1 23  ? 11.914  -1.889  -11.144 0.52 48.95 ? 23  HIS X ND1   1 
ATOM   192  C CD2   A HIS A 1 23  ? 12.579  -4.005  -9.000  0.48 44.69 ? 23  HIS X CD2   1 
ATOM   193  C CD2   B HIS A 1 23  ? 13.547  -0.557  -11.724 0.52 43.86 ? 23  HIS X CD2   1 
ATOM   194  C CE1   A HIS A 1 23  ? 14.388  -5.164  -9.452  0.48 42.43 ? 23  HIS X CE1   1 
ATOM   195  C CE1   B HIS A 1 23  ? 11.668  -1.486  -12.378 0.52 49.33 ? 23  HIS X CE1   1 
ATOM   196  N NE2   A HIS A 1 23  ? 13.118  -5.267  -9.102  0.48 46.54 ? 23  HIS X NE2   1 
ATOM   197  N NE2   B HIS A 1 23  ? 12.645  -0.678  -12.754 0.52 48.82 ? 23  HIS X NE2   1 
ATOM   198  N N     . LEU A 1 24  ? 12.839  -1.750  -5.895  1.00 38.64 ? 24  LEU X N     1 
ATOM   199  C CA    . LEU A 1 24  ? 13.371  -1.921  -4.546  1.00 36.47 ? 24  LEU X CA    1 
ATOM   200  C C     . LEU A 1 24  ? 13.027  -3.310  -4.035  1.00 38.62 ? 24  LEU X C     1 
ATOM   201  O O     . LEU A 1 24  ? 11.998  -3.514  -3.379  1.00 38.23 ? 24  LEU X O     1 
ATOM   202  C CB    . LEU A 1 24  ? 12.832  -0.848  -3.604  1.00 37.08 ? 24  LEU X CB    1 
ATOM   203  C CG    . LEU A 1 24  ? 13.797  -0.431  -2.513  1.00 42.67 ? 24  LEU X CG    1 
ATOM   204  C CD1   . LEU A 1 24  ? 15.171  -0.280  -3.120  1.00 41.91 ? 24  LEU X CD1   1 
ATOM   205  C CD2   . LEU A 1 24  ? 13.330  0.873   -1.904  1.00 36.29 ? 24  LEU X CD2   1 
ATOM   206  N N     . PRO A 1 25  ? 13.874  -4.300  -4.321  1.00 40.17 ? 25  PRO X N     1 
ATOM   207  C CA    . PRO A 1 25  ? 13.586  -5.671  -3.857  1.00 39.11 ? 25  PRO X CA    1 
ATOM   208  C C     . PRO A 1 25  ? 13.349  -5.799  -2.361  1.00 32.86 ? 25  PRO X C     1 
ATOM   209  O O     . PRO A 1 25  ? 12.469  -6.566  -1.963  1.00 36.83 ? 25  PRO X O     1 
ATOM   210  C CB    . PRO A 1 25  ? 14.824  -6.447  -4.324  1.00 39.99 ? 25  PRO X CB    1 
ATOM   211  C CG    . PRO A 1 25  ? 15.220  -5.741  -5.593  1.00 39.79 ? 25  PRO X CG    1 
ATOM   212  C CD    . PRO A 1 25  ? 14.935  -4.262  -5.345  1.00 36.16 ? 25  PRO X CD    1 
ATOM   213  N N     . ASN A 1 26  ? 14.065  -5.047  -1.519  1.00 39.28 ? 26  ASN X N     1 
ATOM   214  C CA    . ASN A 1 26  ? 13.844  -5.138  -0.072  1.00 34.98 ? 26  ASN X CA    1 
ATOM   215  C C     . ASN A 1 26  ? 12.436  -4.707  0.326   1.00 36.91 ? 26  ASN X C     1 
ATOM   216  O O     . ASN A 1 26  ? 11.898  -5.190  1.330   1.00 29.52 ? 26  ASN X O     1 
ATOM   217  C CB    . ASN A 1 26  ? 14.862  -4.282  0.690   1.00 36.62 ? 26  ASN X CB    1 
ATOM   218  C CG    . ASN A 1 26  ? 16.275  -4.813  0.561   1.00 50.04 ? 26  ASN X CG    1 
ATOM   219  O OD1   . ASN A 1 26  ? 16.480  -5.973  0.173   1.00 49.19 ? 26  ASN X OD1   1 
ATOM   220  N ND2   . ASN A 1 26  ? 17.260  -3.967  0.870   1.00 47.96 ? 26  ASN X ND2   1 
ATOM   221  N N     . ASP A 1 27  ? 11.829  -3.788  -0.427  1.00 29.19 ? 27  ASP X N     1 
ATOM   222  C CA    . ASP A 1 27  ? 10.480  -3.386  -0.066  1.00 34.73 ? 27  ASP X CA    1 
ATOM   223  C C     . ASP A 1 27  ? 9.465   -4.456  -0.470  1.00 31.62 ? 27  ASP X C     1 
ATOM   224  O O     . ASP A 1 27  ? 8.504   -4.705  0.263   1.00 29.60 ? 27  ASP X O     1 
ATOM   225  C CB    . ASP A 1 27  ? 10.158  -2.024  -0.686  1.00 28.40 ? 27  ASP X CB    1 
ATOM   226  C CG    . ASP A 1 27  ? 8.740   -1.587  -0.421  1.00 30.33 ? 27  ASP X CG    1 
ATOM   227  O OD1   . ASP A 1 27  ? 8.370   -1.407  0.759   1.00 29.27 ? 27  ASP X OD1   1 
ATOM   228  O OD2   . ASP A 1 27  ? 7.997   -1.419  -1.405  1.00 31.29 ? 27  ASP X OD2   1 
ATOM   229  N N     . LEU A 1 28  ? 9.677   -5.120  -1.607  1.00 32.76 ? 28  LEU X N     1 
ATOM   230  C CA    . LEU A 1 28  ? 8.807   -6.239  -1.971  1.00 35.29 ? 28  LEU X CA    1 
ATOM   231  C C     . LEU A 1 28  ? 8.843   -7.336  -0.913  1.00 35.69 ? 28  LEU X C     1 
ATOM   232  O O     . LEU A 1 28  ? 7.809   -7.938  -0.592  1.00 32.04 ? 28  LEU X O     1 
ATOM   233  C CB    . LEU A 1 28  ? 9.224   -6.823  -3.312  1.00 36.31 ? 28  LEU X CB    1 
ATOM   234  C CG    . LEU A 1 28  ? 8.991   -6.030  -4.577  1.00 44.94 ? 28  LEU X CG    1 
ATOM   235  C CD1   . LEU A 1 28  ? 9.613   -6.825  -5.719  1.00 49.97 ? 28  LEU X CD1   1 
ATOM   236  C CD2   . LEU A 1 28  ? 7.514   -5.840  -4.795  1.00 47.65 ? 28  LEU X CD2   1 
ATOM   237  N N     . LYS A 1 29  ? 10.034  -7.622  -0.374  1.00 30.44 ? 29  LYS X N     1 
ATOM   238  C CA    . LYS A 1 29  ? 10.138  -8.612  0.692   1.00 33.67 ? 29  LYS X CA    1 
ATOM   239  C C     . LYS A 1 29  ? 9.422   -8.144  1.951   1.00 34.71 ? 29  LYS X C     1 
ATOM   240  O O     . LYS A 1 29  ? 8.751   -8.934  2.626   1.00 37.08 ? 29  LYS X O     1 
ATOM   241  C CB    . LYS A 1 29  ? 11.612  -8.909  0.975   1.00 34.89 ? 29  LYS X CB    1 
ATOM   242  C CG    . LYS A 1 29  ? 11.816  -9.835  2.146   1.00 50.58 ? 29  LYS X CG    1 
ATOM   243  C CD    . LYS A 1 29  ? 12.713  -11.024 1.777   1.00 62.56 ? 29  LYS X CD    1 
ATOM   244  C CE    . LYS A 1 29  ? 12.479  -12.199 2.734   1.00 58.88 ? 29  LYS X CE    1 
ATOM   245  N NZ    . LYS A 1 29  ? 12.955  -11.855 4.126   1.00 60.59 ? 29  LYS X NZ    1 
ATOM   246  N N     . HIS A 1 30  ? 9.562   -6.857  2.277   1.00 31.67 ? 30  HIS X N     1 
ATOM   247  C CA    . HIS A 1 30  ? 8.782   -6.239  3.342   1.00 30.90 ? 30  HIS X CA    1 
ATOM   248  C C     . HIS A 1 30  ? 7.286   -6.449  3.120   1.00 33.49 ? 30  HIS X C     1 
ATOM   249  O O     . HIS A 1 30  ? 6.561   -6.881  4.026   1.00 34.05 ? 30  HIS X O     1 
ATOM   250  C CB    . HIS A 1 30  ? 9.143   -4.746  3.394   1.00 27.67 ? 30  HIS X CB    1 
ATOM   251  C CG    . HIS A 1 30  ? 8.417   -3.958  4.444   1.00 31.10 ? 30  HIS X CG    1 
ATOM   252  N ND1   . HIS A 1 30  ? 8.702   -4.068  5.790   1.00 29.02 ? 30  HIS X ND1   1 
ATOM   253  C CD2   . HIS A 1 30  ? 7.446   -3.016  4.339   1.00 29.73 ? 30  HIS X CD2   1 
ATOM   254  C CE1   . HIS A 1 30  ? 7.931   -3.236  6.469   1.00 32.69 ? 30  HIS X CE1   1 
ATOM   255  N NE2   . HIS A 1 30  ? 7.169   -2.577  5.613   1.00 33.81 ? 30  HIS X NE2   1 
ATOM   256  N N     . VAL A 1 31  ? 6.811   -6.169  1.904   1.00 29.38 ? 31  VAL X N     1 
ATOM   257  C CA    . VAL A 1 31  ? 5.392   -6.350  1.602   1.00 33.43 ? 31  VAL X CA    1 
ATOM   258  C C     . VAL A 1 31  ? 4.985   -7.800  1.813   1.00 35.99 ? 31  VAL X C     1 
ATOM   259  O O     . VAL A 1 31  ? 3.944   -8.088  2.424   1.00 31.11 ? 31  VAL X O     1 
ATOM   260  C CB    . VAL A 1 31  ? 5.086   -5.886  0.166   1.00 26.88 ? 31  VAL X CB    1 
ATOM   261  C CG1   . VAL A 1 31  ? 3.750   -6.443  -0.271  1.00 36.72 ? 31  VAL X CG1   1 
ATOM   262  C CG2   . VAL A 1 31  ? 5.027   -4.383  0.125   1.00 29.77 ? 31  VAL X CG2   1 
ATOM   263  N N     . LYS A 1 32  ? 5.825   -8.732  1.343   1.00 34.87 ? 32  LYS X N     1 
ATOM   264  C CA    . LYS A 1 32  ? 5.545   -10.160 1.465   1.00 38.38 ? 32  LYS X CA    1 
ATOM   265  C C     . LYS A 1 32  ? 5.455   -10.593 2.922   1.00 37.52 ? 32  LYS X C     1 
ATOM   266  O O     . LYS A 1 32  ? 4.531   -11.318 3.304   1.00 42.14 ? 32  LYS X O     1 
ATOM   267  C CB    . LYS A 1 32  ? 6.628   -10.947 0.723   1.00 41.79 ? 32  LYS X CB    1 
ATOM   268  C CG    . LYS A 1 32  ? 6.476   -12.465 0.672   1.00 46.25 ? 32  LYS X CG    1 
ATOM   269  C CD    . LYS A 1 32  ? 7.711   -13.066 -0.009  1.00 41.95 ? 32  LYS X CD    1 
ATOM   270  C CE    . LYS A 1 32  ? 7.417   -14.385 -0.726  1.00 55.99 ? 32  LYS X CE    1 
ATOM   271  N NZ    . LYS A 1 32  ? 7.080   -15.481 0.230   1.00 64.80 ? 32  LYS X NZ    1 
ATOM   272  N N     . LYS A 1 33  ? 6.388   -10.154 3.760   1.00 36.98 ? 33  LYS X N     1 
ATOM   273  C CA    . LYS A 1 33  ? 6.349   -10.603 5.148   1.00 37.38 ? 33  LYS X CA    1 
ATOM   274  C C     . LYS A 1 33  ? 5.172   -10.002 5.911   1.00 39.56 ? 33  LYS X C     1 
ATOM   275  O O     . LYS A 1 33  ? 4.572   -10.676 6.756   1.00 37.05 ? 33  LYS X O     1 
ATOM   276  C CB    . LYS A 1 33  ? 7.666   -10.287 5.856   1.00 37.04 ? 33  LYS X CB    1 
ATOM   277  C CG    . LYS A 1 33  ? 8.850   -11.230 5.498   1.00 57.13 ? 33  LYS X CG    1 
ATOM   278  C CD    . LYS A 1 33  ? 8.424   -12.708 5.269   1.00 57.61 ? 33  LYS X CD    1 
ATOM   279  C CE    . LYS A 1 33  ? 8.409   -13.090 3.776   1.00 54.71 ? 33  LYS X CE    1 
ATOM   280  N NZ    . LYS A 1 33  ? 7.864   -14.461 3.564   1.00 53.70 ? 33  LYS X NZ    1 
ATOM   281  N N     . LEU A 1 34  ? 4.827   -8.741  5.648   1.00 33.96 ? 34  LEU X N     1 
ATOM   282  C CA    . LEU A 1 34  ? 3.712   -8.153  6.384   1.00 34.33 ? 34  LEU X CA    1 
ATOM   283  C C     . LEU A 1 34  ? 2.376   -8.787  5.997   1.00 35.63 ? 34  LEU X C     1 
ATOM   284  O O     . LEU A 1 34  ? 1.508   -8.998  6.858   1.00 32.87 ? 34  LEU X O     1 
ATOM   285  C CB    . LEU A 1 34  ? 3.651   -6.646  6.143   1.00 35.82 ? 34  LEU X CB    1 
ATOM   286  C CG    . LEU A 1 34  ? 4.635   -5.788  6.915   1.00 29.31 ? 34  LEU X CG    1 
ATOM   287  C CD1   . LEU A 1 34  ? 4.481   -4.314  6.509   1.00 32.42 ? 34  LEU X CD1   1 
ATOM   288  C CD2   . LEU A 1 34  ? 4.346   -5.987  8.392   1.00 32.83 ? 34  LEU X CD2   1 
ATOM   289  N N     . SER A 1 35  ? 2.180   -9.077  4.707   1.00 31.88 ? 35  SER X N     1 
ATOM   290  C CA    . SER A 1 35  ? 0.832   -9.310  4.216   1.00 35.40 ? 35  SER X CA    1 
ATOM   291  C C     . SER A 1 35  ? 0.538   -10.762 3.871   1.00 36.48 ? 35  SER X C     1 
ATOM   292  O O     . SER A 1 35  ? -0.637  -11.113 3.767   1.00 37.01 ? 35  SER X O     1 
ATOM   293  C CB    . SER A 1 35  ? 0.533   -8.406  3.004   1.00 33.15 ? 35  SER X CB    1 
ATOM   294  O OG    . SER A 1 35  ? 1.274   -8.776  1.842   1.00 38.97 ? 35  SER X OG    1 
ATOM   295  N N     . THR A 1 36  ? 1.558   -11.615 3.728   1.00 38.18 ? 36  THR X N     1 
ATOM   296  C CA    . THR A 1 36  ? 1.329   -13.055 3.587   1.00 34.69 ? 36  THR X CA    1 
ATOM   297  C C     . THR A 1 36  ? 0.436   -13.579 4.705   1.00 33.26 ? 36  THR X C     1 
ATOM   298  O O     . THR A 1 36  ? 0.643   -13.275 5.881   1.00 33.63 ? 36  THR X O     1 
ATOM   299  C CB    . THR A 1 36  ? 2.661   -13.806 3.573   1.00 36.51 ? 36  THR X CB    1 
ATOM   300  O OG1   . THR A 1 36  ? 3.386   -13.431 2.399   1.00 43.29 ? 36  THR X OG1   1 
ATOM   301  C CG2   . THR A 1 36  ? 2.449   -15.342 3.552   1.00 29.00 ? 36  THR X CG2   1 
ATOM   302  N N     . GLY A 1 37  ? -0.598  -14.334 4.323   1.00 39.59 ? 37  GLY X N     1 
ATOM   303  C CA    . GLY A 1 37  ? -1.552  -14.865 5.276   1.00 33.32 ? 37  GLY X CA    1 
ATOM   304  C C     . GLY A 1 37  ? -2.648  -13.911 5.698   1.00 35.97 ? 37  GLY X C     1 
ATOM   305  O O     . GLY A 1 37  ? -3.485  -14.292 6.520   1.00 33.27 ? 37  GLY X O     1 
ATOM   306  N N     . HIS A 1 38  ? -2.681  -12.685 5.164   1.00 36.33 ? 38  HIS X N     1 
ATOM   307  C CA    . HIS A 1 38  ? -3.686  -11.708 5.582   1.00 34.94 ? 38  HIS X CA    1 
ATOM   308  C C     . HIS A 1 38  ? -4.462  -11.176 4.385   1.00 37.88 ? 38  HIS X C     1 
ATOM   309  O O     . HIS A 1 38  ? -4.615  -11.887 3.387   1.00 40.38 ? 38  HIS X O     1 
ATOM   310  C CB    . HIS A 1 38  ? -3.022  -10.568 6.360   1.00 35.75 ? 38  HIS X CB    1 
ATOM   311  C CG    . HIS A 1 38  ? -2.296  -11.029 7.584   1.00 39.21 ? 38  HIS X CG    1 
ATOM   312  N ND1   . HIS A 1 38  ? -2.949  -11.446 8.727   1.00 38.09 ? 38  HIS X ND1   1 
ATOM   313  C CD2   . HIS A 1 38  ? -0.972  -11.165 7.835   1.00 38.88 ? 38  HIS X CD2   1 
ATOM   314  C CE1   . HIS A 1 38  ? -2.057  -11.796 9.635   1.00 40.75 ? 38  HIS X CE1   1 
ATOM   315  N NE2   . HIS A 1 38  ? -0.851  -11.637 9.119   1.00 40.63 ? 38  HIS X NE2   1 
ATOM   316  N N     . THR A 1 39  ? -4.949  -9.937  4.453   1.00 34.16 ? 39  THR X N     1 
ATOM   317  C CA    . THR A 1 39  ? -5.803  -9.400  3.398   1.00 33.55 ? 39  THR X CA    1 
ATOM   318  C C     . THR A 1 39  ? -5.224  -8.114  2.831   1.00 33.02 ? 39  THR X C     1 
ATOM   319  O O     . THR A 1 39  ? -4.857  -7.206  3.587   1.00 36.44 ? 39  THR X O     1 
ATOM   320  C CB    . THR A 1 39  ? -7.222  -9.159  3.921   1.00 36.19 ? 39  THR X CB    1 
ATOM   321  O OG1   . THR A 1 39  ? -7.769  -10.403 4.349   1.00 37.61 ? 39  THR X OG1   1 
ATOM   322  C CG2   . THR A 1 39  ? -8.134  -8.515  2.838   1.00 32.40 ? 39  THR X CG2   1 
ATOM   323  N N     . LEU A 1 40  ? -5.137  -8.047  1.499   1.00 30.15 ? 40  LEU X N     1 
ATOM   324  C CA    . LEU A 1 40  ? -4.821  -6.827  0.765   1.00 27.07 ? 40  LEU X CA    1 
ATOM   325  C C     . LEU A 1 40  ? -6.094  -6.327  0.102   1.00 35.97 ? 40  LEU X C     1 
ATOM   326  O O     . LEU A 1 40  ? -6.799  -7.104  -0.556  1.00 32.66 ? 40  LEU X O     1 
ATOM   327  C CB    . LEU A 1 40  ? -3.749  -7.052  -0.302  1.00 24.72 ? 40  LEU X CB    1 
ATOM   328  C CG    . LEU A 1 40  ? -2.322  -7.396  0.129   1.00 33.02 ? 40  LEU X CG    1 
ATOM   329  C CD1   . LEU A 1 40  ? -1.403  -7.377  -1.058  1.00 34.26 ? 40  LEU X CD1   1 
ATOM   330  C CD2   . LEU A 1 40  ? -1.838  -6.402  1.154   1.00 30.76 ? 40  LEU X CD2   1 
ATOM   331  N N     . VAL A 1 41  ? -6.377  -5.034  0.274   1.00 31.52 ? 41  VAL X N     1 
ATOM   332  C CA    . VAL A 1 41  ? -7.509  -4.363  -0.344  1.00 30.32 ? 41  VAL X CA    1 
ATOM   333  C C     . VAL A 1 41  ? -6.963  -3.296  -1.278  1.00 33.34 ? 41  VAL X C     1 
ATOM   334  O O     . VAL A 1 41  ? -6.074  -2.532  -0.894  1.00 32.72 ? 41  VAL X O     1 
ATOM   335  C CB    . VAL A 1 41  ? -8.438  -3.744  0.712   1.00 34.32 ? 41  VAL X CB    1 
ATOM   336  C CG1   . VAL A 1 41  ? -9.431  -2.805  0.058   1.00 29.56 ? 41  VAL X CG1   1 
ATOM   337  C CG2   . VAL A 1 41  ? -9.147  -4.822  1.457   1.00 31.63 ? 41  VAL X CG2   1 
ATOM   338  N N     . MET A 1 42  ? -7.479  -3.250  -2.499  1.00 30.08 ? 42  MET X N     1 
ATOM   339  C CA    . MET A 1 42  ? -6.998  -2.271  -3.450  1.00 30.88 ? 42  MET X CA    1 
ATOM   340  C C     . MET A 1 42  ? -8.124  -1.847  -4.386  1.00 35.49 ? 42  MET X C     1 
ATOM   341  O O     . MET A 1 42  ? -9.059  -2.616  -4.655  1.00 33.22 ? 42  MET X O     1 
ATOM   342  C CB    . MET A 1 42  ? -5.812  -2.836  -4.232  1.00 34.76 ? 42  MET X CB    1 
ATOM   343  C CG    . MET A 1 42  ? -6.136  -4.009  -5.123  1.00 30.92 ? 42  MET X CG    1 
ATOM   344  S SD    . MET A 1 42  ? -4.647  -4.942  -5.566  1.00 40.15 ? 42  MET X SD    1 
ATOM   345  C CE    . MET A 1 42  ? -4.669  -6.205  -4.297  1.00 33.68 ? 42  MET X CE    1 
ATOM   346  N N     . GLY A 1 43  ? -8.039  -0.605  -4.867  1.00 34.06 ? 43  GLY X N     1 
ATOM   347  C CA    . GLY A 1 43  ? -8.952  -0.139  -5.902  1.00 29.13 ? 43  GLY X CA    1 
ATOM   348  C C     . GLY A 1 43  ? -8.664  -0.797  -7.241  1.00 33.20 ? 43  GLY X C     1 
ATOM   349  O O     . GLY A 1 43  ? -7.617  -1.424  -7.460  1.00 28.56 ? 43  GLY X O     1 
ATOM   350  N N     . ARG A 1 44  ? -9.614  -0.634  -8.167  1.00 34.20 ? 44  ARG X N     1 
ATOM   351  C CA    . ARG A 1 44  ? -9.554  -1.377  -9.423  1.00 31.17 ? 44  ARG X CA    1 
ATOM   352  C C     . ARG A 1 44  ? -8.294  -1.044  -10.219 1.00 33.31 ? 44  ARG X C     1 
ATOM   353  O O     . ARG A 1 44  ? -7.692  -1.932  -10.834 1.00 29.41 ? 44  ARG X O     1 
ATOM   354  C CB    . ARG A 1 44  ? -10.818 -1.101  -10.253 1.00 33.95 ? 44  ARG X CB    1 
ATOM   355  C CG    . ARG A 1 44  ? -10.930 -1.921  -11.551 1.00 35.64 ? 44  ARG X CG    1 
ATOM   356  C CD    . ARG A 1 44  ? -10.461 -1.105  -12.772 1.00 30.93 ? 44  ARG X CD    1 
ATOM   357  N NE    . ARG A 1 44  ? -11.210 0.144   -12.843 1.00 33.47 ? 44  ARG X NE    1 
ATOM   358  C CZ    . ARG A 1 44  ? -10.955 1.158   -13.663 1.00 29.99 ? 44  ARG X CZ    1 
ATOM   359  N NH1   . ARG A 1 44  ? -9.946  1.100   -14.524 1.00 29.19 ? 44  ARG X NH1   1 
ATOM   360  N NH2   . ARG A 1 44  ? -11.728 2.242   -13.605 1.00 30.41 ? 44  ARG X NH2   1 
ATOM   361  N N     . LYS A 1 45  ? -7.869  0.227   -10.214 1.00 30.01 ? 45  LYS X N     1 
ATOM   362  C CA    . LYS A 1 45  ? -6.733  0.603   -11.052 1.00 28.13 ? 45  LYS X CA    1 
ATOM   363  C C     . LYS A 1 45  ? -5.431  0.034   -10.503 1.00 28.57 ? 45  LYS X C     1 
ATOM   364  O O     . LYS A 1 45  ? -4.543  -0.353  -11.270 1.00 31.50 ? 45  LYS X O     1 
ATOM   365  C CB    . LYS A 1 45  ? -6.647  2.122   -11.177 1.00 28.70 ? 45  LYS X CB    1 
ATOM   366  C CG    . LYS A 1 45  ? -7.788  2.727   -12.000 1.00 33.52 ? 45  LYS X CG    1 
ATOM   367  C CD    . LYS A 1 45  ? -7.668  4.249   -12.068 1.00 34.19 ? 45  LYS X CD    1 
ATOM   368  C CE    . LYS A 1 45  ? -8.606  4.867   -13.097 1.00 36.61 ? 45  LYS X CE    1 
ATOM   369  N NZ    . LYS A 1 45  ? -8.597  6.377   -13.102 1.00 37.88 ? 45  LYS X NZ    1 
ATOM   370  N N     . THR A 1 46  ? -5.299  -0.003  -9.174  1.00 27.20 ? 46  THR X N     1 
ATOM   371  C CA    . THR A 1 46  ? -4.120  -0.597  -8.571  1.00 26.87 ? 46  THR X CA    1 
ATOM   372  C C     . THR A 1 46  ? -4.042  -2.066  -8.933  1.00 32.12 ? 46  THR X C     1 
ATOM   373  O O     . THR A 1 46  ? -2.976  -2.554  -9.337  1.00 30.87 ? 46  THR X O     1 
ATOM   374  C CB    . THR A 1 46  ? -4.149  -0.406  -7.053  1.00 29.70 ? 46  THR X CB    1 
ATOM   375  O OG1   . THR A 1 46  ? -4.021  0.983   -6.735  1.00 29.12 ? 46  THR X OG1   1 
ATOM   376  C CG2   . THR A 1 46  ? -3.030  -1.130  -6.408  1.00 29.69 ? 46  THR X CG2   1 
ATOM   377  N N     . PHE A 1 47  ? -5.178  -2.780  -8.860  1.00 31.81 ? 47  PHE X N     1 
ATOM   378  C CA    . PHE A 1 47  ? -5.149  -4.188  -9.239  1.00 32.13 ? 47  PHE X CA    1 
ATOM   379  C C     . PHE A 1 47  ? -4.771  -4.364  -10.705 1.00 34.68 ? 47  PHE X C     1 
ATOM   380  O O     . PHE A 1 47  ? -3.934  -5.211  -11.039 1.00 37.76 ? 47  PHE X O     1 
ATOM   381  C CB    . PHE A 1 47  ? -6.475  -4.888  -8.983  1.00 32.49 ? 47  PHE X CB    1 
ATOM   382  C CG    . PHE A 1 47  ? -6.480  -6.294  -9.529  1.00 36.87 ? 47  PHE X CG    1 
ATOM   383  C CD1   . PHE A 1 47  ? -5.756  -7.297  -8.892  1.00 37.72 ? 47  PHE X CD1   1 
ATOM   384  C CD2   . PHE A 1 47  ? -7.120  -6.593  -10.722 1.00 38.39 ? 47  PHE X CD2   1 
ATOM   385  C CE1   . PHE A 1 47  ? -5.701  -8.585  -9.414  1.00 36.13 ? 47  PHE X CE1   1 
ATOM   386  C CE2   . PHE A 1 47  ? -7.076  -7.871  -11.248 1.00 37.01 ? 47  PHE X CE2   1 
ATOM   387  C CZ    . PHE A 1 47  ? -6.363  -8.866  -10.600 1.00 40.27 ? 47  PHE X CZ    1 
ATOM   388  N N     . GLU A 1 48  ? -5.397  -3.598  -11.606 1.00 33.42 ? 48  GLU X N     1 
ATOM   389  C CA    . GLU A 1 48  ? -5.085  -3.772  -13.025 1.00 38.18 ? 48  GLU X CA    1 
ATOM   390  C C     . GLU A 1 48  ? -3.618  -3.474  -13.296 1.00 36.58 ? 48  GLU X C     1 
ATOM   391  O O     . GLU A 1 48  ? -2.986  -4.132  -14.128 1.00 39.28 ? 48  GLU X O     1 
ATOM   392  C CB    . GLU A 1 48  ? -5.972  -2.883  -13.903 1.00 39.43 ? 48  GLU X CB    1 
ATOM   393  C CG    . GLU A 1 48  ? -7.484  -3.165  -13.850 1.00 42.24 ? 48  GLU X CG    1 
ATOM   394  C CD    . GLU A 1 48  ? -7.867  -4.543  -14.383 1.00 56.21 ? 48  GLU X CD    1 
ATOM   395  O OE1   . GLU A 1 48  ? -6.989  -5.254  -14.937 1.00 59.27 ? 48  GLU X OE1   1 
ATOM   396  O OE2   . GLU A 1 48  ? -9.059  -4.916  -14.256 1.00 63.63 ? 48  GLU X OE2   1 
ATOM   397  N N     . SER A 1 49  ? -3.054  -2.494  -12.592 1.00 35.70 ? 49  SER X N     1 
ATOM   398  C CA    . SER A 1 49  ? -1.644  -2.189  -12.784 1.00 37.10 ? 49  SER X CA    1 
ATOM   399  C C     . SER A 1 49  ? -0.768  -3.372  -12.379 1.00 33.99 ? 49  SER X C     1 
ATOM   400  O O     . SER A 1 49  ? 0.253   -3.636  -13.019 1.00 35.01 ? 49  SER X O     1 
ATOM   401  C CB    . SER A 1 49  ? -1.272  -0.933  -11.998 1.00 36.44 ? 49  SER X CB    1 
ATOM   402  O OG    . SER A 1 49  ? -0.746  -1.289  -10.737 1.00 40.77 ? 49  SER X OG    1 
ATOM   403  N N     . ILE A 1 50  ? -1.152  -4.092  -11.316 1.00 32.02 ? 50  ILE X N     1 
ATOM   404  C CA    . ILE A 1 50  ? -0.423  -5.297  -10.911 1.00 39.25 ? 50  ILE X CA    1 
ATOM   405  C C     . ILE A 1 50  ? -0.633  -6.412  -11.929 1.00 40.91 ? 50  ILE X C     1 
ATOM   406  O O     . ILE A 1 50  ? 0.328   -6.975  -12.463 1.00 41.02 ? 50  ILE X O     1 
ATOM   407  C CB    . ILE A 1 50  ? -0.846  -5.751  -9.501  1.00 39.22 ? 50  ILE X CB    1 
ATOM   408  C CG1   . ILE A 1 50  ? -0.524  -4.703  -8.444  1.00 41.37 ? 50  ILE X CG1   1 
ATOM   409  C CG2   . ILE A 1 50  ? -0.118  -7.000  -9.099  1.00 36.06 ? 50  ILE X CG2   1 
ATOM   410  C CD1   . ILE A 1 50  ? -0.999  -5.153  -7.065  1.00 41.10 ? 50  ILE X CD1   1 
ATOM   411  N N     . GLY A 1 51  ? -1.893  -6.760  -12.199 1.00 38.14 ? 51  GLY X N     1 
ATOM   412  C CA    . GLY A 1 51  ? -2.251  -7.663  -13.277 1.00 40.74 ? 51  GLY X CA    1 
ATOM   413  C C     . GLY A 1 51  ? -2.678  -9.052  -12.837 1.00 45.79 ? 51  GLY X C     1 
ATOM   414  O O     . GLY A 1 51  ? -3.349  -9.752  -13.605 1.00 45.17 ? 51  GLY X O     1 
ATOM   415  N N     . LYS A 1 52  ? -2.313  -9.467  -11.629 1.00 44.57 ? 52  LYS X N     1 
ATOM   416  C CA    . LYS A 1 52  ? -2.622  -10.780 -11.075 1.00 45.26 ? 52  LYS X CA    1 
ATOM   417  C C     . LYS A 1 52  ? -2.743  -10.606 -9.572  1.00 44.47 ? 52  LYS X C     1 
ATOM   418  O O     . LYS A 1 52  ? -2.073  -9.734  -9.009  1.00 40.64 ? 52  LYS X O     1 
ATOM   419  C CB    . LYS A 1 52  ? -1.518  -11.806 -11.396 1.00 44.63 ? 52  LYS X CB    1 
ATOM   420  N N     . PRO A 1 53  ? -3.570  -11.397 -8.893  1.00 41.77 ? 53  PRO X N     1 
ATOM   421  C CA    . PRO A 1 53  ? -3.586  -11.326 -7.428  1.00 39.74 ? 53  PRO X CA    1 
ATOM   422  C C     . PRO A 1 53  ? -2.257  -11.814 -6.857  1.00 40.79 ? 53  PRO X C     1 
ATOM   423  O O     . PRO A 1 53  ? -1.547  -12.610 -7.474  1.00 38.19 ? 53  PRO X O     1 
ATOM   424  C CB    . PRO A 1 53  ? -4.744  -12.249 -7.039  1.00 41.55 ? 53  PRO X CB    1 
ATOM   425  C CG    . PRO A 1 53  ? -4.804  -13.250 -8.165  1.00 40.86 ? 53  PRO X CG    1 
ATOM   426  C CD    . PRO A 1 53  ? -4.437  -12.473 -9.405  1.00 41.58 ? 53  PRO X CD    1 
ATOM   427  N N     . LEU A 1 54  ? -1.905  -11.302 -5.670  1.00 39.08 ? 54  LEU X N     1 
ATOM   428  C CA    . LEU A 1 54  ? -0.638  -11.715 -5.078  1.00 39.05 ? 54  LEU X CA    1 
ATOM   429  C C     . LEU A 1 54  ? -0.812  -13.031 -4.318  1.00 39.29 ? 54  LEU X C     1 
ATOM   430  O O     . LEU A 1 54  ? -1.833  -13.234 -3.658  1.00 38.36 ? 54  LEU X O     1 
ATOM   431  C CB    . LEU A 1 54  ? -0.114  -10.649 -4.137  1.00 35.00 ? 54  LEU X CB    1 
ATOM   432  C CG    . LEU A 1 54  ? 0.190   -9.270  -4.713  1.00 41.33 ? 54  LEU X CG    1 
ATOM   433  C CD1   . LEU A 1 54  ? 1.237   -8.598  -3.844  1.00 37.54 ? 54  LEU X CD1   1 
ATOM   434  C CD2   . LEU A 1 54  ? 0.664   -9.364  -6.159  1.00 42.22 ? 54  LEU X CD2   1 
ATOM   435  N N     . PRO A 1 55  ? 0.167   -13.933 -4.385  1.00 35.75 ? 55  PRO X N     1 
ATOM   436  C CA    . PRO A 1 55  ? -0.021  -15.278 -3.813  1.00 38.50 ? 55  PRO X CA    1 
ATOM   437  C C     . PRO A 1 55  ? -0.042  -15.290 -2.290  1.00 37.26 ? 55  PRO X C     1 
ATOM   438  O O     . PRO A 1 55  ? 0.595   -14.469 -1.627  1.00 38.12 ? 55  PRO X O     1 
ATOM   439  C CB    . PRO A 1 55  ? 1.189   -16.063 -4.340  1.00 38.30 ? 55  PRO X CB    1 
ATOM   440  C CG    . PRO A 1 55  ? 1.819   -15.206 -5.401  1.00 37.91 ? 55  PRO X CG    1 
ATOM   441  C CD    . PRO A 1 55  ? 1.461   -13.791 -5.071  1.00 38.22 ? 55  PRO X CD    1 
ATOM   442  N N     . ASN A 1 56  ? -0.802  -16.246 -1.740  1.00 35.79 ? 56  ASN X N     1 
ATOM   443  C CA    . ASN A 1 56  ? -0.742  -16.621 -0.320  1.00 37.84 ? 56  ASN X CA    1 
ATOM   444  C C     . ASN A 1 56  ? -1.317  -15.563 0.605   1.00 39.46 ? 56  ASN X C     1 
ATOM   445  O O     . ASN A 1 56  ? -0.856  -15.408 1.741   1.00 44.55 ? 56  ASN X O     1 
ATOM   446  C CB    . ASN A 1 56  ? 0.689   -16.952 0.112   1.00 36.81 ? 56  ASN X CB    1 
ATOM   447  C CG    . ASN A 1 56  ? 1.281   -18.052 -0.709  1.00 39.25 ? 56  ASN X CG    1 
ATOM   448  O OD1   . ASN A 1 56  ? 0.635   -19.071 -0.944  1.00 43.87 ? 56  ASN X OD1   1 
ATOM   449  N ND2   . ASN A 1 56  ? 2.491   -17.840 -1.199  1.00 38.38 ? 56  ASN X ND2   1 
ATOM   450  N N     . ARG A 1 57  ? -2.310  -14.828 0.121   1.00 41.15 ? 57  ARG X N     1 
ATOM   451  C CA    . ARG A 1 57  ? -3.090  -13.897 0.918   1.00 34.49 ? 57  ARG X CA    1 
ATOM   452  C C     . ARG A 1 57  ? -4.382  -13.632 0.164   1.00 36.32 ? 57  ARG X C     1 
ATOM   453  O O     . ARG A 1 57  ? -4.476  -13.870 -1.048  1.00 37.12 ? 57  ARG X O     1 
ATOM   454  C CB    . ARG A 1 57  ? -2.322  -12.590 1.183   1.00 39.12 ? 57  ARG X CB    1 
ATOM   455  C CG    . ARG A 1 57  ? -2.126  -11.681 -0.030  1.00 33.32 ? 57  ARG X CG    1 
ATOM   456  C CD    . ARG A 1 57  ? -0.769  -11.002 0.025   1.00 32.81 ? 57  ARG X CD    1 
ATOM   457  N NE    . ARG A 1 57  ? 0.282   -11.851 -0.500  1.00 37.05 ? 57  ARG X NE    1 
ATOM   458  C CZ    . ARG A 1 57  ? 1.532   -11.461 -0.718  1.00 38.03 ? 57  ARG X CZ    1 
ATOM   459  N NH1   . ARG A 1 57  ? 1.909   -10.218 -0.440  1.00 46.03 ? 57  ARG X NH1   1 
ATOM   460  N NH2   . ARG A 1 57  ? 2.409   -12.316 -1.223  1.00 34.29 ? 57  ARG X NH2   1 
ATOM   461  N N     . ARG A 1 58  ? -5.383  -13.150 0.900   1.00 34.32 ? 58  ARG X N     1 
ATOM   462  C CA    . ARG A 1 58  ? -6.640  -12.748 0.286   1.00 36.18 ? 58  ARG X CA    1 
ATOM   463  C C     . ARG A 1 58  ? -6.454  -11.429 -0.464  1.00 37.85 ? 58  ARG X C     1 
ATOM   464  O O     . ARG A 1 58  ? -5.945  -10.448 0.092   1.00 35.95 ? 58  ARG X O     1 
ATOM   465  C CB    . ARG A 1 58  ? -7.725  -12.612 1.353   1.00 33.17 ? 58  ARG X CB    1 
ATOM   466  C CG    . ARG A 1 58  ? -9.125  -12.488 0.791   1.00 36.64 ? 58  ARG X CG    1 
ATOM   467  C CD    . ARG A 1 58  ? -10.152 -12.241 1.878   1.00 36.78 ? 58  ARG X CD    1 
ATOM   468  N NE    . ARG A 1 58  ? -11.501 -12.276 1.329   1.00 42.43 ? 58  ARG X NE    1 
ATOM   469  C CZ    . ARG A 1 58  ? -12.608 -12.034 2.024   1.00 45.12 ? 58  ARG X CZ    1 
ATOM   470  N NH1   . ARG A 1 58  ? -12.541 -11.719 3.309   1.00 39.67 ? 58  ARG X NH1   1 
ATOM   471  N NH2   . ARG A 1 58  ? -13.790 -12.100 1.425   1.00 43.40 ? 58  ARG X NH2   1 
ATOM   472  N N     . ASN A 1 59  ? -6.850  -11.419 -1.734  1.00 35.51 ? 59  ASN X N     1 
ATOM   473  C CA    . ASN A 1 59  ? -6.810  -10.244 -2.594  1.00 34.47 ? 59  ASN X CA    1 
ATOM   474  C C     . ASN A 1 59  ? -8.236  -9.743  -2.792  1.00 34.08 ? 59  ASN X C     1 
ATOM   475  O O     . ASN A 1 59  ? -9.078  -10.470 -3.327  1.00 37.88 ? 59  ASN X O     1 
ATOM   476  C CB    . ASN A 1 59  ? -6.176  -10.579 -3.941  1.00 33.49 ? 59  ASN X CB    1 
ATOM   477  C CG    . ASN A 1 59  ? -4.703  -10.897 -3.837  1.00 40.84 ? 59  ASN X CG    1 
ATOM   478  O OD1   . ASN A 1 59  ? -3.867  -10.115 -4.293  1.00 36.68 ? 59  ASN X OD1   1 
ATOM   479  N ND2   . ASN A 1 59  ? -4.370  -12.059 -3.261  1.00 37.19 ? 59  ASN X ND2   1 
ATOM   480  N N     . VAL A 1 60  ? -8.501  -8.509  -2.354  1.00 34.09 ? 60  VAL X N     1 
ATOM   481  C CA    . VAL A 1 60  ? -9.816  -7.881  -2.425  1.00 28.74 ? 60  VAL X CA    1 
ATOM   482  C C     . VAL A 1 60  ? -9.723  -6.632  -3.288  1.00 34.39 ? 60  VAL X C     1 
ATOM   483  O O     . VAL A 1 60  ? -8.905  -5.746  -3.019  1.00 31.54 ? 60  VAL X O     1 
ATOM   484  C CB    . VAL A 1 60  ? -10.352 -7.523  -1.033  1.00 33.02 ? 60  VAL X CB    1 
ATOM   485  C CG1   . VAL A 1 60  ? -11.680 -6.778  -1.166  1.00 37.41 ? 60  VAL X CG1   1 
ATOM   486  C CG2   . VAL A 1 60  ? -10.520 -8.756  -0.188  1.00 32.73 ? 60  VAL X CG2   1 
ATOM   487  N N     . VAL A 1 61  ? -10.578 -6.538  -4.305  1.00 34.00 ? 61  VAL X N     1 
ATOM   488  C CA    . VAL A 1 61  ? -10.578 -5.385  -5.189  1.00 31.31 ? 61  VAL X CA    1 
ATOM   489  C C     . VAL A 1 61  ? -11.896 -4.641  -5.034  1.00 34.85 ? 61  VAL X C     1 
ATOM   490  O O     . VAL A 1 61  ? -12.970 -5.250  -5.038  1.00 38.30 ? 61  VAL X O     1 
ATOM   491  C CB    . VAL A 1 61  ? -10.311 -5.780  -6.649  1.00 31.98 ? 61  VAL X CB    1 
ATOM   492  C CG1   . VAL A 1 61  ? -10.401 -4.542  -7.556  1.00 37.07 ? 61  VAL X CG1   1 
ATOM   493  C CG2   . VAL A 1 61  ? -8.927  -6.364  -6.772  1.00 26.34 ? 61  VAL X CG2   1 
ATOM   494  N N     . LEU A 1 62  ? -11.801 -3.332  -4.872  1.00 32.04 ? 62  LEU X N     1 
ATOM   495  C CA    . LEU A 1 62  ? -12.951 -2.448  -4.798  1.00 32.85 ? 62  LEU X CA    1 
ATOM   496  C C     . LEU A 1 62  ? -13.175 -1.846  -6.173  1.00 33.55 ? 62  LEU X C     1 
ATOM   497  O O     . LEU A 1 62  ? -12.252 -1.261  -6.755  1.00 30.79 ? 62  LEU X O     1 
ATOM   498  C CB    . LEU A 1 62  ? -12.739 -1.336  -3.768  1.00 34.46 ? 62  LEU X CB    1 
ATOM   499  C CG    . LEU A 1 62  ? -13.780 -0.209  -3.675  1.00 37.56 ? 62  LEU X CG    1 
ATOM   500  C CD1   . LEU A 1 62  ? -15.118 -0.758  -3.205  1.00 37.06 ? 62  LEU X CD1   1 
ATOM   501  C CD2   . LEU A 1 62  ? -13.310 0.896   -2.735  1.00 33.68 ? 62  LEU X CD2   1 
ATOM   502  N N     . THR A 1 63  ? -14.397 -2.001  -6.684  1.00 35.70 ? 63  THR X N     1 
ATOM   503  C CA    . THR A 1 63  ? -14.801 -1.455  -7.974  1.00 33.28 ? 63  THR X CA    1 
ATOM   504  C C     . THR A 1 63  ? -16.319 -1.330  -7.991  1.00 38.00 ? 63  THR X C     1 
ATOM   505  O O     . THR A 1 63  ? -17.025 -2.011  -7.241  1.00 36.74 ? 63  THR X O     1 
ATOM   506  C CB    . THR A 1 63  ? -14.318 -2.339  -9.138  1.00 34.53 ? 63  THR X CB    1 
ATOM   507  O OG1   . THR A 1 63  ? -14.816 -1.837  -10.382 1.00 36.72 ? 63  THR X OG1   1 
ATOM   508  C CG2   . THR A 1 63  ? -14.789 -3.753  -8.963  1.00 32.77 ? 63  THR X CG2   1 
ATOM   509  N N     . SER A 1 64  ? -16.815 -0.439  -8.854  1.00 37.55 ? 64  SER X N     1 
ATOM   510  C CA    . SER A 1 64  ? -18.253 -0.343  -9.082  1.00 39.75 ? 64  SER X CA    1 
ATOM   511  C C     . SER A 1 64  ? -18.731 -1.250  -10.213 1.00 38.99 ? 64  SER X C     1 
ATOM   512  O O     . SER A 1 64  ? -19.941 -1.399  -10.396 1.00 41.89 ? 64  SER X O     1 
ATOM   513  C CB    . SER A 1 64  ? -18.652 1.113   -9.372  1.00 32.43 ? 64  SER X CB    1 
ATOM   514  O OG    . SER A 1 64  ? -18.051 1.597   -10.569 1.00 38.44 ? 64  SER X OG    1 
ATOM   515  N N     . ASP A 1 65  ? -17.810 -1.880  -10.944 1.00 40.90 ? 65  ASP X N     1 
ATOM   516  C CA    . ASP A 1 65  ? -18.129 -2.747  -12.082 1.00 38.60 ? 65  ASP X CA    1 
ATOM   517  C C     . ASP A 1 65  ? -18.697 -4.080  -11.594 1.00 40.66 ? 65  ASP X C     1 
ATOM   518  O O     . ASP A 1 65  ? -17.965 -4.921  -11.064 1.00 39.19 ? 65  ASP X O     1 
ATOM   519  C CB    . ASP A 1 65  ? -16.864 -2.954  -12.911 1.00 45.63 ? 65  ASP X CB    1 
ATOM   520  C CG    . ASP A 1 65  ? -17.109 -3.695  -14.224 1.00 44.54 ? 65  ASP X CG    1 
ATOM   521  O OD1   . ASP A 1 65  ? -18.201 -4.260  -14.421 1.00 47.49 ? 65  ASP X OD1   1 
ATOM   522  O OD2   . ASP A 1 65  ? -16.176 -3.716  -15.054 1.00 43.87 ? 65  ASP X OD2   1 
ATOM   523  N N     . THR A 1 66  ? -19.997 -4.291  -11.794 1.00 42.61 ? 66  THR X N     1 
ATOM   524  C CA    . THR A 1 66  ? -20.626 -5.523  -11.327 1.00 37.88 ? 66  THR X CA    1 
ATOM   525  C C     . THR A 1 66  ? -20.283 -6.735  -12.187 1.00 41.12 ? 66  THR X C     1 
ATOM   526  O O     . THR A 1 66  ? -20.681 -7.852  -11.848 1.00 40.03 ? 66  THR X O     1 
ATOM   527  C CB    . THR A 1 66  ? -22.139 -5.333  -11.261 1.00 41.16 ? 66  THR X CB    1 
ATOM   528  O OG1   . THR A 1 66  ? -22.636 -4.991  -12.561 1.00 43.84 ? 66  THR X OG1   1 
ATOM   529  C CG2   . THR A 1 66  ? -22.474 -4.204  -10.307 1.00 39.88 ? 66  THR X CG2   1 
ATOM   530  N N     . SER A 1 67  ? -19.552 -6.556  -13.277 1.00 42.52 ? 67  SER X N     1 
ATOM   531  C CA    . SER A 1 67  ? -19.097 -7.684  -14.069 1.00 45.06 ? 67  SER X CA    1 
ATOM   532  C C     . SER A 1 67  ? -17.649 -8.048  -13.776 1.00 44.46 ? 67  SER X C     1 
ATOM   533  O O     . SER A 1 67  ? -17.177 -9.087  -14.258 1.00 45.78 ? 67  SER X O     1 
ATOM   534  C CB    . SER A 1 67  ? -19.263 -7.386  -15.562 1.00 40.43 ? 67  SER X CB    1 
ATOM   535  O OG    . SER A 1 67  ? -18.075 -6.816  -16.082 1.00 51.47 ? 67  SER X OG    1 
ATOM   536  N N     . PHE A 1 68  ? -16.943 -7.221  -13.007 1.00 43.15 ? 68  PHE X N     1 
ATOM   537  C CA    . PHE A 1 68  ? -15.561 -7.513  -12.667 1.00 38.14 ? 68  PHE X CA    1 
ATOM   538  C C     . PHE A 1 68  ? -15.468 -8.873  -12.008 1.00 39.98 ? 68  PHE X C     1 
ATOM   539  O O     . PHE A 1 68  ? -16.197 -9.178  -11.061 1.00 36.94 ? 68  PHE X O     1 
ATOM   540  C CB    . PHE A 1 68  ? -14.990 -6.442  -11.740 1.00 44.28 ? 68  PHE X CB    1 
ATOM   541  C CG    . PHE A 1 68  ? -13.495 -6.567  -11.480 1.00 35.53 ? 68  PHE X CG    1 
ATOM   542  C CD1   . PHE A 1 68  ? -13.021 -7.368  -10.460 1.00 35.33 ? 68  PHE X CD1   1 
ATOM   543  C CD2   . PHE A 1 68  ? -12.583 -5.850  -12.242 1.00 40.67 ? 68  PHE X CD2   1 
ATOM   544  C CE1   . PHE A 1 68  ? -11.662 -7.464  -10.206 1.00 42.29 ? 68  PHE X CE1   1 
ATOM   545  C CE2   . PHE A 1 68  ? -11.232 -5.930  -11.996 1.00 37.76 ? 68  PHE X CE2   1 
ATOM   546  C CZ    . PHE A 1 68  ? -10.767 -6.744  -10.973 1.00 40.05 ? 68  PHE X CZ    1 
ATOM   547  N N     . ASN A 1 69  ? -14.557 -9.691  -12.522 1.00 40.53 ? 69  ASN X N     1 
ATOM   548  C CA    . ASN A 1 69  ? -14.375 -11.033 -12.012 1.00 45.18 ? 69  ASN X CA    1 
ATOM   549  C C     . ASN A 1 69  ? -12.988 -11.494 -12.413 1.00 45.82 ? 69  ASN X C     1 
ATOM   550  O O     . ASN A 1 69  ? -12.613 -11.375 -13.582 1.00 46.24 ? 69  ASN X O     1 
ATOM   551  C CB    . ASN A 1 69  ? -15.442 -11.969 -12.570 1.00 48.00 ? 69  ASN X CB    1 
ATOM   552  C CG    . ASN A 1 69  ? -15.533 -13.231 -11.799 1.00 53.90 ? 69  ASN X CG    1 
ATOM   553  O OD1   . ASN A 1 69  ? -14.743 -14.153 -12.014 1.00 51.91 ? 69  ASN X OD1   1 
ATOM   554  N ND2   . ASN A 1 69  ? -16.474 -13.281 -10.854 1.00 55.16 ? 69  ASN X ND2   1 
ATOM   555  N N     . VAL A 1 70  ? -12.225 -11.986 -11.444 1.00 37.07 ? 70  VAL X N     1 
ATOM   556  C CA    . VAL A 1 70  ? -10.876 -12.479 -11.686 1.00 40.30 ? 70  VAL X CA    1 
ATOM   557  C C     . VAL A 1 70  ? -10.667 -13.657 -10.750 1.00 44.01 ? 70  VAL X C     1 
ATOM   558  O O     . VAL A 1 70  ? -10.964 -13.568 -9.554  1.00 44.50 ? 70  VAL X O     1 
ATOM   559  C CB    . VAL A 1 70  ? -9.785  -11.403 -11.446 1.00 44.11 ? 70  VAL X CB    1 
ATOM   560  C CG1   . VAL A 1 70  ? -8.404  -11.994 -11.656 1.00 43.14 ? 70  VAL X CG1   1 
ATOM   561  C CG2   . VAL A 1 70  ? -9.960  -10.173 -12.350 1.00 36.54 ? 70  VAL X CG2   1 
ATOM   562  N N     . GLU A 1 71  ? -10.175 -14.758 -11.294 1.00 43.25 ? 71  GLU X N     1 
ATOM   563  C CA    . GLU A 1 71  ? -9.852  -15.920 -10.479 1.00 51.60 ? 71  GLU X CA    1 
ATOM   564  C C     . GLU A 1 71  ? -8.849  -15.544 -9.381  1.00 48.51 ? 71  GLU X C     1 
ATOM   565  O O     . GLU A 1 71  ? -7.784  -14.991 -9.656  1.00 42.78 ? 71  GLU X O     1 
ATOM   566  C CB    . GLU A 1 71  ? -9.304  -17.036 -11.355 1.00 54.32 ? 71  GLU X CB    1 
ATOM   567  C CG    . GLU A 1 71  ? -9.843  -18.413 -11.013 1.00 65.01 ? 71  GLU X CG    1 
ATOM   568  C CD    . GLU A 1 71  ? -8.912  -19.193 -10.096 1.00 72.38 ? 71  GLU X CD    1 
ATOM   569  O OE1   . GLU A 1 71  ? -7.682  -18.961 -10.172 1.00 75.22 ? 71  GLU X OE1   1 
ATOM   570  O OE2   . GLU A 1 71  ? -9.404  -20.047 -9.318  1.00 68.86 ? 71  GLU X OE2   1 
ATOM   571  N N     . GLY A 1 72  ? -9.205  -15.829 -8.128  1.00 43.48 ? 72  GLY X N     1 
ATOM   572  C CA    . GLY A 1 72  ? -8.364  -15.530 -6.996  1.00 42.17 ? 72  GLY X CA    1 
ATOM   573  C C     . GLY A 1 72  ? -8.558  -14.155 -6.391  1.00 41.47 ? 72  GLY X C     1 
ATOM   574  O O     . GLY A 1 72  ? -7.743  -13.744 -5.556  1.00 44.78 ? 72  GLY X O     1 
ATOM   575  N N     . VAL A 1 73  ? -9.608  -13.434 -6.775  1.00 42.60 ? 73  VAL X N     1 
ATOM   576  C CA    . VAL A 1 73  ? -9.851  -12.065 -6.341  1.00 36.27 ? 73  VAL X CA    1 
ATOM   577  C C     . VAL A 1 73  ? -11.280 -11.976 -5.833  1.00 40.64 ? 73  VAL X C     1 
ATOM   578  O O     . VAL A 1 73  ? -12.219 -12.353 -6.538  1.00 41.96 ? 73  VAL X O     1 
ATOM   579  C CB    . VAL A 1 73  ? -9.625  -11.060 -7.485  1.00 33.35 ? 73  VAL X CB    1 
ATOM   580  C CG1   . VAL A 1 73  ? -10.262 -9.721  -7.179  1.00 28.14 ? 73  VAL X CG1   1 
ATOM   581  C CG2   . VAL A 1 73  ? -8.149  -10.894 -7.768  1.00 34.34 ? 73  VAL X CG2   1 
ATOM   582  N N     . ASP A 1 74  ? -11.445 -11.479 -4.620  1.00 39.12 ? 74  ASP X N     1 
ATOM   583  C CA    . ASP A 1 74  ? -12.763 -11.196 -4.068  1.00 38.83 ? 74  ASP X CA    1 
ATOM   584  C C     . ASP A 1 74  ? -13.128 -9.742  -4.325  1.00 41.71 ? 74  ASP X C     1 
ATOM   585  O O     . ASP A 1 74  ? -12.338 -8.839  -4.030  1.00 43.20 ? 74  ASP X O     1 
ATOM   586  C CB    . ASP A 1 74  ? -12.785 -11.467 -2.572  1.00 37.72 ? 74  ASP X CB    1 
ATOM   587  C CG    . ASP A 1 74  ? -12.479 -12.881 -2.262  1.00 42.26 ? 74  ASP X CG    1 
ATOM   588  O OD1   . ASP A 1 74  ? -12.601 -13.709 -3.191  1.00 44.42 ? 74  ASP X OD1   1 
ATOM   589  O OD2   . ASP A 1 74  ? -12.104 -13.159 -1.105  1.00 46.82 ? 74  ASP X OD2   1 
ATOM   590  N N     . VAL A 1 75  ? -14.327 -9.522  -4.837  1.00 37.43 ? 75  VAL X N     1 
ATOM   591  C CA    . VAL A 1 75  ? -14.772 -8.202  -5.263  1.00 41.10 ? 75  VAL X CA    1 
ATOM   592  C C     . VAL A 1 75  ? -15.670 -7.613  -4.187  1.00 37.41 ? 75  VAL X C     1 
ATOM   593  O O     . VAL A 1 75  ? -16.512 -8.305  -3.607  1.00 41.82 ? 75  VAL X O     1 
ATOM   594  C CB    . VAL A 1 75  ? -15.500 -8.278  -6.624  1.00 41.88 ? 75  VAL X CB    1 
ATOM   595  C CG1   . VAL A 1 75  ? -15.925 -6.897  -7.091  1.00 37.09 ? 75  VAL X CG1   1 
ATOM   596  C CG2   . VAL A 1 75  ? -14.613 -8.944  -7.665  1.00 38.97 ? 75  VAL X CG2   1 
ATOM   597  N N     . ILE A 1 76  ? -15.481 -6.331  -3.906  1.00 40.09 ? 76  ILE X N     1 
ATOM   598  C CA    . ILE A 1 76  ? -16.407 -5.565  -3.089  1.00 37.08 ? 76  ILE X CA    1 
ATOM   599  C C     . ILE A 1 76  ? -16.753 -4.311  -3.877  1.00 36.96 ? 76  ILE X C     1 
ATOM   600  O O     . ILE A 1 76  ? -16.008 -3.890  -4.762  1.00 37.12 ? 76  ILE X O     1 
ATOM   601  C CB    . ILE A 1 76  ? -15.828 -5.218  -1.698  1.00 39.62 ? 76  ILE X CB    1 
ATOM   602  C CG1   . ILE A 1 76  ? -14.573 -4.340  -1.837  1.00 39.12 ? 76  ILE X CG1   1 
ATOM   603  C CG2   . ILE A 1 76  ? -15.515 -6.498  -0.932  1.00 34.38 ? 76  ILE X CG2   1 
ATOM   604  C CD1   . ILE A 1 76  ? -14.090 -3.730  -0.531  1.00 35.06 ? 76  ILE X CD1   1 
ATOM   605  N N     . HIS A 1 77  ? -17.921 -3.732  -3.567  1.00 41.33 ? 77  HIS X N     1 
ATOM   606  C CA    . HIS A 1 77  ? -18.420 -2.560  -4.275  1.00 39.20 ? 77  HIS X CA    1 
ATOM   607  C C     . HIS A 1 77  ? -18.609 -1.350  -3.383  1.00 39.08 ? 77  HIS X C     1 
ATOM   608  O O     . HIS A 1 77  ? -19.049 -0.312  -3.874  1.00 39.25 ? 77  HIS X O     1 
ATOM   609  C CB    . HIS A 1 77  ? -19.761 -2.861  -4.965  1.00 42.44 ? 77  HIS X CB    1 
ATOM   610  C CG    . HIS A 1 77  ? -19.708 -4.029  -5.881  1.00 35.80 ? 77  HIS X CG    1 
ATOM   611  N ND1   . HIS A 1 77  ? -18.993 -4.011  -7.060  1.00 44.28 ? 77  HIS X ND1   1 
ATOM   612  C CD2   . HIS A 1 77  ? -20.242 -5.268  -5.783  1.00 38.45 ? 77  HIS X CD2   1 
ATOM   613  C CE1   . HIS A 1 77  ? -19.099 -5.187  -7.655  1.00 43.63 ? 77  HIS X CE1   1 
ATOM   614  N NE2   . HIS A 1 77  ? -19.851 -5.968  -6.900  1.00 46.56 ? 77  HIS X NE2   1 
ATOM   615  N N     . SER A 1 78  ? -18.299 -1.450  -2.100  1.00 43.20 ? 78  SER X N     1 
ATOM   616  C CA    . SER A 1 78  ? -18.561 -0.382  -1.151  1.00 44.67 ? 78  SER X CA    1 
ATOM   617  C C     . SER A 1 78  ? -17.380 -0.248  -0.208  1.00 39.33 ? 78  SER X C     1 
ATOM   618  O O     . SER A 1 78  ? -16.770 -1.251  0.170   1.00 42.29 ? 78  SER X O     1 
ATOM   619  C CB    . SER A 1 78  ? -19.846 -0.667  -0.351  1.00 50.87 ? 78  SER X CB    1 
ATOM   620  O OG    . SER A 1 78  ? -20.014 0.260   0.708   1.00 58.43 ? 78  SER X OG    1 
ATOM   621  N N     . ILE A 1 79  ? -17.070 0.994   0.172   1.00 42.75 ? 79  ILE X N     1 
ATOM   622  C CA    . ILE A 1 79  ? -16.092 1.237   1.236   1.00 43.00 ? 79  ILE X CA    1 
ATOM   623  C C     . ILE A 1 79  ? -16.475 0.475   2.494   1.00 41.95 ? 79  ILE X C     1 
ATOM   624  O O     . ILE A 1 79  ? -15.619 -0.103  3.176   1.00 39.24 ? 79  ILE X O     1 
ATOM   625  C CB    . ILE A 1 79  ? -15.966 2.747   1.519   1.00 44.07 ? 79  ILE X CB    1 
ATOM   626  C CG1   . ILE A 1 79  ? -15.093 3.410   0.470   1.00 44.22 ? 79  ILE X CG1   1 
ATOM   627  C CG2   . ILE A 1 79  ? -15.351 2.994   2.884   1.00 46.13 ? 79  ILE X CG2   1 
ATOM   628  C CD1   . ILE A 1 79  ? -13.665 2.982   0.551   1.00 36.49 ? 79  ILE X CD1   1 
ATOM   629  N N     . GLU A 1 80  ? -17.773 0.445   2.814   1.00 42.80 ? 80  GLU X N     1 
ATOM   630  C CA    . GLU A 1 80  ? -18.217 -0.144  4.074   1.00 45.25 ? 80  GLU X CA    1 
ATOM   631  C C     . GLU A 1 80  ? -18.008 -1.646  4.122   1.00 42.16 ? 80  GLU X C     1 
ATOM   632  O O     . GLU A 1 80  ? -17.926 -2.211  5.216   1.00 47.02 ? 80  GLU X O     1 
ATOM   633  C CB    . GLU A 1 80  ? -19.682 0.214   4.331   1.00 48.91 ? 80  GLU X CB    1 
ATOM   634  C CG    . GLU A 1 80  ? -19.822 1.509   5.137   1.00 56.48 ? 80  GLU X CG    1 
ATOM   635  C CD    . GLU A 1 80  ? -19.731 2.760   4.264   1.00 66.38 ? 80  GLU X CD    1 
ATOM   636  O OE1   . GLU A 1 80  ? -19.371 3.848   4.788   1.00 67.92 ? 80  GLU X OE1   1 
ATOM   637  O OE2   . GLU A 1 80  ? -20.033 2.652   3.048   1.00 67.18 ? 80  GLU X OE2   1 
ATOM   638  N N     . ASP A 1 81  ? -17.878 -2.304  2.973   1.00 39.00 ? 81  ASP X N     1 
ATOM   639  C CA    . ASP A 1 81  ? -17.553 -3.725  2.987   1.00 41.54 ? 81  ASP X CA    1 
ATOM   640  C C     . ASP A 1 81  ? -16.149 -4.001  3.525   1.00 42.17 ? 81  ASP X C     1 
ATOM   641  O O     . ASP A 1 81  ? -15.904 -5.104  4.030   1.00 41.36 ? 81  ASP X O     1 
ATOM   642  C CB    . ASP A 1 81  ? -17.712 -4.305  1.583   1.00 44.42 ? 81  ASP X CB    1 
ATOM   643  C CG    . ASP A 1 81  ? -19.140 -4.191  1.073   1.00 47.81 ? 81  ASP X CG    1 
ATOM   644  O OD1   . ASP A 1 81  ? -20.066 -4.065  1.909   1.00 50.71 ? 81  ASP X OD1   1 
ATOM   645  O OD2   . ASP A 1 81  ? -19.335 -4.225  -0.156  1.00 52.83 ? 81  ASP X OD2   1 
ATOM   646  N N     . ILE A 1 82  ? -15.228 -3.033  3.429   1.00 35.99 ? 82  ILE X N     1 
ATOM   647  C CA    . ILE A 1 82  ? -13.898 -3.199  4.017   1.00 38.21 ? 82  ILE X CA    1 
ATOM   648  C C     . ILE A 1 82  ? -14.004 -3.579  5.493   1.00 39.45 ? 82  ILE X C     1 
ATOM   649  O O     . ILE A 1 82  ? -13.297 -4.473  5.974   1.00 43.66 ? 82  ILE X O     1 
ATOM   650  C CB    . ILE A 1 82  ? -13.064 -1.917  3.810   1.00 37.29 ? 82  ILE X CB    1 
ATOM   651  C CG1   . ILE A 1 82  ? -12.840 -1.673  2.317   1.00 35.48 ? 82  ILE X CG1   1 
ATOM   652  C CG2   . ILE A 1 82  ? -11.725 -1.998  4.558   1.00 37.23 ? 82  ILE X CG2   1 
ATOM   653  C CD1   . ILE A 1 82  ? -12.088 -0.425  2.004   1.00 32.35 ? 82  ILE X CD1   1 
ATOM   654  N N     . TYR A 1 83  ? -14.932 -2.948  6.214   1.00 43.18 ? 83  TYR X N     1 
ATOM   655  C CA    . TYR A 1 83  ? -15.090 -3.168  7.646   1.00 43.86 ? 83  TYR X CA    1 
ATOM   656  C C     . TYR A 1 83  ? -15.660 -4.538  7.991   1.00 44.17 ? 83  TYR X C     1 
ATOM   657  O O     . TYR A 1 83  ? -15.567 -4.946  9.152   1.00 47.65 ? 83  TYR X O     1 
ATOM   658  C CB    . TYR A 1 83  ? -15.966 -2.068  8.232   1.00 41.03 ? 83  TYR X CB    1 
ATOM   659  C CG    . TYR A 1 83  ? -15.458 -0.680  7.914   1.00 41.66 ? 83  TYR X CG    1 
ATOM   660  C CD1   . TYR A 1 83  ? -14.208 -0.259  8.357   1.00 45.76 ? 83  TYR X CD1   1 
ATOM   661  C CD2   . TYR A 1 83  ? -16.226 0.213   7.176   1.00 45.18 ? 83  TYR X CD2   1 
ATOM   662  C CE1   . TYR A 1 83  ? -13.729 1.018   8.067   1.00 46.18 ? 83  TYR X CE1   1 
ATOM   663  C CE2   . TYR A 1 83  ? -15.760 1.497   6.885   1.00 48.28 ? 83  TYR X CE2   1 
ATOM   664  C CZ    . TYR A 1 83  ? -14.507 1.896   7.328   1.00 50.68 ? 83  TYR X CZ    1 
ATOM   665  O OH    . TYR A 1 83  ? -14.039 3.171   7.043   1.00 49.01 ? 83  TYR X OH    1 
ATOM   666  N N     . GLN A 1 84  ? -16.226 -5.267  7.030   1.00 43.56 ? 84  GLN X N     1 
ATOM   667  C CA    . GLN A 1 84  ? -16.640 -6.637  7.303   1.00 42.26 ? 84  GLN X CA    1 
ATOM   668  C C     . GLN A 1 84  ? -15.550 -7.652  6.989   1.00 46.33 ? 84  GLN X C     1 
ATOM   669  O O     . GLN A 1 84  ? -15.740 -8.842  7.258   1.00 43.85 ? 84  GLN X O     1 
ATOM   670  C CB    . GLN A 1 84  ? -17.906 -7.009  6.513   1.00 43.51 ? 84  GLN X CB    1 
ATOM   671  C CG    . GLN A 1 84  ? -18.940 -5.893  6.355   1.00 51.93 ? 84  GLN X CG    1 
ATOM   672  C CD    . GLN A 1 84  ? -19.319 -5.237  7.675   1.00 52.49 ? 84  GLN X CD    1 
ATOM   673  O OE1   . GLN A 1 84  ? -19.509 -5.911  8.687   1.00 54.04 ? 84  GLN X OE1   1 
ATOM   674  N NE2   . GLN A 1 84  ? -19.427 -3.906  7.665   1.00 55.55 ? 84  GLN X NE2   1 
ATOM   675  N N     . LEU A 1 85  ? -14.430 -7.229  6.415   1.00 41.20 ? 85  LEU X N     1 
ATOM   676  C CA    . LEU A 1 85  ? -13.361 -8.179  6.148   1.00 40.45 ? 85  LEU X CA    1 
ATOM   677  C C     . LEU A 1 85  ? -12.754 -8.634  7.471   1.00 44.52 ? 85  LEU X C     1 
ATOM   678  O O     . LEU A 1 85  ? -12.405 -7.793  8.313   1.00 41.12 ? 85  LEU X O     1 
ATOM   679  C CB    . LEU A 1 85  ? -12.286 -7.571  5.252   1.00 35.76 ? 85  LEU X CB    1 
ATOM   680  C CG    . LEU A 1 85  ? -12.774 -7.223  3.857   1.00 39.04 ? 85  LEU X CG    1 
ATOM   681  C CD1   . LEU A 1 85  ? -11.661 -6.582  3.072   1.00 36.62 ? 85  LEU X CD1   1 
ATOM   682  C CD2   . LEU A 1 85  ? -13.284 -8.470  3.138   1.00 38.19 ? 85  LEU X CD2   1 
ATOM   683  N N     . PRO A 1 86  ? -12.655 -9.937  7.710   1.00 45.73 ? 86  PRO X N     1 
ATOM   684  C CA    . PRO A 1 86  ? -12.010 -10.422 8.931   1.00 41.80 ? 86  PRO X CA    1 
ATOM   685  C C     . PRO A 1 86  ? -10.494 -10.357 8.862   1.00 41.62 ? 86  PRO X C     1 
ATOM   686  O O     . PRO A 1 86  ? -9.884  -10.411 7.786   1.00 44.01 ? 86  PRO X O     1 
ATOM   687  C CB    . PRO A 1 86  ? -12.478 -11.882 9.018   1.00 41.81 ? 86  PRO X CB    1 
ATOM   688  C CG    . PRO A 1 86  ? -12.785 -12.260 7.598   1.00 39.72 ? 86  PRO X CG    1 
ATOM   689  C CD    . PRO A 1 86  ? -13.361 -11.013 6.990   1.00 41.41 ? 86  PRO X CD    1 
ATOM   690  N N     . GLY A 1 87  ? -9.893  -10.267 10.047  1.00 36.67 ? 87  GLY X N     1 
ATOM   691  C CA    . GLY A 1 87  ? -8.462  -10.438 10.189  1.00 34.86 ? 87  GLY X CA    1 
ATOM   692  C C     . GLY A 1 87  ? -7.712  -9.129  10.060  1.00 36.67 ? 87  GLY X C     1 
ATOM   693  O O     . GLY A 1 87  ? -8.261  -8.039  10.244  1.00 35.90 ? 87  GLY X O     1 
ATOM   694  N N     . HIS A 1 88  ? -6.425  -9.250  9.740   1.00 36.78 ? 88  HIS X N     1 
ATOM   695  C CA    . HIS A 1 88  ? -5.601  -8.073  9.492   1.00 35.12 ? 88  HIS X CA    1 
ATOM   696  C C     . HIS A 1 88  ? -5.769  -7.640  8.039   1.00 34.42 ? 88  HIS X C     1 
ATOM   697  O O     . HIS A 1 88  ? -5.466  -8.407  7.114   1.00 33.13 ? 88  HIS X O     1 
ATOM   698  C CB    . HIS A 1 88  ? -4.137  -8.363  9.800   1.00 36.44 ? 88  HIS X CB    1 
ATOM   699  C CG    . HIS A 1 88  ? -3.320  -7.134  10.046  1.00 35.92 ? 88  HIS X CG    1 
ATOM   700  N ND1   . HIS A 1 88  ? -2.030  -7.182  10.527  1.00 37.49 ? 88  HIS X ND1   1 
ATOM   701  C CD2   . HIS A 1 88  ? -3.617  -5.821  9.893   1.00 38.55 ? 88  HIS X CD2   1 
ATOM   702  C CE1   . HIS A 1 88  ? -1.565  -5.953  10.659  1.00 37.69 ? 88  HIS X CE1   1 
ATOM   703  N NE2   . HIS A 1 88  ? -2.507  -5.106  10.281  1.00 37.07 ? 88  HIS X NE2   1 
ATOM   704  N N     . VAL A 1 89  ? -6.251  -6.413  7.842   1.00 34.08 ? 89  VAL X N     1 
ATOM   705  C CA    . VAL A 1 89  ? -6.566  -5.875  6.521   1.00 32.21 ? 89  VAL X CA    1 
ATOM   706  C C     . VAL A 1 89  ? -5.593  -4.744  6.217   1.00 32.79 ? 89  VAL X C     1 
ATOM   707  O O     . VAL A 1 89  ? -5.511  -3.771  6.975   1.00 32.39 ? 89  VAL X O     1 
ATOM   708  C CB    . VAL A 1 89  ? -8.017  -5.375  6.447   1.00 36.90 ? 89  VAL X CB    1 
ATOM   709  C CG1   . VAL A 1 89  ? -8.322  -4.817  5.066   1.00 32.12 ? 89  VAL X CG1   1 
ATOM   710  C CG2   . VAL A 1 89  ? -8.984  -6.487  6.821   1.00 36.08 ? 89  VAL X CG2   1 
ATOM   711  N N     . PHE A 1 90  ? -4.879  -4.860  5.096   1.00 31.64 ? 90  PHE X N     1 
ATOM   712  C CA    . PHE A 1 90  ? -3.980  -3.824  4.602   1.00 30.80 ? 90  PHE X CA    1 
ATOM   713  C C     . PHE A 1 90  ? -4.601  -3.128  3.395   1.00 32.68 ? 90  PHE X C     1 
ATOM   714  O O     . PHE A 1 90  ? -4.836  -3.770  2.364   1.00 30.86 ? 90  PHE X O     1 
ATOM   715  C CB    . PHE A 1 90  ? -2.638  -4.424  4.202   1.00 28.37 ? 90  PHE X CB    1 
ATOM   716  C CG    . PHE A 1 90  ? -1.881  -5.031  5.336   1.00 33.43 ? 90  PHE X CG    1 
ATOM   717  C CD1   . PHE A 1 90  ? -2.080  -6.363  5.691   1.00 30.90 ? 90  PHE X CD1   1 
ATOM   718  C CD2   . PHE A 1 90  ? -0.964  -4.268  6.051   1.00 30.11 ? 90  PHE X CD2   1 
ATOM   719  C CE1   . PHE A 1 90  ? -1.368  -6.922  6.740   1.00 37.65 ? 90  PHE X CE1   1 
ATOM   720  C CE2   . PHE A 1 90  ? -0.258  -4.808  7.105   1.00 30.69 ? 90  PHE X CE2   1 
ATOM   721  C CZ    . PHE A 1 90  ? -0.449  -6.137  7.452   1.00 36.57 ? 90  PHE X CZ    1 
ATOM   722  N N     . ILE A 1 91  ? -4.824  -1.813  3.512   1.00 35.79 ? 91  ILE X N     1 
ATOM   723  C CA    . ILE A 1 91  ? -5.124  -0.981  2.348   1.00 29.08 ? 91  ILE X CA    1 
ATOM   724  C C     . ILE A 1 91  ? -3.846  -0.775  1.541   1.00 28.82 ? 91  ILE X C     1 
ATOM   725  O O     . ILE A 1 91  ? -2.885  -0.152  2.014   1.00 27.69 ? 91  ILE X O     1 
ATOM   726  C CB    . ILE A 1 91  ? -5.720  0.366   2.765   1.00 27.71 ? 91  ILE X CB    1 
ATOM   727  C CG1   . ILE A 1 91  ? -6.859  0.194   3.778   1.00 29.56 ? 91  ILE X CG1   1 
ATOM   728  C CG2   . ILE A 1 91  ? -6.152  1.138   1.529   1.00 29.79 ? 91  ILE X CG2   1 
ATOM   729  C CD1   . ILE A 1 91  ? -8.025  -0.618  3.265   1.00 32.54 ? 91  ILE X CD1   1 
ATOM   730  N N     . PHE A 1 92  ? -3.860  -1.237  0.293   1.00 25.71 ? 92  PHE X N     1 
ATOM   731  C CA    . PHE A 1 92  ? -2.670  -1.399  -0.530  1.00 26.74 ? 92  PHE X CA    1 
ATOM   732  C C     . PHE A 1 92  ? -2.517  -0.355  -1.632  1.00 28.31 ? 92  PHE X C     1 
ATOM   733  O O     . PHE A 1 92  ? -1.412  -0.215  -2.160  1.00 26.77 ? 92  PHE X O     1 
ATOM   734  C CB    . PHE A 1 92  ? -2.700  -2.803  -1.155  1.00 26.55 ? 92  PHE X CB    1 
ATOM   735  C CG    . PHE A 1 92  ? -1.365  -3.333  -1.619  1.00 29.47 ? 92  PHE X CG    1 
ATOM   736  C CD1   . PHE A 1 92  ? -0.280  -3.411  -0.756  1.00 26.49 ? 92  PHE X CD1   1 
ATOM   737  C CD2   . PHE A 1 92  ? -1.224  -3.834  -2.919  1.00 28.32 ? 92  PHE X CD2   1 
ATOM   738  C CE1   . PHE A 1 92  ? 0.935   -3.933  -1.185  1.00 26.90 ? 92  PHE X CE1   1 
ATOM   739  C CE2   . PHE A 1 92  ? -0.010  -4.371  -3.358  1.00 30.92 ? 92  PHE X CE2   1 
ATOM   740  C CZ    . PHE A 1 92  ? 1.077   -4.420  -2.489  1.00 28.25 ? 92  PHE X CZ    1 
ATOM   741  N N     . GLY A 1 93  ? -3.567  0.378   -1.982  1.00 27.45 ? 93  GLY X N     1 
ATOM   742  C CA    . GLY A 1 93  ? -3.527  1.318   -3.097  1.00 26.76 ? 93  GLY X CA    1 
ATOM   743  C C     . GLY A 1 93  ? -4.899  1.458   -3.731  1.00 26.80 ? 93  GLY X C     1 
ATOM   744  O O     . GLY A 1 93  ? -5.791  0.662   -3.491  1.00 28.12 ? 93  GLY X O     1 
ATOM   745  N N     . GLY A 1 94  ? -5.079  2.528   -4.524  1.00 24.67 ? 94  GLY X N     1 
ATOM   746  C CA    . GLY A 1 94  ? -4.073  3.531   -4.838  1.00 27.59 ? 94  GLY X CA    1 
ATOM   747  C C     . GLY A 1 94  ? -4.338  4.884   -4.206  1.00 26.77 ? 94  GLY X C     1 
ATOM   748  O O     . GLY A 1 94  ? -4.743  4.951   -3.047  1.00 27.78 ? 94  GLY X O     1 
ATOM   749  N N     . GLN A 1 95  ? -4.099  5.967   -4.952  1.00 25.02 ? 95  GLN X N     1 
ATOM   750  C CA    . GLN A 1 95  ? -4.290  7.300   -4.387  1.00 27.78 ? 95  GLN X CA    1 
ATOM   751  C C     . GLN A 1 95  ? -5.735  7.509   -3.947  1.00 30.01 ? 95  GLN X C     1 
ATOM   752  O O     . GLN A 1 95  ? -5.994  8.002   -2.844  1.00 29.54 ? 95  GLN X O     1 
ATOM   753  C CB    . GLN A 1 95  ? -3.881  8.373   -5.393  1.00 26.34 ? 95  GLN X CB    1 
ATOM   754  C CG    . GLN A 1 95  ? -4.402  9.757   -4.997  1.00 27.51 ? 95  GLN X CG    1 
ATOM   755  C CD    . GLN A 1 95  ? -3.903  10.873  -5.893  1.00 29.73 ? 95  GLN X CD    1 
ATOM   756  O OE1   . GLN A 1 95  ? -3.002  10.686  -6.711  1.00 28.56 ? 95  GLN X OE1   1 
ATOM   757  N NE2   . GLN A 1 95  ? -4.498  12.047  -5.745  1.00 34.98 ? 95  GLN X NE2   1 
ATOM   758  N N     . THR A 1 96  ? -6.694  7.099   -4.785  1.00 33.01 ? 96  THR X N     1 
ATOM   759  C CA    . THR A 1 96  ? -8.098  7.340   -4.471  1.00 28.45 ? 96  THR X CA    1 
ATOM   760  C C     . THR A 1 96  ? -8.497  6.638   -3.182  1.00 30.58 ? 96  THR X C     1 
ATOM   761  O O     . THR A 1 96  ? -9.061  7.253   -2.272  1.00 30.30 ? 96  THR X O     1 
ATOM   762  C CB    . THR A 1 96  ? -8.976  6.874   -5.630  1.00 28.82 ? 96  THR X CB    1 
ATOM   763  O OG1   . THR A 1 96  ? -8.663  7.648   -6.786  1.00 30.02 ? 96  THR X OG1   1 
ATOM   764  C CG2   . THR A 1 96  ? -10.472 7.046   -5.292  1.00 28.24 ? 96  THR X CG2   1 
ATOM   765  N N     . LEU A 1 97  ? -8.205  5.340   -3.082  1.00 29.73 ? 97  LEU X N     1 
ATOM   766  C CA    . LEU A 1 97  ? -8.598  4.610   -1.885  1.00 29.61 ? 97  LEU X CA    1 
ATOM   767  C C     . LEU A 1 97  ? -7.797  5.057   -0.651  1.00 28.93 ? 97  LEU X C     1 
ATOM   768  O O     . LEU A 1 97  ? -8.345  5.089   0.454   1.00 28.59 ? 97  LEU X O     1 
ATOM   769  C CB    . LEU A 1 97  ? -8.464  3.108   -2.136  1.00 31.15 ? 97  LEU X CB    1 
ATOM   770  C CG    . LEU A 1 97  ? -8.874  2.228   -0.965  1.00 31.79 ? 97  LEU X CG    1 
ATOM   771  C CD1   . LEU A 1 97  ? -10.351 2.367   -0.733  1.00 27.61 ? 97  LEU X CD1   1 
ATOM   772  C CD2   . LEU A 1 97  ? -8.536  0.806   -1.265  1.00 36.52 ? 97  LEU X CD2   1 
ATOM   773  N N     . PHE A 1 98  ? -6.515  5.414   -0.808  1.00 26.96 ? 98  PHE X N     1 
ATOM   774  C CA    . PHE A 1 98  ? -5.784  5.985   0.328   1.00 29.61 ? 98  PHE X CA    1 
ATOM   775  C C     . PHE A 1 98  ? -6.482  7.255   0.828   1.00 29.27 ? 98  PHE X C     1 
ATOM   776  O O     . PHE A 1 98  ? -6.673  7.434   2.038   1.00 28.30 ? 98  PHE X O     1 
ATOM   777  C CB    . PHE A 1 98  ? -4.323  6.278   -0.049  1.00 23.36 ? 98  PHE X CB    1 
ATOM   778  C CG    . PHE A 1 98  ? -3.420  5.045   -0.105  1.00 26.72 ? 98  PHE X CG    1 
ATOM   779  C CD1   . PHE A 1 98  ? -3.572  4.004   0.789   1.00 25.70 ? 98  PHE X CD1   1 
ATOM   780  C CD2   . PHE A 1 98  ? -2.409  4.955   -1.048  1.00 21.54 ? 98  PHE X CD2   1 
ATOM   781  C CE1   . PHE A 1 98  ? -2.749  2.873   0.730   1.00 24.16 ? 98  PHE X CE1   1 
ATOM   782  C CE2   . PHE A 1 98  ? -1.586  3.830   -1.115  1.00 28.55 ? 98  PHE X CE2   1 
ATOM   783  C CZ    . PHE A 1 98  ? -1.755  2.785   -0.222  1.00 24.53 ? 98  PHE X CZ    1 
ATOM   784  N N     . GLU A 1 99  ? -6.890  8.142   -0.099  1.00 26.36 ? 99  GLU X N     1 
ATOM   785  C CA    . GLU A 1 99  ? -7.633  9.347   0.284   1.00 29.09 ? 99  GLU X CA    1 
ATOM   786  C C     . GLU A 1 99  ? -8.900  8.999   1.053   1.00 28.29 ? 99  GLU X C     1 
ATOM   787  O O     . GLU A 1 99  ? -9.249  9.671   2.027   1.00 32.15 ? 99  GLU X O     1 
ATOM   788  C CB    . GLU A 1 99  ? -7.978  10.183  -0.950  1.00 24.47 ? 99  GLU X CB    1 
ATOM   789  C CG    . GLU A 1 99  ? -6.822  11.074  -1.445  1.00 27.79 ? 99  GLU X CG    1 
ATOM   790  C CD    . GLU A 1 99  ? -7.016  11.602  -2.867  1.00 31.93 ? 99  GLU X CD    1 
ATOM   791  O OE1   . GLU A 1 99  ? -6.070  12.207  -3.430  1.00 28.68 ? 99  GLU X OE1   1 
ATOM   792  O OE2   . GLU A 1 99  ? -8.114  11.406  -3.435  1.00 35.90 ? 99  GLU X OE2   1 
ATOM   793  N N     . GLU A 1 100 ? -9.582  7.936   0.645   1.00 28.72 ? 100 GLU X N     1 
ATOM   794  C CA    . GLU A 1 100 ? -10.797 7.497   1.310   1.00 28.27 ? 100 GLU X CA    1 
ATOM   795  C C     . GLU A 1 100 ? -10.527 6.840   2.649   1.00 31.53 ? 100 GLU X C     1 
ATOM   796  O O     . GLU A 1 100 ? -11.409 6.835   3.508   1.00 29.37 ? 100 GLU X O     1 
ATOM   797  C CB    . GLU A 1 100 ? -11.550 6.512   0.418   1.00 27.83 ? 100 GLU X CB    1 
ATOM   798  C CG    . GLU A 1 100 ? -12.135 7.153   -0.843  1.00 29.95 ? 100 GLU X CG    1 
ATOM   799  C CD    . GLU A 1 100 ? -12.875 6.143   -1.718  1.00 33.70 ? 100 GLU X CD    1 
ATOM   800  O OE1   . GLU A 1 100 ? -12.209 5.388   -2.450  1.00 29.78 ? 100 GLU X OE1   1 
ATOM   801  O OE2   . GLU A 1 100 ? -14.124 6.095   -1.657  1.00 38.30 ? 100 GLU X OE2   1 
ATOM   802  N N     . MET A 1 101 ? -9.339  6.261   2.851   1.00 32.40 ? 101 MET X N     1 
ATOM   803  C CA    . MET A 1 101 ? -9.095  5.451   4.035   1.00 32.13 ? 101 MET X CA    1 
ATOM   804  C C     . MET A 1 101 ? -8.091  6.035   5.029   1.00 30.09 ? 101 MET X C     1 
ATOM   805  O O     . MET A 1 101 ? -7.994  5.511   6.142   1.00 34.54 ? 101 MET X O     1 
ATOM   806  C CB    . MET A 1 101 ? -8.620  4.051   3.624   1.00 31.55 ? 101 MET X CB    1 
ATOM   807  C CG    . MET A 1 101 ? -9.647  3.244   2.834   1.00 34.49 ? 101 MET X CG    1 
ATOM   808  S SD    . MET A 1 101 ? -11.244 3.074   3.664   1.00 40.68 ? 101 MET X SD    1 
ATOM   809  C CE    . MET A 1 101 ? -10.794 2.044   5.063   1.00 32.24 ? 101 MET X CE    1 
ATOM   810  N N     . ILE A 1 102 ? -7.324  7.069   4.673   1.00 33.23 ? 102 ILE X N     1 
ATOM   811  C CA    . ILE A 1 102 ? -6.248  7.489   5.577   1.00 28.54 ? 102 ILE X CA    1 
ATOM   812  C C     . ILE A 1 102 ? -6.807  7.945   6.919   1.00 32.32 ? 102 ILE X C     1 
ATOM   813  O O     . ILE A 1 102 ? -6.171  7.743   7.955   1.00 36.61 ? 102 ILE X O     1 
ATOM   814  C CB    . ILE A 1 102 ? -5.352  8.575   4.944   1.00 33.65 ? 102 ILE X CB    1 
ATOM   815  C CG1   . ILE A 1 102 ? -4.117  8.821   5.850   1.00 37.25 ? 102 ILE X CG1   1 
ATOM   816  C CG2   . ILE A 1 102 ? -6.135  9.869   4.683   1.00 33.03 ? 102 ILE X CG2   1 
ATOM   817  C CD1   . ILE A 1 102 ? -2.913  9.435   5.153   1.00 31.56 ? 102 ILE X CD1   1 
ATOM   818  N N     . ASP A 1 103 ? -8.007  8.525   6.941   1.00 34.22 ? 103 ASP X N     1 
ATOM   819  C CA    . ASP A 1 103 ? -8.617  8.941   8.203   1.00 37.81 ? 103 ASP X CA    1 
ATOM   820  C C     . ASP A 1 103 ? -9.314  7.812   8.953   1.00 38.46 ? 103 ASP X C     1 
ATOM   821  O O     . ASP A 1 103 ? -9.836  8.054   10.035  1.00 42.16 ? 103 ASP X O     1 
ATOM   822  C CB    . ASP A 1 103 ? -9.627  10.075  7.982   1.00 39.58 ? 103 ASP X CB    1 
ATOM   823  C CG    . ASP A 1 103 ? -8.957  11.406  7.647   1.00 48.26 ? 103 ASP X CG    1 
ATOM   824  O OD1   . ASP A 1 103 ? -7.794  11.617  8.058   1.00 47.07 ? 103 ASP X OD1   1 
ATOM   825  O OD2   . ASP A 1 103 ? -9.589  12.242  6.961   1.00 51.45 ? 103 ASP X OD2   1 
ATOM   826  N N     . LYS A 1 104 ? -9.330  6.593   8.430   1.00 40.00 ? 104 LYS X N     1 
ATOM   827  C CA    . LYS A 1 104 ? -10.016 5.502   9.096   1.00 36.28 ? 104 LYS X CA    1 
ATOM   828  C C     . LYS A 1 104 ? -9.097  4.405   9.608   1.00 38.31 ? 104 LYS X C     1 
ATOM   829  O O     . LYS A 1 104 ? -9.513  3.634   10.475  1.00 39.60 ? 104 LYS X O     1 
ATOM   830  C CB    . LYS A 1 104 ? -11.053 4.872   8.152   1.00 38.75 ? 104 LYS X CB    1 
ATOM   831  C CG    . LYS A 1 104 ? -11.794 5.882   7.319   1.00 39.67 ? 104 LYS X CG    1 
ATOM   832  C CD    . LYS A 1 104 ? -12.883 6.581   8.136   1.00 43.63 ? 104 LYS X CD    1 
ATOM   833  C CE    . LYS A 1 104 ? -13.798 7.417   7.235   1.00 52.22 ? 104 LYS X CE    1 
ATOM   834  N NZ    . LYS A 1 104 ? -13.809 6.924   5.810   1.00 58.17 ? 104 LYS X NZ    1 
ATOM   835  N N     . VAL A 1 105 ? -7.873  4.303   9.112   1.00 36.93 ? 105 VAL X N     1 
ATOM   836  C CA    . VAL A 1 105 ? -7.053  3.159   9.481   1.00 40.01 ? 105 VAL X CA    1 
ATOM   837  C C     . VAL A 1 105 ? -6.462  3.358   10.876  1.00 41.62 ? 105 VAL X C     1 
ATOM   838  O O     . VAL A 1 105 ? -6.320  4.480   11.370  1.00 38.10 ? 105 VAL X O     1 
ATOM   839  C CB    . VAL A 1 105 ? -5.956  2.899   8.433   1.00 36.06 ? 105 VAL X CB    1 
ATOM   840  C CG1   . VAL A 1 105 ? -6.589  2.574   7.103   1.00 34.51 ? 105 VAL X CG1   1 
ATOM   841  C CG2   . VAL A 1 105 ? -5.004  4.092   8.330   1.00 32.91 ? 105 VAL X CG2   1 
ATOM   842  N N     . ASP A 1 106 ? -6.120  2.233   11.517  1.00 36.29 ? 106 ASP X N     1 
ATOM   843  C CA    . ASP A 1 106 ? -5.491  2.263   12.836  1.00 41.73 ? 106 ASP X CA    1 
ATOM   844  C C     . ASP A 1 106 ? -4.014  2.629   12.758  1.00 39.97 ? 106 ASP X C     1 
ATOM   845  O O     . ASP A 1 106 ? -3.495  3.319   13.647  1.00 37.92 ? 106 ASP X O     1 
ATOM   846  C CB    . ASP A 1 106 ? -5.646  0.905   13.523  1.00 39.87 ? 106 ASP X CB    1 
ATOM   847  C CG    . ASP A 1 106 ? -7.088  0.447   13.596  1.00 39.75 ? 106 ASP X CG    1 
ATOM   848  O OD1   . ASP A 1 106 ? -7.893  1.179   14.198  1.00 42.39 ? 106 ASP X OD1   1 
ATOM   849  O OD2   . ASP A 1 106 ? -7.409  -0.643  13.065  1.00 38.37 ? 106 ASP X OD2   1 
ATOM   850  N N     . ASP A 1 107 ? -3.320  2.170   11.718  1.00 33.85 ? 107 ASP X N     1 
ATOM   851  C CA    . ASP A 1 107 ? -1.882  2.380   11.619  1.00 33.89 ? 107 ASP X CA    1 
ATOM   852  C C     . ASP A 1 107 ? -1.483  2.288   10.152  1.00 33.65 ? 107 ASP X C     1 
ATOM   853  O O     . ASP A 1 107 ? -2.261  1.846   9.302   1.00 32.38 ? 107 ASP X O     1 
ATOM   854  C CB    . ASP A 1 107 ? -1.117  1.370   12.498  1.00 30.71 ? 107 ASP X CB    1 
ATOM   855  C CG    . ASP A 1 107 ? -1.379  -0.067  12.102  1.00 31.92 ? 107 ASP X CG    1 
ATOM   856  O OD1   . ASP A 1 107 ? -2.288  -0.326  11.286  1.00 33.11 ? 107 ASP X OD1   1 
ATOM   857  O OD2   . ASP A 1 107 ? -0.673  -0.949  12.615  1.00 35.21 ? 107 ASP X OD2   1 
ATOM   858  N N     . MET A 1 108 ? -0.252  2.720   9.866   1.00 32.19 ? 108 MET X N     1 
ATOM   859  C CA    . MET A 1 108 ? 0.285   2.755   8.508   1.00 25.44 ? 108 MET X CA    1 
ATOM   860  C C     . MET A 1 108 ? 1.695   2.198   8.515   1.00 31.14 ? 108 MET X C     1 
ATOM   861  O O     . MET A 1 108 ? 2.516   2.584   9.356   1.00 29.91 ? 108 MET X O     1 
ATOM   862  C CB    . MET A 1 108 ? 0.289   4.180   7.951   1.00 24.91 ? 108 MET X CB    1 
ATOM   863  C CG    . MET A 1 108 ? -1.052  4.898   8.093   1.00 29.52 ? 108 MET X CG    1 
ATOM   864  S SD    . MET A 1 108 ? -1.068  6.441   7.169   1.00 31.31 ? 108 MET X SD    1 
ATOM   865  C CE    . MET A 1 108 ? 0.134   7.408   8.071   1.00 31.03 ? 108 MET X CE    1 
ATOM   866  N N     . TYR A 1 109 ? 1.962   1.280   7.590   1.00 25.40 ? 109 TYR X N     1 
ATOM   867  C CA    . TYR A 1 109 ? 3.297   0.769   7.315   1.00 25.41 ? 109 TYR X CA    1 
ATOM   868  C C     . TYR A 1 109 ? 3.792   1.475   6.060   1.00 29.78 ? 109 TYR X C     1 
ATOM   869  O O     . TYR A 1 109 ? 3.422   1.104   4.936   1.00 30.05 ? 109 TYR X O     1 
ATOM   870  C CB    . TYR A 1 109 ? 3.281   -0.746  7.125   1.00 26.85 ? 109 TYR X CB    1 
ATOM   871  C CG    . TYR A 1 109 ? 2.885   -1.525  8.352   1.00 30.88 ? 109 TYR X CG    1 
ATOM   872  C CD1   . TYR A 1 109 ? 1.540   -1.719  8.685   1.00 29.28 ? 109 TYR X CD1   1 
ATOM   873  C CD2   . TYR A 1 109 ? 3.859   -2.055  9.196   1.00 31.09 ? 109 TYR X CD2   1 
ATOM   874  C CE1   . TYR A 1 109 ? 1.190   -2.433  9.822   1.00 31.40 ? 109 TYR X CE1   1 
ATOM   875  C CE2   . TYR A 1 109 ? 3.518   -2.772  10.319  1.00 34.13 ? 109 TYR X CE2   1 
ATOM   876  C CZ    . TYR A 1 109 ? 2.194   -2.964  10.628  1.00 32.04 ? 109 TYR X CZ    1 
ATOM   877  O OH    . TYR A 1 109 ? 1.895   -3.682  11.747  1.00 32.40 ? 109 TYR X OH    1 
ATOM   878  N N     . ILE A 1 110 ? 4.621   2.496   6.244   1.00 28.99 ? 110 ILE X N     1 
ATOM   879  C CA    . ILE A 1 110 ? 5.104   3.326   5.143   1.00 31.31 ? 110 ILE X CA    1 
ATOM   880  C C     . ILE A 1 110 ? 6.569   2.996   4.883   1.00 27.84 ? 110 ILE X C     1 
ATOM   881  O O     . ILE A 1 110 ? 7.368   2.926   5.820   1.00 29.36 ? 110 ILE X O     1 
ATOM   882  C CB    . ILE A 1 110 ? 4.918   4.823   5.448   1.00 25.04 ? 110 ILE X CB    1 
ATOM   883  C CG1   . ILE A 1 110 ? 3.439   5.134   5.652   1.00 27.72 ? 110 ILE X CG1   1 
ATOM   884  C CG2   . ILE A 1 110 ? 5.511   5.686   4.326   1.00 20.35 ? 110 ILE X CG2   1 
ATOM   885  C CD1   . ILE A 1 110 ? 3.174   6.610   5.991   1.00 33.57 ? 110 ILE X CD1   1 
ATOM   886  N N     . THR A 1 111 ? 6.911   2.786   3.622   1.00 25.62 ? 111 THR X N     1 
ATOM   887  C CA    . THR A 1 111 ? 8.294   2.793   3.162   1.00 26.08 ? 111 THR X CA    1 
ATOM   888  C C     . THR A 1 111 ? 8.550   4.150   2.513   1.00 30.17 ? 111 THR X C     1 
ATOM   889  O O     . THR A 1 111 ? 7.963   4.461   1.472   1.00 27.98 ? 111 THR X O     1 
ATOM   890  C CB    . THR A 1 111 ? 8.545   1.670   2.163   1.00 27.59 ? 111 THR X CB    1 
ATOM   891  O OG1   . THR A 1 111 ? 8.120   0.420   2.713   1.00 30.11 ? 111 THR X OG1   1 
ATOM   892  C CG2   . THR A 1 111 ? 10.032  1.611   1.781   1.00 26.97 ? 111 THR X CG2   1 
ATOM   893  N N     . VAL A 1 112 ? 9.411   4.961   3.122   1.00 28.77 ? 112 VAL X N     1 
ATOM   894  C CA    . VAL A 1 112 ? 9.779   6.264   2.568   1.00 24.54 ? 112 VAL X CA    1 
ATOM   895  C C     . VAL A 1 112 ? 10.970  6.059   1.640   1.00 33.26 ? 112 VAL X C     1 
ATOM   896  O O     . VAL A 1 112 ? 12.075  5.720   2.090   1.00 31.18 ? 112 VAL X O     1 
ATOM   897  C CB    . VAL A 1 112 ? 10.127  7.275   3.664   1.00 30.93 ? 112 VAL X CB    1 
ATOM   898  C CG1   . VAL A 1 112 ? 10.561  8.592   3.035   1.00 27.67 ? 112 VAL X CG1   1 
ATOM   899  C CG2   . VAL A 1 112 ? 8.965   7.483   4.627   1.00 27.70 ? 112 VAL X CG2   1 
ATOM   900  N N     . ILE A 1 113 ? 10.756  6.275   0.346   1.00 30.00 ? 113 ILE X N     1 
ATOM   901  C CA    . ILE A 1 113 ? 11.856  6.235   -0.614  1.00 33.25 ? 113 ILE X CA    1 
ATOM   902  C C     . ILE A 1 113 ? 12.512  7.610   -0.609  1.00 34.79 ? 113 ILE X C     1 
ATOM   903  O O     . ILE A 1 113 ? 11.851  8.611   -0.907  1.00 33.97 ? 113 ILE X O     1 
ATOM   904  C CB    . ILE A 1 113 ? 11.361  5.870   -2.027  1.00 33.47 ? 113 ILE X CB    1 
ATOM   905  C CG1   . ILE A 1 113 ? 10.327  4.724   -2.011  1.00 33.70 ? 113 ILE X CG1   1 
ATOM   906  C CG2   . ILE A 1 113 ? 12.526  5.578   -2.950  1.00 29.32 ? 113 ILE X CG2   1 
ATOM   907  C CD1   . ILE A 1 113 ? 10.871  3.387   -1.626  1.00 31.90 ? 113 ILE X CD1   1 
ATOM   908  N N     . GLU A 1 114 ? 13.809  7.662   -0.286  1.00 28.99 ? 114 GLU X N     1 
ATOM   909  C CA    . GLU A 1 114 ? 14.521  8.930   -0.111  1.00 33.78 ? 114 GLU X CA    1 
ATOM   910  C C     . GLU A 1 114 ? 15.011  9.477   -1.455  1.00 34.55 ? 114 GLU X C     1 
ATOM   911  O O     . GLU A 1 114 ? 16.198  9.743   -1.661  1.00 31.86 ? 114 GLU X O     1 
ATOM   912  C CB    . GLU A 1 114 ? 15.684  8.759   0.863   1.00 32.74 ? 114 GLU X CB    1 
ATOM   913  C CG    . GLU A 1 114 ? 15.427  7.867   2.063   1.00 34.37 ? 114 GLU X CG    1 
ATOM   914  C CD    . GLU A 1 114 ? 14.724  8.583   3.208   1.00 45.10 ? 114 GLU X CD    1 
ATOM   915  O OE1   . GLU A 1 114 ? 14.531  9.824   3.122   1.00 50.46 ? 114 GLU X OE1   1 
ATOM   916  O OE2   . GLU A 1 114 ? 14.370  7.895   4.201   1.00 41.49 ? 114 GLU X OE2   1 
ATOM   917  N N     . GLY A 1 115 ? 14.057  9.633   -2.378  1.00 31.53 ? 115 GLY X N     1 
ATOM   918  C CA    . GLY A 1 115 ? 14.309  10.157  -3.706  1.00 30.61 ? 115 GLY X CA    1 
ATOM   919  C C     . GLY A 1 115 ? 13.151  11.025  -4.159  1.00 29.04 ? 115 GLY X C     1 
ATOM   920  O O     . GLY A 1 115 ? 12.106  11.091  -3.510  1.00 29.43 ? 115 GLY X O     1 
ATOM   921  N N     . LYS A 1 116 ? 13.365  11.719  -5.274  1.00 29.03 ? 116 LYS X N     1 
ATOM   922  C CA    . LYS A 1 116 ? 12.347  12.559  -5.915  1.00 33.02 ? 116 LYS X CA    1 
ATOM   923  C C     . LYS A 1 116 ? 12.098  12.002  -7.316  1.00 29.66 ? 116 LYS X C     1 
ATOM   924  O O     . LYS A 1 116 ? 12.900  12.219  -8.231  1.00 32.55 ? 116 LYS X O     1 
ATOM   925  C CB    . LYS A 1 116 ? 12.780  14.021  -5.984  1.00 27.50 ? 116 LYS X CB    1 
ATOM   926  C CG    . LYS A 1 116 ? 12.746  14.732  -4.623  1.00 35.93 ? 116 LYS X CG    1 
ATOM   927  C CD    . LYS A 1 116 ? 13.236  16.170  -4.701  1.00 32.25 ? 116 LYS X CD    1 
ATOM   928  C CE    . LYS A 1 116 ? 12.937  16.922  -3.394  1.00 43.39 ? 116 LYS X CE    1 
ATOM   929  N NZ    . LYS A 1 116 ? 13.509  18.308  -3.394  1.00 43.11 ? 116 LYS X NZ    1 
ATOM   930  N N     . PHE A 1 117 ? 10.995  11.296  -7.492  1.00 28.46 ? 117 PHE X N     1 
ATOM   931  C CA    . PHE A 1 117 ? 10.672  10.705  -8.786  1.00 33.64 ? 117 PHE X CA    1 
ATOM   932  C C     . PHE A 1 117 ? 9.578   11.503  -9.472  1.00 31.45 ? 117 PHE X C     1 
ATOM   933  O O     . PHE A 1 117 ? 8.788   12.194  -8.825  1.00 27.27 ? 117 PHE X O     1 
ATOM   934  C CB    . PHE A 1 117 ? 10.219  9.255   -8.625  1.00 30.82 ? 117 PHE X CB    1 
ATOM   935  C CG    . PHE A 1 117 ? 11.299  8.340   -8.141  1.00 29.66 ? 117 PHE X CG    1 
ATOM   936  C CD1   . PHE A 1 117 ? 11.682  8.345   -6.802  1.00 28.56 ? 117 PHE X CD1   1 
ATOM   937  C CD2   . PHE A 1 117 ? 11.937  7.471   -9.026  1.00 30.00 ? 117 PHE X CD2   1 
ATOM   938  C CE1   . PHE A 1 117 ? 12.680  7.502   -6.345  1.00 29.96 ? 117 PHE X CE1   1 
ATOM   939  C CE2   . PHE A 1 117 ? 12.949  6.619   -8.575  1.00 32.12 ? 117 PHE X CE2   1 
ATOM   940  C CZ    . PHE A 1 117 ? 13.318  6.633   -7.244  1.00 28.11 ? 117 PHE X CZ    1 
ATOM   941  N N     . ARG A 1 118 ? 9.521   11.390  -10.795 1.00 31.25 ? 118 ARG X N     1 
ATOM   942  C CA    . ARG A 1 118 ? 8.341   11.881  -11.492 1.00 35.97 ? 118 ARG X CA    1 
ATOM   943  C C     . ARG A 1 118 ? 7.178   10.939  -11.211 1.00 33.88 ? 118 ARG X C     1 
ATOM   944  O O     . ARG A 1 118 ? 7.319   9.714   -11.309 1.00 34.66 ? 118 ARG X O     1 
ATOM   945  C CB    . ARG A 1 118 ? 8.568   11.979  -12.993 1.00 38.22 ? 118 ARG X CB    1 
ATOM   946  C CG    . ARG A 1 118 ? 7.263   12.342  -13.726 1.00 48.69 ? 118 ARG X CG    1 
ATOM   947  C CD    . ARG A 1 118 ? 7.454   12.536  -15.209 1.00 50.00 ? 118 ARG X CD    1 
ATOM   948  N NE    . ARG A 1 118 ? 8.410   13.604  -15.375 1.00 61.42 ? 118 ARG X NE    1 
ATOM   949  C CZ    . ARG A 1 118 ? 9.618   13.415  -15.876 1.00 59.62 ? 118 ARG X CZ    1 
ATOM   950  N NH1   . ARG A 1 118 ? 9.955   12.208  -16.301 1.00 59.87 ? 118 ARG X NH1   1 
ATOM   951  N NH2   . ARG A 1 118 ? 10.481  14.406  -15.945 1.00 58.96 ? 118 ARG X NH2   1 
ATOM   952  N N     . GLY A 1 119 ? 6.028   11.501  -10.856 1.00 30.87 ? 119 GLY X N     1 
ATOM   953  C CA    . GLY A 1 119 ? 4.877   10.683  -10.542 1.00 29.58 ? 119 GLY X CA    1 
ATOM   954  C C     . GLY A 1 119 ? 3.594   11.311  -11.040 1.00 29.18 ? 119 GLY X C     1 
ATOM   955  O O     . GLY A 1 119 ? 3.553   12.480  -11.410 1.00 27.37 ? 119 GLY X O     1 
ATOM   956  N N     . ASP A 1 120 ? 2.543   10.497  -11.061 1.00 26.12 ? 120 ASP X N     1 
ATOM   957  C CA    . ASP A 1 120 ? 1.213   10.984  -11.378 1.00 27.46 ? 120 ASP X CA    1 
ATOM   958  C C     . ASP A 1 120 ? 0.203   10.466  -10.376 1.00 26.29 ? 120 ASP X C     1 
ATOM   959  O O     . ASP A 1 120 ? -0.984  10.715  -10.533 1.00 29.18 ? 120 ASP X O     1 
ATOM   960  C CB    . ASP A 1 120 ? 0.785   10.605  -12.808 1.00 30.53 ? 120 ASP X CB    1 
ATOM   961  C CG    . ASP A 1 120 ? 0.947   9.121   -13.109 1.00 30.65 ? 120 ASP X CG    1 
ATOM   962  O OD1   . ASP A 1 120 ? 0.844   8.292   -12.182 1.00 32.52 ? 120 ASP X OD1   1 
ATOM   963  O OD2   . ASP A 1 120 ? 1.218   8.785   -14.275 1.00 34.26 ? 120 ASP X OD2   1 
ATOM   964  N N     . THR A 1 121 ? 0.657   9.783   -9.337  1.00 26.86 ? 121 THR X N     1 
ATOM   965  C CA    . THR A 1 121 ? -0.192  9.186   -8.321  1.00 28.27 ? 121 THR X CA    1 
ATOM   966  C C     . THR A 1 121 ? 0.472   9.432   -6.977  1.00 26.46 ? 121 THR X C     1 
ATOM   967  O O     . THR A 1 121 ? 1.674   9.200   -6.848  1.00 25.54 ? 121 THR X O     1 
ATOM   968  C CB    . THR A 1 121 ? -0.341  7.685   -8.560  1.00 26.82 ? 121 THR X CB    1 
ATOM   969  O OG1   . THR A 1 121 ? -0.617  7.458   -9.942  1.00 33.87 ? 121 THR X OG1   1 
ATOM   970  C CG2   . THR A 1 121 ? -1.454  7.130   -7.710  1.00 29.33 ? 121 THR X CG2   1 
ATOM   971  N N     . PHE A 1 122 ? -0.290  9.912   -5.993  1.00 24.45 ? 122 PHE X N     1 
ATOM   972  C CA    . PHE A 1 122 ? 0.285   10.454  -4.765  1.00 29.06 ? 122 PHE X CA    1 
ATOM   973  C C     . PHE A 1 122 ? -0.414  9.918   -3.526  1.00 32.29 ? 122 PHE X C     1 
ATOM   974  O O     . PHE A 1 122 ? -1.641  9.760   -3.499  1.00 27.87 ? 122 PHE X O     1 
ATOM   975  C CB    . PHE A 1 122 ? 0.198   11.983  -4.719  1.00 25.57 ? 122 PHE X CB    1 
ATOM   976  C CG    . PHE A 1 122 ? 1.192   12.674  -5.588  1.00 27.30 ? 122 PHE X CG    1 
ATOM   977  C CD1   . PHE A 1 122 ? 0.964   12.810  -6.951  1.00 25.93 ? 122 PHE X CD1   1 
ATOM   978  C CD2   . PHE A 1 122 ? 2.362   13.204  -5.041  1.00 30.31 ? 122 PHE X CD2   1 
ATOM   979  C CE1   . PHE A 1 122 ? 1.891   13.458  -7.760  1.00 24.58 ? 122 PHE X CE1   1 
ATOM   980  C CE2   . PHE A 1 122 ? 3.303   13.847  -5.844  1.00 27.63 ? 122 PHE X CE2   1 
ATOM   981  C CZ    . PHE A 1 122 ? 3.067   13.975  -7.207  1.00 27.34 ? 122 PHE X CZ    1 
ATOM   982  N N     . PHE A 1 123 ? 0.358   9.705   -2.498  1.00 27.50 ? 123 PHE X N     1 
ATOM   983  C CA    . PHE A 1 123 ? -0.203  9.413   -1.193  1.00 25.42 ? 123 PHE X CA    1 
ATOM   984  C C     . PHE A 1 123 ? -0.661  10.719  -0.538  1.00 30.96 ? 123 PHE X C     1 
ATOM   985  O O     . PHE A 1 123 ? -0.030  11.758  -0.731  1.00 33.65 ? 123 PHE X O     1 
ATOM   986  C CB    . PHE A 1 123 ? 0.847   8.697   -0.333  1.00 27.66 ? 123 PHE X CB    1 
ATOM   987  C CG    . PHE A 1 123 ? 0.305   8.101   0.928   1.00 29.36 ? 123 PHE X CG    1 
ATOM   988  C CD1   . PHE A 1 123 ? -0.415  6.908   0.899   1.00 27.41 ? 123 PHE X CD1   1 
ATOM   989  C CD2   . PHE A 1 123 ? 0.521   8.722   2.145   1.00 24.43 ? 123 PHE X CD2   1 
ATOM   990  C CE1   . PHE A 1 123 ? -0.926  6.343   2.064   1.00 26.16 ? 123 PHE X CE1   1 
ATOM   991  C CE2   . PHE A 1 123 ? 0.018   8.171   3.322   1.00 26.37 ? 123 PHE X CE2   1 
ATOM   992  C CZ    . PHE A 1 123 ? -0.708  6.980   3.284   1.00 28.22 ? 123 PHE X CZ    1 
ATOM   993  N N     . PRO A 1 124 ? -1.761  10.708  0.215   1.00 30.15 ? 124 PRO X N     1 
ATOM   994  C CA    . PRO A 1 124 ? -2.268  11.961  0.779   1.00 26.20 ? 124 PRO X CA    1 
ATOM   995  C C     . PRO A 1 124 ? -1.269  12.569  1.748   1.00 34.67 ? 124 PRO X C     1 
ATOM   996  O O     . PRO A 1 124 ? -0.473  11.848  2.378   1.00 32.52 ? 124 PRO X O     1 
ATOM   997  C CB    . PRO A 1 124 ? -3.555  11.537  1.501   1.00 28.85 ? 124 PRO X CB    1 
ATOM   998  C CG    . PRO A 1 124 ? -3.546  10.040  1.529   1.00 33.38 ? 124 PRO X CG    1 
ATOM   999  C CD    . PRO A 1 124 ? -2.718  9.598   0.369   1.00 29.30 ? 124 PRO X CD    1 
ATOM   1000 N N     . PRO A 1 125 ? -1.292  13.895  1.904   1.00 30.25 ? 125 PRO X N     1 
ATOM   1001 C CA    . PRO A 1 125 ? -0.495  14.530  2.961   1.00 33.33 ? 125 PRO X CA    1 
ATOM   1002 C C     . PRO A 1 125 ? -0.928  14.028  4.325   1.00 32.35 ? 125 PRO X C     1 
ATOM   1003 O O     . PRO A 1 125 ? -2.090  13.689  4.537   1.00 32.41 ? 125 PRO X O     1 
ATOM   1004 C CB    . PRO A 1 125 ? -0.806  16.029  2.803   1.00 34.69 ? 125 PRO X CB    1 
ATOM   1005 C CG    . PRO A 1 125 ? -1.551  16.165  1.499   1.00 34.26 ? 125 PRO X CG    1 
ATOM   1006 C CD    . PRO A 1 125 ? -2.205  14.844  1.247   1.00 32.58 ? 125 PRO X CD    1 
ATOM   1007 N N     . TYR A 1 126 ? 0.025   13.979  5.251   1.00 33.84 ? 126 TYR X N     1 
ATOM   1008 C CA    . TYR A 1 126 ? -0.248  13.582  6.625   1.00 33.31 ? 126 TYR X CA    1 
ATOM   1009 C C     . TYR A 1 126 ? 0.802   14.227  7.517   1.00 32.63 ? 126 TYR X C     1 
ATOM   1010 O O     . TYR A 1 126 ? 1.904   14.555  7.072   1.00 34.20 ? 126 TYR X O     1 
ATOM   1011 C CB    . TYR A 1 126 ? -0.245  12.055  6.794   1.00 31.61 ? 126 TYR X CB    1 
ATOM   1012 C CG    . TYR A 1 126 ? 1.075   11.392  6.425   1.00 34.42 ? 126 TYR X CG    1 
ATOM   1013 C CD1   . TYR A 1 126 ? 1.328   10.978  5.122   1.00 31.13 ? 126 TYR X CD1   1 
ATOM   1014 C CD2   . TYR A 1 126 ? 2.062   11.181  7.383   1.00 31.51 ? 126 TYR X CD2   1 
ATOM   1015 C CE1   . TYR A 1 126 ? 2.532   10.379  4.783   1.00 32.93 ? 126 TYR X CE1   1 
ATOM   1016 C CE2   . TYR A 1 126 ? 3.266   10.585  7.058   1.00 32.50 ? 126 TYR X CE2   1 
ATOM   1017 C CZ    . TYR A 1 126 ? 3.498   10.183  5.760   1.00 34.10 ? 126 TYR X CZ    1 
ATOM   1018 O OH    . TYR A 1 126 ? 4.694   9.586   5.442   1.00 32.90 ? 126 TYR X OH    1 
ATOM   1019 N N     . THR A 1 127 ? 0.460   14.401  8.782   1.00 38.01 ? 127 THR X N     1 
ATOM   1020 C CA    . THR A 1 127 ? 1.321   15.126  9.710   1.00 41.94 ? 127 THR X CA    1 
ATOM   1021 C C     . THR A 1 127 ? 1.713   14.255  10.897  1.00 41.76 ? 127 THR X C     1 
ATOM   1022 O O     . THR A 1 127 ? 0.898   13.495  11.422  1.00 45.91 ? 127 THR X O     1 
ATOM   1023 C CB    . THR A 1 127 ? 0.627   16.410  10.194  1.00 46.72 ? 127 THR X CB    1 
ATOM   1024 O OG1   . THR A 1 127 ? 1.431   17.025  11.194  1.00 53.09 ? 127 THR X OG1   1 
ATOM   1025 C CG2   . THR A 1 127 ? -0.775  16.123  10.749  1.00 43.91 ? 127 THR X CG2   1 
ATOM   1026 N N     . PHE A 1 128 ? 2.972   14.368  11.332  1.00 47.18 ? 128 PHE X N     1 
ATOM   1027 C CA    . PHE A 1 128 ? 3.412   13.540  12.447  1.00 43.91 ? 128 PHE X CA    1 
ATOM   1028 C C     . PHE A 1 128 ? 2.782   13.940  13.766  1.00 47.50 ? 128 PHE X C     1 
ATOM   1029 O O     . PHE A 1 128 ? 2.839   13.154  14.714  1.00 52.74 ? 128 PHE X O     1 
ATOM   1030 C CB    . PHE A 1 128 ? 4.930   13.559  12.558  1.00 45.55 ? 128 PHE X CB    1 
ATOM   1031 C CG    . PHE A 1 128 ? 5.592   12.767  11.496  1.00 49.22 ? 128 PHE X CG    1 
ATOM   1032 C CD1   . PHE A 1 128 ? 5.694   11.389  11.611  1.00 45.86 ? 128 PHE X CD1   1 
ATOM   1033 C CD2   . PHE A 1 128 ? 6.046   13.382  10.341  1.00 48.84 ? 128 PHE X CD2   1 
ATOM   1034 C CE1   . PHE A 1 128 ? 6.276   10.641  10.608  1.00 46.55 ? 128 PHE X CE1   1 
ATOM   1035 C CE2   . PHE A 1 128 ? 6.622   12.640  9.332   1.00 47.58 ? 128 PHE X CE2   1 
ATOM   1036 C CZ    . PHE A 1 128 ? 6.741   11.264  9.469   1.00 49.55 ? 128 PHE X CZ    1 
ATOM   1037 N N     . GLU A 1 129 ? 2.159   15.112  13.847  1.00 48.12 ? 129 GLU X N     1 
ATOM   1038 C CA    . GLU A 1 129 ? 1.382   15.428  15.037  1.00 54.40 ? 129 GLU X CA    1 
ATOM   1039 C C     . GLU A 1 129 ? 0.244   14.436  15.260  1.00 54.49 ? 129 GLU X C     1 
ATOM   1040 O O     . GLU A 1 129 ? -0.224  14.301  16.396  1.00 58.59 ? 129 GLU X O     1 
ATOM   1041 C CB    . GLU A 1 129 ? 0.817   16.854  14.957  1.00 57.41 ? 129 GLU X CB    1 
ATOM   1042 C CG    . GLU A 1 129 ? 1.749   17.912  14.344  1.00 65.10 ? 129 GLU X CG    1 
ATOM   1043 C CD    . GLU A 1 129 ? 0.996   19.195  13.933  1.00 73.63 ? 129 GLU X CD    1 
ATOM   1044 O OE1   . GLU A 1 129 ? 1.169   19.658  12.779  1.00 66.95 ? 129 GLU X OE1   1 
ATOM   1045 O OE2   . GLU A 1 129 ? 0.226   19.734  14.763  1.00 78.75 ? 129 GLU X OE2   1 
ATOM   1046 N N     . ASP A 1 130 ? -0.210  13.731  14.216  1.00 46.66 ? 130 ASP X N     1 
ATOM   1047 C CA    . ASP A 1 130 ? -1.301  12.777  14.365  1.00 43.58 ? 130 ASP X CA    1 
ATOM   1048 C C     . ASP A 1 130 ? -0.841  11.334  14.518  1.00 46.16 ? 130 ASP X C     1 
ATOM   1049 O O     . ASP A 1 130 ? -1.674  10.474  14.830  1.00 48.03 ? 130 ASP X O     1 
ATOM   1050 C CB    . ASP A 1 130 ? -2.254  12.845  13.168  1.00 48.56 ? 130 ASP X CB    1 
ATOM   1051 C CG    . ASP A 1 130 ? -2.818  14.220  12.953  1.00 52.94 ? 130 ASP X CG    1 
ATOM   1052 O OD1   . ASP A 1 130 ? -2.753  15.019  13.909  1.00 55.21 ? 130 ASP X OD1   1 
ATOM   1053 O OD2   . ASP A 1 130 ? -3.305  14.494  11.832  1.00 45.47 ? 130 ASP X OD2   1 
ATOM   1054 N N     . TRP A 1 131 ? 0.442   11.047  14.293  1.00 40.45 ? 131 TRP X N     1 
ATOM   1055 C CA    . TRP A 1 131 ? 0.953   9.682   14.223  1.00 40.66 ? 131 TRP X CA    1 
ATOM   1056 C C     . TRP A 1 131 ? 2.173   9.540   15.115  1.00 41.48 ? 131 TRP X C     1 
ATOM   1057 O O     . TRP A 1 131 ? 3.113   10.330  15.013  1.00 41.98 ? 131 TRP X O     1 
ATOM   1058 C CB    . TRP A 1 131 ? 1.324   9.307   12.779  1.00 35.74 ? 131 TRP X CB    1 
ATOM   1059 C CG    . TRP A 1 131 ? 0.166   9.436   11.856  1.00 38.28 ? 131 TRP X CG    1 
ATOM   1060 C CD1   . TRP A 1 131 ? -0.184  10.532  11.115  1.00 38.51 ? 131 TRP X CD1   1 
ATOM   1061 C CD2   . TRP A 1 131 ? -0.823  8.434   11.588  1.00 33.13 ? 131 TRP X CD2   1 
ATOM   1062 N NE1   . TRP A 1 131 ? -1.326  10.265  10.393  1.00 37.06 ? 131 TRP X NE1   1 
ATOM   1063 C CE2   . TRP A 1 131 ? -1.737  8.985   10.670  1.00 31.53 ? 131 TRP X CE2   1 
ATOM   1064 C CE3   . TRP A 1 131 ? -1.020  7.121   12.035  1.00 37.00 ? 131 TRP X CE3   1 
ATOM   1065 C CZ2   . TRP A 1 131 ? -2.826  8.270   10.190  1.00 36.51 ? 131 TRP X CZ2   1 
ATOM   1066 C CZ3   . TRP A 1 131 ? -2.102  6.410   11.555  1.00 35.20 ? 131 TRP X CZ3   1 
ATOM   1067 C CH2   . TRP A 1 131 ? -2.991  6.985   10.643  1.00 36.50 ? 131 TRP X CH2   1 
ATOM   1068 N N     . GLU A 1 132 ? 2.162   8.537   15.984  1.00 42.19 ? 132 GLU X N     1 
ATOM   1069 C CA    . GLU A 1 132 ? 3.357   8.190   16.729  1.00 38.21 ? 132 GLU X CA    1 
ATOM   1070 C C     . GLU A 1 132 ? 4.193   7.223   15.907  1.00 36.72 ? 132 GLU X C     1 
ATOM   1071 O O     . GLU A 1 132 ? 3.659   6.323   15.255  1.00 33.94 ? 132 GLU X O     1 
ATOM   1072 C CB    . GLU A 1 132 ? 3.025   7.566   18.085  1.00 43.27 ? 132 GLU X CB    1 
ATOM   1073 C CG    . GLU A 1 132 ? 4.279   7.328   18.926  1.00 51.11 ? 132 GLU X CG    1 
ATOM   1074 C CD    . GLU A 1 132 ? 3.989   6.821   20.324  1.00 56.69 ? 132 GLU X CD    1 
ATOM   1075 O OE1   . GLU A 1 132 ? 2.806   6.551   20.629  1.00 60.47 ? 132 GLU X OE1   1 
ATOM   1076 O OE2   . GLU A 1 132 ? 4.953   6.692   21.117  1.00 62.97 ? 132 GLU X OE2   1 
ATOM   1077 N N     . VAL A 1 133 ? 5.508   7.430   15.937  1.00 37.37 ? 133 VAL X N     1 
ATOM   1078 C CA    . VAL A 1 133 ? 6.490   6.594   15.253  1.00 33.39 ? 133 VAL X CA    1 
ATOM   1079 C C     . VAL A 1 133 ? 6.740   5.358   16.118  1.00 32.45 ? 133 VAL X C     1 
ATOM   1080 O O     . VAL A 1 133 ? 7.498   5.403   17.086  1.00 33.67 ? 133 VAL X O     1 
ATOM   1081 C CB    . VAL A 1 133 ? 7.781   7.364   14.985  1.00 36.50 ? 133 VAL X CB    1 
ATOM   1082 C CG1   . VAL A 1 133 ? 8.803   6.471   14.289  1.00 36.13 ? 133 VAL X CG1   1 
ATOM   1083 C CG2   . VAL A 1 133 ? 7.476   8.635   14.174  1.00 31.03 ? 133 VAL X CG2   1 
ATOM   1084 N N     . ALA A 1 134 ? 6.098   4.245   15.776  1.00 27.41 ? 134 ALA X N     1 
ATOM   1085 C CA    . ALA A 1 134 ? 6.306   3.028   16.551  1.00 32.19 ? 134 ALA X CA    1 
ATOM   1086 C C     . ALA A 1 134 ? 7.665   2.408   16.258  1.00 33.02 ? 134 ALA X C     1 
ATOM   1087 O O     . ALA A 1 134 ? 8.266   1.770   17.132  1.00 31.13 ? 134 ALA X O     1 
ATOM   1088 C CB    . ALA A 1 134 ? 5.186   2.017   16.263  1.00 28.47 ? 134 ALA X CB    1 
ATOM   1089 N N     . SER A 1 135 ? 8.159   2.587   15.042  1.00 31.61 ? 135 SER X N     1 
ATOM   1090 C CA    . SER A 1 135 ? 9.452   2.058   14.650  1.00 30.04 ? 135 SER X CA    1 
ATOM   1091 C C     . SER A 1 135 ? 9.870   2.737   13.353  1.00 31.37 ? 135 SER X C     1 
ATOM   1092 O O     . SER A 1 135 ? 9.034   3.089   12.517  1.00 29.27 ? 135 SER X O     1 
ATOM   1093 C CB    . SER A 1 135 ? 9.400   0.542   14.477  1.00 28.83 ? 135 SER X CB    1 
ATOM   1094 O OG    . SER A 1 135 ? 8.438   0.165   13.512  1.00 30.51 ? 135 SER X OG    1 
ATOM   1095 N N     . SER A 1 136 ? 11.169  2.924   13.207  1.00 27.75 ? 136 SER X N     1 
ATOM   1096 C CA    . SER A 1 136 ? 11.750  3.504   12.005  1.00 28.18 ? 136 SER X CA    1 
ATOM   1097 C C     . SER A 1 136 ? 13.068  2.780   11.748  1.00 30.27 ? 136 SER X C     1 
ATOM   1098 O O     . SER A 1 136 ? 13.994  2.885   12.555  1.00 33.14 ? 136 SER X O     1 
ATOM   1099 C CB    . SER A 1 136 ? 11.946  5.005   12.178  1.00 27.12 ? 136 SER X CB    1 
ATOM   1100 O OG    . SER A 1 136 ? 12.553  5.569   11.042  1.00 30.68 ? 136 SER X OG    1 
ATOM   1101 N N     . VAL A 1 137 ? 13.134  2.014   10.657  1.00 28.94 ? 137 VAL X N     1 
ATOM   1102 C CA    . VAL A 1 137 ? 14.257  1.141   10.333  1.00 28.24 ? 137 VAL X CA    1 
ATOM   1103 C C     . VAL A 1 137 ? 14.755  1.507   8.938   1.00 31.50 ? 137 VAL X C     1 
ATOM   1104 O O     . VAL A 1 137 ? 14.001  1.404   7.962   1.00 31.96 ? 137 VAL X O     1 
ATOM   1105 C CB    . VAL A 1 137 ? 13.845  -0.340  10.377  1.00 30.27 ? 137 VAL X CB    1 
ATOM   1106 C CG1   . VAL A 1 137 ? 15.037  -1.258  10.099  1.00 25.86 ? 137 VAL X CG1   1 
ATOM   1107 C CG2   . VAL A 1 137 ? 13.166  -0.699  11.678  1.00 27.96 ? 137 VAL X CG2   1 
ATOM   1108 N N     . GLU A 1 138 ? 16.028  1.888   8.828   1.00 33.56 ? 138 GLU X N     1 
ATOM   1109 C CA    . GLU A 1 138 ? 16.616  2.126   7.511   1.00 33.32 ? 138 GLU X CA    1 
ATOM   1110 C C     . GLU A 1 138 ? 16.824  0.815   6.777   1.00 32.71 ? 138 GLU X C     1 
ATOM   1111 O O     . GLU A 1 138 ? 17.277  -0.167  7.364   1.00 34.56 ? 138 GLU X O     1 
ATOM   1112 C CB    . GLU A 1 138 ? 17.949  2.860   7.622   1.00 36.09 ? 138 GLU X CB    1 
ATOM   1113 C CG    . GLU A 1 138 ? 17.842  4.278   8.155   1.00 42.99 ? 138 GLU X CG    1 
ATOM   1114 C CD    . GLU A 1 138 ? 19.209  4.880   8.444   1.00 57.28 ? 138 GLU X CD    1 
ATOM   1115 O OE1   . GLU A 1 138 ? 19.298  5.765   9.329   1.00 60.88 ? 138 GLU X OE1   1 
ATOM   1116 O OE2   . GLU A 1 138 ? 20.195  4.465   7.785   1.00 53.45 ? 138 GLU X OE2   1 
ATOM   1117 N N     . GLY A 1 139 ? 16.449  0.793   5.499   1.00 28.95 ? 139 GLY X N     1 
ATOM   1118 C CA    . GLY A 1 139 ? 16.781  -0.331  4.655   1.00 31.98 ? 139 GLY X CA    1 
ATOM   1119 C C     . GLY A 1 139 ? 18.248  -0.299  4.269   1.00 36.56 ? 139 GLY X C     1 
ATOM   1120 O O     . GLY A 1 139 ? 18.885  0.754   4.255   1.00 40.09 ? 139 GLY X O     1 
ATOM   1121 N N     . LYS A 1 140 ? 18.803  -1.471  3.989   1.00 33.79 ? 140 LYS X N     1 
ATOM   1122 C CA    . LYS A 1 140 ? 20.214  -1.569  3.646   1.00 39.71 ? 140 LYS X CA    1 
ATOM   1123 C C     . LYS A 1 140 ? 20.384  -1.438  2.144   1.00 42.31 ? 140 LYS X C     1 
ATOM   1124 O O     . LYS A 1 140 ? 19.615  -2.013  1.360   1.00 42.72 ? 140 LYS X O     1 
ATOM   1125 C CB    . LYS A 1 140 ? 20.806  -2.894  4.141   1.00 50.76 ? 140 LYS X CB    1 
ATOM   1126 C CG    . LYS A 1 140 ? 20.827  -3.023  5.693   1.00 57.15 ? 140 LYS X CG    1 
ATOM   1127 C CD    . LYS A 1 140 ? 22.252  -3.114  6.274   1.00 60.33 ? 140 LYS X CD    1 
ATOM   1128 C CE    . LYS A 1 140 ? 22.910  -1.729  6.387   1.00 59.50 ? 140 LYS X CE    1 
ATOM   1129 N NZ    . LYS A 1 140 ? 24.405  -1.814  6.420   1.00 70.49 ? 140 LYS X NZ    1 
ATOM   1130 N N     . LEU A 1 141 ? 21.372  -0.651  1.748   1.00 40.80 ? 141 LEU X N     1 
ATOM   1131 C CA    . LEU A 1 141 ? 21.728  -0.500  0.346   1.00 48.87 ? 141 LEU X CA    1 
ATOM   1132 C C     . LEU A 1 141 ? 22.669  -1.617  -0.092  1.00 51.99 ? 141 LEU X C     1 
ATOM   1133 O O     . LEU A 1 141 ? 23.533  -2.047  0.682   1.00 51.57 ? 141 LEU X O     1 
ATOM   1134 C CB    . LEU A 1 141 ? 22.406  0.844   0.118   1.00 44.89 ? 141 LEU X CB    1 
ATOM   1135 C CG    . LEU A 1 141 ? 21.551  2.061   0.373   1.00 41.87 ? 141 LEU X CG    1 
ATOM   1136 C CD1   . LEU A 1 141 ? 22.344  3.281   -0.035  1.00 45.75 ? 141 LEU X CD1   1 
ATOM   1137 C CD2   . LEU A 1 141 ? 20.286  1.950   -0.427  1.00 42.44 ? 141 LEU X CD2   1 
ATOM   1138 N N     . ASP A 1 142 ? 22.517  -2.076  -1.332  1.00 50.56 ? 142 ASP X N     1 
ATOM   1139 C CA    . ASP A 1 142 ? 23.446  -3.091  -1.814  1.00 51.97 ? 142 ASP X CA    1 
ATOM   1140 C C     . ASP A 1 142 ? 23.387  -3.175  -3.334  1.00 53.74 ? 142 ASP X C     1 
ATOM   1141 O O     . ASP A 1 142 ? 22.942  -2.239  -4.006  1.00 52.07 ? 142 ASP X O     1 
ATOM   1142 C CB    . ASP A 1 142 ? 23.153  -4.460  -1.172  1.00 56.42 ? 142 ASP X CB    1 
ATOM   1143 C CG    . ASP A 1 142 ? 21.724  -4.926  -1.403  1.00 54.32 ? 142 ASP X CG    1 
ATOM   1144 O OD1   . ASP A 1 142 ? 21.151  -4.659  -2.482  1.00 55.49 ? 142 ASP X OD1   1 
ATOM   1145 O OD2   . ASP A 1 142 ? 21.162  -5.568  -0.497  1.00 59.29 ? 142 ASP X OD2   1 
ATOM   1146 N N     . GLU A 1 143 ? 23.903  -4.288  -3.858  1.00 60.69 ? 143 GLU X N     1 
ATOM   1147 C CA    . GLU A 1 143 ? 23.699  -4.800  -5.209  1.00 62.14 ? 143 GLU X CA    1 
ATOM   1148 C C     . GLU A 1 143 ? 22.430  -4.261  -5.857  1.00 58.35 ? 143 GLU X C     1 
ATOM   1149 O O     . GLU A 1 143 ? 22.473  -3.396  -6.752  1.00 59.16 ? 143 GLU X O     1 
ATOM   1150 C CB    . GLU A 1 143 ? 23.625  -6.326  -5.133  1.00 66.99 ? 143 GLU X CB    1 
ATOM   1151 C CG    . GLU A 1 143 ? 24.766  -7.004  -4.367  1.00 68.50 ? 143 GLU X CG    1 
ATOM   1152 C CD    . GLU A 1 143 ? 24.268  -7.796  -3.143  1.00 72.99 ? 143 GLU X CD    1 
ATOM   1153 O OE1   . GLU A 1 143 ? 23.297  -7.335  -2.512  1.00 77.70 ? 143 GLU X OE1   1 
ATOM   1154 O OE2   . GLU A 1 143 ? 24.865  -8.860  -2.810  1.00 68.04 ? 143 GLU X OE2   1 
ATOM   1155 N N     . LYS A 1 144 ? 21.283  -4.766  -5.374  1.00 60.77 ? 144 LYS X N     1 
ATOM   1156 C CA    . LYS A 1 144 ? 19.999  -4.648  -6.046  1.00 60.19 ? 144 LYS X CA    1 
ATOM   1157 C C     . LYS A 1 144 ? 19.056  -3.637  -5.401  1.00 55.10 ? 144 LYS X C     1 
ATOM   1158 O O     . LYS A 1 144 ? 17.953  -3.441  -5.917  1.00 52.61 ? 144 LYS X O     1 
ATOM   1159 C CB    . LYS A 1 144 ? 19.343  -6.030  -6.082  1.00 57.78 ? 144 LYS X CB    1 
ATOM   1160 C CG    . LYS A 1 144 ? 20.295  -7.137  -6.568  1.00 64.69 ? 144 LYS X CG    1 
ATOM   1161 C CD    . LYS A 1 144 ? 20.147  -8.429  -5.760  1.00 67.97 ? 144 LYS X CD    1 
ATOM   1162 C CE    . LYS A 1 144 ? 20.582  -9.674  -6.539  1.00 69.29 ? 144 LYS X CE    1 
ATOM   1163 N NZ    . LYS A 1 144 ? 21.627  -9.381  -7.555  1.00 71.61 ? 144 LYS X NZ    1 
ATOM   1164 N N     . ASN A 1 145 ? 19.467  -2.989  -4.307  1.00 51.09 ? 145 ASN X N     1 
ATOM   1165 C CA    . ASN A 1 145 ? 18.656  -1.998  -3.594  1.00 46.64 ? 145 ASN X CA    1 
ATOM   1166 C C     . ASN A 1 145 ? 19.470  -0.719  -3.463  1.00 42.95 ? 145 ASN X C     1 
ATOM   1167 O O     . ASN A 1 145 ? 20.254  -0.571  -2.516  1.00 42.75 ? 145 ASN X O     1 
ATOM   1168 C CB    . ASN A 1 145 ? 18.241  -2.519  -2.245  1.00 43.63 ? 145 ASN X CB    1 
ATOM   1169 C CG    . ASN A 1 145 ? 17.433  -3.772  -2.343  1.00 46.97 ? 145 ASN X CG    1 
ATOM   1170 O OD1   . ASN A 1 145 ? 16.202  -3.720  -2.461  1.00 42.04 ? 145 ASN X OD1   1 
ATOM   1171 N ND2   . ASN A 1 145 ? 18.104  -4.915  -2.280  1.00 46.07 ? 145 ASN X ND2   1 
ATOM   1172 N N     . THR A 1 146 ? 19.303  0.188   -4.423  1.00 36.67 ? 146 THR X N     1 
ATOM   1173 C CA    . THR A 1 146 ? 20.250  1.275   -4.623  1.00 37.87 ? 146 THR X CA    1 
ATOM   1174 C C     . THR A 1 146 ? 19.670  2.637   -4.280  1.00 35.93 ? 146 THR X C     1 
ATOM   1175 O O     . THR A 1 146 ? 20.303  3.653   -4.570  1.00 31.56 ? 146 THR X O     1 
ATOM   1176 C CB    . THR A 1 146 ? 20.741  1.281   -6.068  1.00 41.68 ? 146 THR X CB    1 
ATOM   1177 O OG1   . THR A 1 146 ? 19.617  1.469   -6.934  1.00 42.85 ? 146 THR X OG1   1 
ATOM   1178 C CG2   . THR A 1 146 ? 21.449  -0.048  -6.413  1.00 49.75 ? 146 THR X CG2   1 
ATOM   1179 N N     . ILE A 1 147 ? 18.480  2.684   -3.690  1.00 37.50 ? 147 ILE X N     1 
ATOM   1180 C CA    . ILE A 1 147 ? 17.834  3.929   -3.292  1.00 36.32 ? 147 ILE X CA    1 
ATOM   1181 C C     . ILE A 1 147 ? 17.660  3.893   -1.780  1.00 33.11 ? 147 ILE X C     1 
ATOM   1182 O O     . ILE A 1 147 ? 17.190  2.888   -1.244  1.00 34.39 ? 147 ILE X O     1 
ATOM   1183 C CB    . ILE A 1 147 ? 16.479  4.134   -3.992  1.00 40.18 ? 147 ILE X CB    1 
ATOM   1184 C CG1   . ILE A 1 147 ? 16.612  3.718   -5.460  1.00 47.61 ? 147 ILE X CG1   1 
ATOM   1185 C CG2   . ILE A 1 147 ? 16.081  5.591   -3.914  1.00 33.43 ? 147 ILE X CG2   1 
ATOM   1186 C CD1   . ILE A 1 147 ? 15.334  3.112   -6.102  1.00 44.17 ? 147 ILE X CD1   1 
ATOM   1187 N N     . PRO A 1 148 ? 18.042  4.934   -1.051  1.00 30.23 ? 148 PRO X N     1 
ATOM   1188 C CA    . PRO A 1 148 ? 17.823  4.902   0.398   1.00 30.66 ? 148 PRO X CA    1 
ATOM   1189 C C     . PRO A 1 148 ? 16.340  4.839   0.700   1.00 34.03 ? 148 PRO X C     1 
ATOM   1190 O O     . PRO A 1 148 ? 15.525  5.502   0.049   1.00 36.56 ? 148 PRO X O     1 
ATOM   1191 C CB    . PRO A 1 148 ? 18.449  6.213   0.896   1.00 33.93 ? 148 PRO X CB    1 
ATOM   1192 C CG    . PRO A 1 148 ? 19.297  6.708   -0.231  1.00 34.62 ? 148 PRO X CG    1 
ATOM   1193 C CD    . PRO A 1 148 ? 18.647  6.201   -1.493  1.00 30.99 ? 148 PRO X CD    1 
ATOM   1194 N N     . HIS A 1 149 ? 15.991  4.019   1.686   1.00 27.34 ? 149 HIS X N     1 
ATOM   1195 C CA    . HIS A 1 149 ? 14.606  3.852   2.070   1.00 30.84 ? 149 HIS X CA    1 
ATOM   1196 C C     . HIS A 1 149 ? 14.529  3.568   3.563   1.00 29.62 ? 149 HIS X C     1 
ATOM   1197 O O     . HIS A 1 149 ? 15.500  3.141   4.192   1.00 32.43 ? 149 HIS X O     1 
ATOM   1198 C CB    . HIS A 1 149 ? 13.944  2.739   1.248   1.00 26.03 ? 149 HIS X CB    1 
ATOM   1199 C CG    . HIS A 1 149 ? 14.708  1.456   1.246   1.00 29.31 ? 149 HIS X CG    1 
ATOM   1200 N ND1   . HIS A 1 149 ? 15.904  1.306   0.576   1.00 31.06 ? 149 HIS X ND1   1 
ATOM   1201 C CD2   . HIS A 1 149 ? 14.433  0.250   1.801   1.00 27.30 ? 149 HIS X CD2   1 
ATOM   1202 C CE1   . HIS A 1 149 ? 16.349  0.073   0.748   1.00 33.72 ? 149 HIS X CE1   1 
ATOM   1203 N NE2   . HIS A 1 149 ? 15.475  -0.586  1.489   1.00 32.16 ? 149 HIS X NE2   1 
ATOM   1204 N N     . THR A 1 150 ? 13.349  3.815   4.122   1.00 24.74 ? 150 THR X N     1 
ATOM   1205 C CA    . THR A 1 150 ? 13.120  3.691   5.548   1.00 27.45 ? 150 THR X CA    1 
ATOM   1206 C C     . THR A 1 150 ? 11.747  3.086   5.803   1.00 30.66 ? 150 THR X C     1 
ATOM   1207 O O     . THR A 1 150 ? 10.734  3.573   5.290   1.00 26.28 ? 150 THR X O     1 
ATOM   1208 C CB    . THR A 1 150 ? 13.231  5.061   6.236   1.00 32.56 ? 150 THR X CB    1 
ATOM   1209 O OG1   . THR A 1 150 ? 14.526  5.614   5.980   1.00 33.39 ? 150 THR X OG1   1 
ATOM   1210 C CG2   . THR A 1 150 ? 12.986  4.947   7.727   1.00 24.36 ? 150 THR X CG2   1 
ATOM   1211 N N     . PHE A 1 151 ? 11.713  2.061   6.641   1.00 28.71 ? 151 PHE X N     1 
ATOM   1212 C CA    . PHE A 1 151 ? 10.460  1.443   7.030   1.00 29.06 ? 151 PHE X CA    1 
ATOM   1213 C C     . PHE A 1 151 ? 9.946   2.107   8.295   1.00 30.46 ? 151 PHE X C     1 
ATOM   1214 O O     . PHE A 1 151 ? 10.596  2.046   9.345   1.00 31.67 ? 151 PHE X O     1 
ATOM   1215 C CB    . PHE A 1 151 ? 10.660  -0.055  7.210   1.00 29.75 ? 151 PHE X CB    1 
ATOM   1216 C CG    . PHE A 1 151 ? 11.175  -0.731  5.977   1.00 27.73 ? 151 PHE X CG    1 
ATOM   1217 C CD1   . PHE A 1 151 ? 10.327  -0.957  4.895   1.00 28.11 ? 151 PHE X CD1   1 
ATOM   1218 C CD2   . PHE A 1 151 ? 12.501  -1.119  5.888   1.00 24.53 ? 151 PHE X CD2   1 
ATOM   1219 C CE1   . PHE A 1 151 ? 10.794  -1.583  3.755   1.00 26.69 ? 151 PHE X CE1   1 
ATOM   1220 C CE2   . PHE A 1 151 ? 12.980  -1.739  4.751   1.00 26.56 ? 151 PHE X CE2   1 
ATOM   1221 C CZ    . PHE A 1 151 ? 12.119  -1.972  3.682   1.00 31.90 ? 151 PHE X CZ    1 
ATOM   1222 N N     . LEU A 1 152 ? 8.798   2.773   8.171   1.00 28.78 ? 152 LEU X N     1 
ATOM   1223 C CA    . LEU A 1 152 ? 8.084   3.409   9.267   1.00 27.20 ? 152 LEU X CA    1 
ATOM   1224 C C     . LEU A 1 152 ? 6.810   2.632   9.556   1.00 29.16 ? 152 LEU X C     1 
ATOM   1225 O O     . LEU A 1 152 ? 6.041   2.325   8.638   1.00 30.86 ? 152 LEU X O     1 
ATOM   1226 C CB    . LEU A 1 152 ? 7.693   4.847   8.925   1.00 27.76 ? 152 LEU X CB    1 
ATOM   1227 C CG    . LEU A 1 152 ? 8.708   5.894   8.510   1.00 31.55 ? 152 LEU X CG    1 
ATOM   1228 C CD1   . LEU A 1 152 ? 7.964   7.177   8.289   1.00 32.05 ? 152 LEU X CD1   1 
ATOM   1229 C CD2   . LEU A 1 152 ? 9.772   6.083   9.566   1.00 30.46 ? 152 LEU X CD2   1 
ATOM   1230 N N     . HIS A 1 153 ? 6.586   2.340   10.817  1.00 28.53 ? 153 HIS X N     1 
ATOM   1231 C CA    . HIS A 1 153 ? 5.294   1.916   11.328  1.00 26.98 ? 153 HIS X CA    1 
ATOM   1232 C C     . HIS A 1 153 ? 4.773   3.076   12.163  1.00 30.00 ? 153 HIS X C     1 
ATOM   1233 O O     . HIS A 1 153 ? 5.331   3.380   13.224  1.00 28.50 ? 153 HIS X O     1 
ATOM   1234 C CB    . HIS A 1 153 ? 5.429   0.647   12.162  1.00 27.63 ? 153 HIS X CB    1 
ATOM   1235 C CG    . HIS A 1 153 ? 4.128   0.121   12.677  1.00 30.93 ? 153 HIS X CG    1 
ATOM   1236 N ND1   . HIS A 1 153 ? 4.040   -0.665  13.807  1.00 28.94 ? 153 HIS X ND1   1 
ATOM   1237 C CD2   . HIS A 1 153 ? 2.864   0.251   12.207  1.00 32.48 ? 153 HIS X CD2   1 
ATOM   1238 C CE1   . HIS A 1 153 ? 2.776   -0.986  14.019  1.00 32.47 ? 153 HIS X CE1   1 
ATOM   1239 N NE2   . HIS A 1 153 ? 2.042   -0.449  13.058  1.00 35.09 ? 153 HIS X NE2   1 
ATOM   1240 N N     . LEU A 1 154 ? 3.720   3.720   11.668  1.00 28.71 ? 154 LEU X N     1 
ATOM   1241 C CA    . LEU A 1 154 ? 3.047   4.849   12.302  1.00 31.88 ? 154 LEU X CA    1 
ATOM   1242 C C     . LEU A 1 154 ? 1.723   4.386   12.896  1.00 34.80 ? 154 LEU X C     1 
ATOM   1243 O O     . LEU A 1 154 ? 0.980   3.622   12.266  1.00 27.26 ? 154 LEU X O     1 
ATOM   1244 C CB    . LEU A 1 154 ? 2.759   5.957   11.282  1.00 31.58 ? 154 LEU X CB    1 
ATOM   1245 C CG    . LEU A 1 154 ? 3.803   7.008   10.957  1.00 39.18 ? 154 LEU X CG    1 
ATOM   1246 C CD1   . LEU A 1 154 ? 5.174   6.404   10.995  1.00 33.44 ? 154 LEU X CD1   1 
ATOM   1247 C CD2   . LEU A 1 154 ? 3.529   7.642   9.588   1.00 35.36 ? 154 LEU X CD2   1 
ATOM   1248 N N     . ILE A 1 155 ? 1.411   4.877   14.092  1.00 34.30 ? 155 ILE X N     1 
ATOM   1249 C CA    . ILE A 1 155 ? 0.204   4.491   14.807  1.00 35.05 ? 155 ILE X CA    1 
ATOM   1250 C C     . ILE A 1 155 ? -0.547  5.758   15.199  1.00 39.36 ? 155 ILE X C     1 
ATOM   1251 O O     . ILE A 1 155 ? 0.060   6.732   15.657  1.00 36.21 ? 155 ILE X O     1 
ATOM   1252 C CB    . ILE A 1 155 ? 0.519   3.632   16.045  1.00 38.21 ? 155 ILE X CB    1 
ATOM   1253 C CG1   . ILE A 1 155 ? 1.223   2.338   15.642  1.00 30.76 ? 155 ILE X CG1   1 
ATOM   1254 C CG2   . ILE A 1 155 ? -0.758  3.259   16.769  1.00 46.19 ? 155 ILE X CG2   1 
ATOM   1255 C CD1   . ILE A 1 155 ? 1.503   1.451   16.819  1.00 38.10 ? 155 ILE X CD1   1 
ATOM   1256 N N     . ARG A 1 156 ? -1.862  5.742   15.011  1.00 34.94 ? 156 ARG X N     1 
ATOM   1257 C CA    . ARG A 1 156 ? -2.663  6.945   15.189  1.00 44.86 ? 156 ARG X CA    1 
ATOM   1258 C C     . ARG A 1 156 ? -2.729  7.329   16.658  1.00 37.43 ? 156 ARG X C     1 
ATOM   1259 O O     . ARG A 1 156 ? -3.105  6.515   17.502  1.00 43.44 ? 156 ARG X O     1 
ATOM   1260 C CB    . ARG A 1 156 ? -4.074  6.732   14.640  1.00 41.80 ? 156 ARG X CB    1 
ATOM   1261 C CG    . ARG A 1 156 ? -4.911  7.996   14.632  1.00 44.82 ? 156 ARG X CG    1 
ATOM   1262 C CD    . ARG A 1 156 ? -6.357  7.720   14.228  1.00 42.96 ? 156 ARG X CD    1 
ATOM   1263 N NE    . ARG A 1 156 ? -6.473  7.143   12.889  1.00 41.71 ? 156 ARG X NE    1 
ATOM   1264 C CZ    . ARG A 1 156 ? -6.463  7.843   11.754  1.00 41.65 ? 156 ARG X CZ    1 
ATOM   1265 N NH1   . ARG A 1 156 ? -6.331  9.170   11.764  1.00 36.87 ? 156 ARG X NH1   1 
ATOM   1266 N NH2   . ARG A 1 156 ? -6.581  7.206   10.596  1.00 42.25 ? 156 ARG X NH2   1 
ATOM   1267 N N     . LYS A 1 157 ? -2.353  8.565   16.959  1.00 40.77 ? 157 LYS X N     1 
ATOM   1268 C CA    . LYS A 1 157 ? -2.387  9.081   18.332  1.00 46.83 ? 157 LYS X CA    1 
ATOM   1269 C C     . LYS A 1 157 ? -3.814  9.205   18.900  1.00 53.04 ? 157 LYS X C     1 
ATOM   1270 O O     . LYS A 1 157 ? -4.104  8.747   20.017  1.00 51.88 ? 157 LYS X O     1 
ATOM   1271 C CB    . LYS A 1 157 ? -1.685  10.433  18.389  1.00 44.08 ? 157 LYS X CB    1 
ATOM   1272 C CG    . LYS A 1 157 ? -0.160  10.365  18.400  1.00 42.34 ? 157 LYS X CG    1 
ATOM   1273 C CD    . LYS A 1 157 ? 0.446   11.764  18.321  1.00 41.67 ? 157 LYS X CD    1 
ATOM   1274 C CE    . LYS A 1 157 ? 1.949   11.739  18.496  1.00 46.29 ? 157 LYS X CE    1 
ATOM   1275 N NZ    . LYS A 1 157 ? 2.513   13.127  18.574  1.00 54.31 ? 157 LYS X NZ    1 
ATOM   1276 O OXT   . LYS A 1 157 ? -4.721  9.748   18.253  1.00 56.91 ? 157 LYS X OXT   1 
HETATM 1277 O "O3'" . XNP B 2 .   ? -2.633  5.119   -12.560 1.00 23.70 ? 201 XNP X "O3'" 1 
HETATM 1278 C "C3'" . XNP B 2 .   ? -3.361  4.509   -11.517 1.00 27.66 ? 201 XNP X "C3'" 1 
HETATM 1279 C "C2'" . XNP B 2 .   ? -2.666  3.257   -10.958 1.00 28.81 ? 201 XNP X "C2'" 1 
HETATM 1280 O "O2'" . XNP B 2 .   ? -1.354  2.894   -11.410 1.00 26.94 ? 201 XNP X "O2'" 1 
HETATM 1281 C CAA   . XNP B 2 .   ? -0.578  2.925   -10.198 1.00 25.79 ? 201 XNP X CAA   1 
HETATM 1282 C CAB   . XNP B 2 .   ? 0.605   2.023   -10.035 1.00 27.11 ? 201 XNP X CAB   1 
HETATM 1283 C CAC   . XNP B 2 .   ? 1.278   2.326   -8.698  1.00 21.35 ? 201 XNP X CAC   1 
HETATM 1284 C CAD   . XNP B 2 .   ? 0.287   2.361   -7.562  1.00 25.71 ? 201 XNP X CAD   1 
HETATM 1285 C CBT   . XNP B 2 .   ? 0.568   2.194   -6.254  1.00 21.66 ? 201 XNP X CBT   1 
HETATM 1286 O OBV   . XNP B 2 .   ? -0.384  1.948   -5.518  1.00 26.55 ? 201 XNP X OBV   1 
HETATM 1287 N NBU   . XNP B 2 .   ? 1.802   2.294   -5.797  1.00 24.82 ? 201 XNP X NBU   1 
HETATM 1288 C CAE   . XNP B 2 .   ? -1.078  2.562   -7.833  1.00 23.82 ? 201 XNP X CAE   1 
HETATM 1289 N NAF   . XNP B 2 .   ? -1.539  2.655   -9.120  1.00 25.72 ? 201 XNP X NAF   1 
HETATM 1290 C "C1'" . XNP B 2 .   ? -2.193  3.824   -9.644  1.00 34.65 ? 201 XNP X "C1'" 1 
HETATM 1291 O "O4'" . XNP B 2 .   ? -3.324  4.458   -9.177  1.00 25.52 ? 201 XNP X "O4'" 1 
HETATM 1292 C "C4'" . XNP B 2 .   ? -3.430  5.386   -10.272 1.00 25.24 ? 201 XNP X "C4'" 1 
HETATM 1293 C "C5'" . XNP B 2 .   ? -4.549  6.355   -10.112 1.00 27.88 ? 201 XNP X "C5'" 1 
HETATM 1294 O "O5'" . XNP B 2 .   ? -5.749  5.624   -9.933  1.00 22.15 ? 201 XNP X "O5'" 1 
HETATM 1295 P PAN   . XNP B 2 .   ? -6.381  5.554   -8.488  1.00 24.37 ? 201 XNP X PAN   1 
HETATM 1296 O OBP   . XNP B 2 .   ? -7.778  6.016   -8.586  1.00 25.21 ? 201 XNP X OBP   1 
HETATM 1297 O OBO   . XNP B 2 .   ? -5.489  6.214   -7.512  1.00 22.61 ? 201 XNP X OBO   1 
HETATM 1298 O OAO   . XNP B 2 .   ? -6.361  3.984   -8.239  1.00 24.84 ? 201 XNP X OAO   1 
HETATM 1299 P PAP   . XNP B 2 .   ? -7.250  3.047   -7.318  1.00 21.20 ? 201 XNP X PAP   1 
HETATM 1300 O OBQ   . XNP B 2 .   ? -6.519  1.780   -7.117  1.00 22.92 ? 201 XNP X OBQ   1 
HETATM 1301 O OBR   . XNP B 2 .   ? -7.673  3.814   -6.122  1.00 24.71 ? 201 XNP X OBR   1 
HETATM 1302 O OAQ   . XNP B 2 .   ? -8.497  2.763   -8.268  1.00 19.13 ? 201 XNP X OAQ   1 
HETATM 1303 C CAR   . XNP B 2 .   ? -9.672  3.578   -8.138  1.00 20.61 ? 201 XNP X CAR   1 
HETATM 1304 C CAS   . XNP B 2 .   ? -10.875 2.778   -8.542  1.00 22.45 ? 201 XNP X CAS   1 
HETATM 1305 O OAW   . XNP B 2 .   ? -11.336 2.021   -7.399  1.00 22.58 ? 201 XNP X OAW   1 
HETATM 1306 C CAT   . XNP B 2 .   ? -12.109 3.583   -8.950  1.00 22.33 ? 201 XNP X CAT   1 
HETATM 1307 O OAZ   . XNP B 2 .   ? -11.994 4.161   -10.240 1.00 20.92 ? 201 XNP X OAZ   1 
HETATM 1308 C CAU   . XNP B 2 .   ? -13.169 2.510   -8.785  1.00 22.45 ? 201 XNP X CAU   1 
HETATM 1309 O OAY   . XNP B 2 .   ? -12.977 1.487   -9.738  1.00 21.88 ? 201 XNP X OAY   1 
HETATM 1310 P PBA   . XNP B 2 .   ? -14.066 1.545   -10.885 1.00 22.49 ? 201 XNP X PBA   1 
HETATM 1311 O OBB   . XNP B 2 .   ? -13.892 0.268   -11.630 1.00 23.38 ? 201 XNP X OBB   1 
HETATM 1312 O OBC   . XNP B 2 .   ? -13.820 2.739   -11.748 1.00 20.95 ? 201 XNP X OBC   1 
HETATM 1313 O OBD   . XNP B 2 .   ? -15.368 1.618   -10.177 1.00 25.81 ? 201 XNP X OBD   1 
HETATM 1314 C CAV   . XNP B 2 .   ? -12.738 1.921   -7.450  1.00 22.87 ? 201 XNP X CAV   1 
HETATM 1315 N NAX   . XNP B 2 .   ? -13.311 2.596   -6.298  1.00 29.07 ? 201 XNP X NAX   1 
HETATM 1316 C CBE   . XNP B 2 .   ? -12.708 3.528   -5.496  1.00 20.84 ? 201 XNP X CBE   1 
HETATM 1317 N NBF   . XNP B 2 .   ? -13.481 3.962   -4.541  1.00 24.64 ? 201 XNP X NBF   1 
HETATM 1318 C CBG   . XNP B 2 .   ? -14.666 3.272   -4.714  1.00 25.60 ? 201 XNP X CBG   1 
HETATM 1319 C CBH   . XNP B 2 .   ? -14.575 2.425   -5.796  1.00 25.18 ? 201 XNP X CBH   1 
HETATM 1320 N NBL   . XNP B 2 .   ? -15.531 1.599   -6.245  1.00 27.23 ? 201 XNP X NBL   1 
HETATM 1321 C CBK   . XNP B 2 .   ? -16.626 1.693   -5.500  1.00 25.94 ? 201 XNP X CBK   1 
HETATM 1322 N NBJ   . XNP B 2 .   ? -16.855 2.457   -4.427  1.00 28.72 ? 201 XNP X NBJ   1 
HETATM 1323 C CBI   . XNP B 2 .   ? -15.874 3.282   -3.999  1.00 29.01 ? 201 XNP X CBI   1 
HETATM 1324 N NBM   . XNP B 2 .   ? -16.091 4.046   -2.937  1.00 28.12 ? 201 XNP X NBM   1 
HETATM 1325 N N1    . 06U C 3 .   ? 3.402   -0.874  -0.135  1.00 28.63 ? 202 06U X N1    1 
HETATM 1326 C C2    . 06U C 3 .   ? 4.734   -1.041  -0.126  1.00 31.17 ? 202 06U X C2    1 
HETATM 1327 N N3    . 06U C 3 .   ? 5.385   -1.320  -1.261  1.00 29.86 ? 202 06U X N3    1 
HETATM 1328 C C4    . 06U C 3 .   ? 4.757   -1.385  -2.439  1.00 26.54 ? 202 06U X C4    1 
HETATM 1329 C C5    . 06U C 3 .   ? 3.394   -1.204  -2.489  1.00 28.82 ? 202 06U X C5    1 
HETATM 1330 C C6    . 06U C 3 .   ? 2.724   -0.933  -1.286  1.00 28.30 ? 202 06U X C6    1 
HETATM 1331 C CAA   . 06U C 3 .   ? 4.541   -6.262  -8.129  1.00 54.56 ? 202 06U X CAA   1 
HETATM 1332 N NAH   . 06U C 3 .   ? 5.414   -0.961  1.020   1.00 27.91 ? 202 06U X NAH   1 
HETATM 1333 C CAI   . 06U C 3 .   ? 5.475   -1.631  -3.597  1.00 31.18 ? 202 06U X CAI   1 
HETATM 1334 N NAJ   . 06U C 3 .   ? 1.405   -0.734  -1.310  1.00 27.05 ? 202 06U X NAJ   1 
HETATM 1335 C CAK   . 06U C 3 .   ? 2.740   -1.290  -3.793  1.00 31.77 ? 202 06U X CAK   1 
HETATM 1336 C CAL   . 06U C 3 .   ? 2.222   -1.356  -4.841  1.00 34.13 ? 202 06U X CAL   1 
HETATM 1337 C CAM   . 06U C 3 .   ? 1.507   -1.417  -6.165  1.00 29.52 ? 202 06U X CAM   1 
HETATM 1338 C CAN   . 06U C 3 .   ? 0.144   -1.969  -5.911  1.00 37.35 ? 202 06U X CAN   1 
HETATM 1339 C CAO   . 06U C 3 .   ? 2.126   -2.236  -7.074  1.00 37.49 ? 202 06U X CAO   1 
HETATM 1340 C CAP   . 06U C 3 .   ? 2.169   -1.841  -8.399  1.00 37.02 ? 202 06U X CAP   1 
HETATM 1341 C CAQ   . 06U C 3 .   ? 2.762   -2.628  -9.378  1.00 43.48 ? 202 06U X CAQ   1 
HETATM 1342 C CAR   . 06U C 3 .   ? 3.334   -3.852  -8.996  1.00 42.11 ? 202 06U X CAR   1 
HETATM 1343 C CAS   . 06U C 3 .   ? 3.316   -4.240  -7.646  1.00 46.52 ? 202 06U X CAS   1 
HETATM 1344 C CAT   . 06U C 3 .   ? 2.676   -3.453  -6.688  1.00 38.51 ? 202 06U X CAT   1 
HETATM 1345 C CAU   . 06U C 3 .   ? 3.825   -5.471  -7.248  1.00 48.00 ? 202 06U X CAU   1 
HETATM 1346 C CAV   . 06U C 3 .   ? 3.618   -5.907  -5.944  1.00 46.80 ? 202 06U X CAV   1 
HETATM 1347 C CAW   . 06U C 3 .   ? 4.091   -7.140  -5.509  1.00 52.26 ? 202 06U X CAW   1 
HETATM 1348 N NAX   . 06U C 3 .   ? 4.804   -7.945  -6.395  1.00 55.30 ? 202 06U X NAX   1 
HETATM 1349 C CAY   . 06U C 3 .   ? 5.032   -7.493  -7.702  1.00 57.91 ? 202 06U X CAY   1 
HETATM 1350 C CAZ   . 06U C 3 .   ? 5.836   -3.105  -3.688  1.00 34.92 ? 202 06U X CAZ   1 
HETATM 1351 O OBA   . 06U C 3 .   ? 2.767   -2.152  -10.675 1.00 45.92 ? 202 06U X OBA   1 
HETATM 1352 C CBB   . 06U C 3 .   ? 3.402   -3.055  -11.573 1.00 44.00 ? 202 06U X CBB   1 
HETATM 1353 C C     . ACT D 4 .   ? 4.244   14.409  4.422   1.00 51.57 ? 203 ACT X C     1 
HETATM 1354 O O     . ACT D 4 .   ? 3.049   14.869  4.505   1.00 43.70 ? 203 ACT X O     1 
HETATM 1355 O OXT   . ACT D 4 .   ? 4.920   14.170  3.371   1.00 51.61 ? 203 ACT X OXT   1 
HETATM 1356 C CH3   . ACT D 4 .   ? 4.984   14.111  5.817   1.00 44.76 ? 203 ACT X CH3   1 
HETATM 1357 O O     . HOH E 5 .   ? 6.363   -1.409  -11.281 1.00 42.69 ? 301 HOH X O     1 
HETATM 1358 O O     . HOH E 5 .   ? -2.044  12.192  -9.015  1.00 34.06 ? 302 HOH X O     1 
HETATM 1359 O O     . HOH E 5 .   ? -12.752 -14.643 -8.302  1.00 48.05 ? 303 HOH X O     1 
HETATM 1360 O O     . HOH E 5 .   ? -6.014  11.105  9.697   1.00 38.27 ? 304 HOH X O     1 
HETATM 1361 O O     . HOH E 5 .   ? -0.637  -3.432  12.438  1.00 31.34 ? 305 HOH X O     1 
HETATM 1362 O O     . HOH E 5 .   ? -15.250 -5.391  -16.677 1.00 38.51 ? 306 HOH X O     1 
HETATM 1363 O O     . HOH E 5 .   ? -0.876  -9.348  11.282  1.00 40.16 ? 307 HOH X O     1 
HETATM 1364 O O     . HOH E 5 .   ? -5.461  -11.941 8.969   1.00 42.16 ? 308 HOH X O     1 
HETATM 1365 O O     . HOH E 5 .   ? -8.741  7.494   -10.460 1.00 37.46 ? 309 HOH X O     1 
HETATM 1366 O O     . HOH E 5 .   ? 0.177   1.924   -2.996  1.00 27.49 ? 310 HOH X O     1 
HETATM 1367 O O     . HOH E 5 .   ? -7.099  -11.142 6.781   1.00 36.51 ? 311 HOH X O     1 
HETATM 1368 O O     . HOH E 5 .   ? -5.993  -14.634 -11.551 1.00 44.06 ? 312 HOH X O     1 
HETATM 1369 O O     . HOH E 5 .   ? 8.809   13.431  -6.301  1.00 31.66 ? 313 HOH X O     1 
HETATM 1370 O O     . HOH E 5 .   ? 8.909   -0.443  -3.783  1.00 31.28 ? 314 HOH X O     1 
HETATM 1371 O O     . HOH E 5 .   ? -14.271 -0.084  -14.303 1.00 35.68 ? 315 HOH X O     1 
HETATM 1372 O O     . HOH E 5 .   ? 17.110  5.241   4.842   1.00 38.48 ? 316 HOH X O     1 
HETATM 1373 O O     . HOH E 5 .   ? 12.156  8.260   10.864  1.00 39.35 ? 317 HOH X O     1 
HETATM 1374 O O     . HOH E 5 .   ? 0.135   5.674   -12.692 1.00 32.90 ? 318 HOH X O     1 
HETATM 1375 O O     . HOH E 5 .   ? 6.794   -0.251  7.021   1.00 33.49 ? 319 HOH X O     1 
HETATM 1376 O O     . HOH E 5 .   ? 6.400   -1.538  14.911  1.00 32.54 ? 320 HOH X O     1 
HETATM 1377 O O     . HOH E 5 .   ? 5.670   -0.328  3.754   1.00 27.78 ? 321 HOH X O     1 
HETATM 1378 O O     . HOH E 5 .   ? -16.226 -11.540 -5.038  1.00 46.73 ? 322 HOH X O     1 
HETATM 1379 O O     . HOH E 5 .   ? -18.161 3.234   -1.058  1.00 42.63 ? 323 HOH X O     1 
HETATM 1380 O O     . HOH E 5 .   ? 4.402   16.549  -3.496  1.00 31.91 ? 324 HOH X O     1 
HETATM 1381 O O     . HOH E 5 .   ? 1.449   -1.916  -14.899 1.00 36.96 ? 325 HOH X O     1 
HETATM 1382 O O     . HOH E 5 .   ? 9.606   -0.123  10.841  1.00 33.45 ? 326 HOH X O     1 
HETATM 1383 O O     . HOH E 5 .   ? 7.694   7.371   21.218  1.00 48.47 ? 327 HOH X O     1 
HETATM 1384 O O     . HOH E 5 .   ? -2.542  13.310  9.372   1.00 41.54 ? 328 HOH X O     1 
HETATM 1385 O O     . HOH E 5 .   ? -3.257  11.835  -2.442  1.00 31.25 ? 329 HOH X O     1 
HETATM 1386 O O     . HOH E 5 .   ? 4.193   13.918  -13.794 1.00 39.96 ? 330 HOH X O     1 
HETATM 1387 O O     . HOH E 5 .   ? -10.500 6.222   -15.235 1.00 39.20 ? 331 HOH X O     1 
HETATM 1388 O O     . HOH E 5 .   ? 2.953   1.892   -2.720  1.00 26.57 ? 332 HOH X O     1 
HETATM 1389 O O     . HOH E 5 .   ? -13.518 -2.595  -14.386 1.00 41.65 ? 333 HOH X O     1 
HETATM 1390 O O     . HOH E 5 .   ? 7.002   -0.945  17.488  1.00 32.04 ? 334 HOH X O     1 
HETATM 1391 O O     . HOH E 5 .   ? -2.357  -18.285 -3.331  1.00 38.73 ? 335 HOH X O     1 
HETATM 1392 O O     . HOH E 5 .   ? 16.303  4.074   14.119  1.00 33.50 ? 336 HOH X O     1 
HETATM 1393 O O     . HOH E 5 .   ? 11.241  -5.344  6.900   1.00 41.89 ? 337 HOH X O     1 
HETATM 1394 O O     . HOH E 5 .   ? -22.911 -7.429  -14.405 1.00 44.01 ? 338 HOH X O     1 
HETATM 1395 O O     . HOH E 5 .   ? 4.028   -15.168 -0.118  1.00 45.75 ? 339 HOH X O     1 
HETATM 1396 O O     . HOH E 5 .   ? -21.056 -2.032  -13.912 1.00 43.80 ? 340 HOH X O     1 
HETATM 1397 O O     . HOH E 5 .   ? 6.481   14.873  -7.404  1.00 35.07 ? 341 HOH X O     1 
HETATM 1398 O O     . HOH E 5 .   ? -5.884  10.757  -9.381  1.00 53.70 ? 342 HOH X O     1 
HETATM 1399 O O     . HOH E 5 .   ? 7.623   -1.462  9.470   1.00 28.98 ? 343 HOH X O     1 
HETATM 1400 O O     . HOH E 5 .   ? 5.319   17.161  -5.907  1.00 34.51 ? 344 HOH X O     1 
HETATM 1401 O O     . HOH E 5 .   ? 20.660  4.667   3.537   1.00 40.24 ? 345 HOH X O     1 
HETATM 1402 O O     . HOH E 5 .   ? 7.802   -4.062  10.011  1.00 35.87 ? 346 HOH X O     1 
# 
loop_
_pdbx_poly_seq_scheme.asym_id 
_pdbx_poly_seq_scheme.entity_id 
_pdbx_poly_seq_scheme.seq_id 
_pdbx_poly_seq_scheme.mon_id 
_pdbx_poly_seq_scheme.ndb_seq_num 
_pdbx_poly_seq_scheme.pdb_seq_num 
_pdbx_poly_seq_scheme.auth_seq_num 
_pdbx_poly_seq_scheme.pdb_mon_id 
_pdbx_poly_seq_scheme.auth_mon_id 
_pdbx_poly_seq_scheme.pdb_strand_id 
_pdbx_poly_seq_scheme.pdb_ins_code 
_pdbx_poly_seq_scheme.hetero 
A 1 1   THR 1   1   1   THR THR X . n 
A 1 2   LEU 2   2   2   LEU LEU X . n 
A 1 3   SER 3   3   3   SER SER X . n 
A 1 4   ILE 4   4   4   ILE ILE X . n 
A 1 5   LEU 5   5   5   LEU LEU X . n 
A 1 6   VAL 6   6   6   VAL VAL X . n 
A 1 7   ALA 7   7   7   ALA ALA X . n 
A 1 8   HIS 8   8   8   HIS HIS X . n 
A 1 9   ASP 9   9   9   ASP ASP X . n 
A 1 10  LEU 10  10  10  LEU LEU X . n 
A 1 11  GLN 11  11  11  GLN GLN X . n 
A 1 12  ARG 12  12  12  ARG ARG X . n 
A 1 13  VAL 13  13  13  VAL VAL X . n 
A 1 14  ILE 14  14  14  ILE ILE X . n 
A 1 15  GLY 15  15  15  GLY GLY X . n 
A 1 16  PHE 16  16  16  PHE PHE X . n 
A 1 17  GLU 17  17  17  GLU GLU X . n 
A 1 18  ASN 18  18  18  ASN ASN X . n 
A 1 19  GLN 19  19  19  GLN GLN X . n 
A 1 20  LEU 20  20  20  LEU LEU X . n 
A 1 21  PRO 21  21  21  PRO PRO X . n 
A 1 22  TRP 22  22  22  TRP TRP X . n 
A 1 23  HIS 23  23  23  HIS HIS X . n 
A 1 24  LEU 24  24  24  LEU LEU X . n 
A 1 25  PRO 25  25  25  PRO PRO X . n 
A 1 26  ASN 26  26  26  ASN ASN X . n 
A 1 27  ASP 27  27  27  ASP ASP X . n 
A 1 28  LEU 28  28  28  LEU LEU X . n 
A 1 29  LYS 29  29  29  LYS LYS X . n 
A 1 30  HIS 30  30  30  HIS HIS X . n 
A 1 31  VAL 31  31  31  VAL VAL X . n 
A 1 32  LYS 32  32  32  LYS LYS X . n 
A 1 33  LYS 33  33  33  LYS LYS X . n 
A 1 34  LEU 34  34  34  LEU LEU X . n 
A 1 35  SER 35  35  35  SER SER X . n 
A 1 36  THR 36  36  36  THR THR X . n 
A 1 37  GLY 37  37  37  GLY GLY X . n 
A 1 38  HIS 38  38  38  HIS HIS X . n 
A 1 39  THR 39  39  39  THR THR X . n 
A 1 40  LEU 40  40  40  LEU LEU X . n 
A 1 41  VAL 41  41  41  VAL VAL X . n 
A 1 42  MET 42  42  42  MET MET X . n 
A 1 43  GLY 43  43  43  GLY GLY X . n 
A 1 44  ARG 44  44  44  ARG ARG X . n 
A 1 45  LYS 45  45  45  LYS LYS X . n 
A 1 46  THR 46  46  46  THR THR X . n 
A 1 47  PHE 47  47  47  PHE PHE X . n 
A 1 48  GLU 48  48  48  GLU GLU X . n 
A 1 49  SER 49  49  49  SER SER X . n 
A 1 50  ILE 50  50  50  ILE ILE X . n 
A 1 51  GLY 51  51  51  GLY GLY X . n 
A 1 52  LYS 52  52  52  LYS LYS X . n 
A 1 53  PRO 53  53  53  PRO PRO X . n 
A 1 54  LEU 54  54  54  LEU LEU X . n 
A 1 55  PRO 55  55  55  PRO PRO X . n 
A 1 56  ASN 56  56  56  ASN ASN X . n 
A 1 57  ARG 57  57  57  ARG ARG X . n 
A 1 58  ARG 58  58  58  ARG ARG X . n 
A 1 59  ASN 59  59  59  ASN ASN X . n 
A 1 60  VAL 60  60  60  VAL VAL X . n 
A 1 61  VAL 61  61  61  VAL VAL X . n 
A 1 62  LEU 62  62  62  LEU LEU X . n 
A 1 63  THR 63  63  63  THR THR X . n 
A 1 64  SER 64  64  64  SER SER X . n 
A 1 65  ASP 65  65  65  ASP ASP X . n 
A 1 66  THR 66  66  66  THR THR X . n 
A 1 67  SER 67  67  67  SER SER X . n 
A 1 68  PHE 68  68  68  PHE PHE X . n 
A 1 69  ASN 69  69  69  ASN ASN X . n 
A 1 70  VAL 70  70  70  VAL VAL X . n 
A 1 71  GLU 71  71  71  GLU GLU X . n 
A 1 72  GLY 72  72  72  GLY GLY X . n 
A 1 73  VAL 73  73  73  VAL VAL X . n 
A 1 74  ASP 74  74  74  ASP ASP X . n 
A 1 75  VAL 75  75  75  VAL VAL X . n 
A 1 76  ILE 76  76  76  ILE ILE X . n 
A 1 77  HIS 77  77  77  HIS HIS X . n 
A 1 78  SER 78  78  78  SER SER X . n 
A 1 79  ILE 79  79  79  ILE ILE X . n 
A 1 80  GLU 80  80  80  GLU GLU X . n 
A 1 81  ASP 81  81  81  ASP ASP X . n 
A 1 82  ILE 82  82  82  ILE ILE X . n 
A 1 83  TYR 83  83  83  TYR TYR X . n 
A 1 84  GLN 84  84  84  GLN GLN X . n 
A 1 85  LEU 85  85  85  LEU LEU X . n 
A 1 86  PRO 86  86  86  PRO PRO X . n 
A 1 87  GLY 87  87  87  GLY GLY X . n 
A 1 88  HIS 88  88  88  HIS HIS X . n 
A 1 89  VAL 89  89  89  VAL VAL X . n 
A 1 90  PHE 90  90  90  PHE PHE X . n 
A 1 91  ILE 91  91  91  ILE ILE X . n 
A 1 92  PHE 92  92  92  PHE PHE X . n 
A 1 93  GLY 93  93  93  GLY GLY X . n 
A 1 94  GLY 94  94  94  GLY GLY X . n 
A 1 95  GLN 95  95  95  GLN GLN X . n 
A 1 96  THR 96  96  96  THR THR X . n 
A 1 97  LEU 97  97  97  LEU LEU X . n 
A 1 98  PHE 98  98  98  PHE PHE X . n 
A 1 99  GLU 99  99  99  GLU GLU X . n 
A 1 100 GLU 100 100 100 GLU GLU X . n 
A 1 101 MET 101 101 101 MET MET X . n 
A 1 102 ILE 102 102 102 ILE ILE X . n 
A 1 103 ASP 103 103 103 ASP ASP X . n 
A 1 104 LYS 104 104 104 LYS LYS X . n 
A 1 105 VAL 105 105 105 VAL VAL X . n 
A 1 106 ASP 106 106 106 ASP ASP X . n 
A 1 107 ASP 107 107 107 ASP ASP X . n 
A 1 108 MET 108 108 108 MET MET X . n 
A 1 109 TYR 109 109 109 TYR TYR X . n 
A 1 110 ILE 110 110 110 ILE ILE X . n 
A 1 111 THR 111 111 111 THR THR X . n 
A 1 112 VAL 112 112 112 VAL VAL X . n 
A 1 113 ILE 113 113 113 ILE ILE X . n 
A 1 114 GLU 114 114 114 GLU GLU X . n 
A 1 115 GLY 115 115 115 GLY GLY X . n 
A 1 116 LYS 116 116 116 LYS LYS X . n 
A 1 117 PHE 117 117 117 PHE PHE X . n 
A 1 118 ARG 118 118 118 ARG ARG X . n 
A 1 119 GLY 119 119 119 GLY GLY X . n 
A 1 120 ASP 120 120 120 ASP ASP X . n 
A 1 121 THR 121 121 121 THR THR X . n 
A 1 122 PHE 122 122 122 PHE PHE X . n 
A 1 123 PHE 123 123 123 PHE PHE X . n 
A 1 124 PRO 124 124 124 PRO PRO X . n 
A 1 125 PRO 125 125 125 PRO PRO X . n 
A 1 126 TYR 126 126 126 TYR TYR X . n 
A 1 127 THR 127 127 127 THR THR X . n 
A 1 128 PHE 128 128 128 PHE PHE X . n 
A 1 129 GLU 129 129 129 GLU GLU X . n 
A 1 130 ASP 130 130 130 ASP ASP X . n 
A 1 131 TRP 131 131 131 TRP TRP X . n 
A 1 132 GLU 132 132 132 GLU GLU X . n 
A 1 133 VAL 133 133 133 VAL VAL X . n 
A 1 134 ALA 134 134 134 ALA ALA X . n 
A 1 135 SER 135 135 135 SER SER X . n 
A 1 136 SER 136 136 136 SER SER X . n 
A 1 137 VAL 137 137 137 VAL VAL X . n 
A 1 138 GLU 138 138 138 GLU GLU X . n 
A 1 139 GLY 139 139 139 GLY GLY X . n 
A 1 140 LYS 140 140 140 LYS LYS X . n 
A 1 141 LEU 141 141 141 LEU LEU X . n 
A 1 142 ASP 142 142 142 ASP ASP X . n 
A 1 143 GLU 143 143 143 GLU GLU X . n 
A 1 144 LYS 144 144 144 LYS LYS X . n 
A 1 145 ASN 145 145 145 ASN ASN X . n 
A 1 146 THR 146 146 146 THR THR X . n 
A 1 147 ILE 147 147 147 ILE ILE X . n 
A 1 148 PRO 148 148 148 PRO PRO X . n 
A 1 149 HIS 149 149 149 HIS HIS X . n 
A 1 150 THR 150 150 150 THR THR X . n 
A 1 151 PHE 151 151 151 PHE PHE X . n 
A 1 152 LEU 152 152 152 LEU LEU X . n 
A 1 153 HIS 153 153 153 HIS HIS X . n 
A 1 154 LEU 154 154 154 LEU LEU X . n 
A 1 155 ILE 155 155 155 ILE ILE X . n 
A 1 156 ARG 156 156 156 ARG ARG X . n 
A 1 157 LYS 157 157 157 LYS LYS X . n 
# 
_pdbx_contact_author.id                 2 
_pdbx_contact_author.email              Dennis.wright@uconn.edu 
_pdbx_contact_author.name_first         Dennis 
_pdbx_contact_author.name_last          Wright 
_pdbx_contact_author.name_mi            l 
_pdbx_contact_author.role               'principal investigator/group leader' 
_pdbx_contact_author.identifier_ORCID   0000-0002-0169-5962 
# 
loop_
_pdbx_nonpoly_scheme.asym_id 
_pdbx_nonpoly_scheme.entity_id 
_pdbx_nonpoly_scheme.mon_id 
_pdbx_nonpoly_scheme.ndb_seq_num 
_pdbx_nonpoly_scheme.pdb_seq_num 
_pdbx_nonpoly_scheme.auth_seq_num 
_pdbx_nonpoly_scheme.pdb_mon_id 
_pdbx_nonpoly_scheme.auth_mon_id 
_pdbx_nonpoly_scheme.pdb_strand_id 
_pdbx_nonpoly_scheme.pdb_ins_code 
B 2 XNP 1  201 201 XNP XNP X . 
C 3 06U 1  202 1   06U DRG X . 
D 4 ACT 1  203 701 ACT ACT X . 
E 5 HOH 1  301 14  HOH HOH X . 
E 5 HOH 2  302 6   HOH HOH X . 
E 5 HOH 3  303 27  HOH HOH X . 
E 5 HOH 4  304 14  HOH HOH X . 
E 5 HOH 5  305 2   HOH HOH X . 
E 5 HOH 6  306 5   HOH HOH X . 
E 5 HOH 7  307 23  HOH HOH X . 
E 5 HOH 8  308 15  HOH HOH X . 
E 5 HOH 9  309 7   HOH HOH X . 
E 5 HOH 10 310 33  HOH HOH X . 
E 5 HOH 11 311 13  HOH HOH X . 
E 5 HOH 12 312 28  HOH HOH X . 
E 5 HOH 13 313 11  HOH HOH X . 
E 5 HOH 14 314 4   HOH HOH X . 
E 5 HOH 15 315 8   HOH HOH X . 
E 5 HOH 16 316 29  HOH HOH X . 
E 5 HOH 17 317 11  HOH HOH X . 
E 5 HOH 18 318 3   HOH HOH X . 
E 5 HOH 19 319 10  HOH HOH X . 
E 5 HOH 20 320 16  HOH HOH X . 
E 5 HOH 21 321 1   HOH HOH X . 
E 5 HOH 22 322 30  HOH HOH X . 
E 5 HOH 23 323 24  HOH HOH X . 
E 5 HOH 24 324 6   HOH HOH X . 
E 5 HOH 25 325 12  HOH HOH X . 
E 5 HOH 26 326 17  HOH HOH X . 
E 5 HOH 27 327 25  HOH HOH X . 
E 5 HOH 28 328 8   HOH HOH X . 
E 5 HOH 29 329 12  HOH HOH X . 
E 5 HOH 30 330 18  HOH HOH X . 
E 5 HOH 31 331 5   HOH HOH X . 
E 5 HOH 32 332 32  HOH HOH X . 
E 5 HOH 33 333 3   HOH HOH X . 
E 5 HOH 34 334 13  HOH HOH X . 
E 5 HOH 35 335 4   HOH HOH X . 
E 5 HOH 36 336 1   HOH HOH X . 
E 5 HOH 37 337 21  HOH HOH X . 
E 5 HOH 38 338 26  HOH HOH X . 
E 5 HOH 39 339 31  HOH HOH X . 
E 5 HOH 40 340 22  HOH HOH X . 
E 5 HOH 41 341 10  HOH HOH X . 
E 5 HOH 42 342 19  HOH HOH X . 
E 5 HOH 43 343 9   HOH HOH X . 
E 5 HOH 44 344 9   HOH HOH X . 
E 5 HOH 45 345 2   HOH HOH X . 
E 5 HOH 46 346 20  HOH HOH X . 
# 
_pdbx_struct_assembly.id                   1 
_pdbx_struct_assembly.details              author_defined_assembly 
_pdbx_struct_assembly.method_details       ? 
_pdbx_struct_assembly.oligomeric_details   monomeric 
_pdbx_struct_assembly.oligomeric_count     1 
# 
_pdbx_struct_assembly_gen.assembly_id       1 
_pdbx_struct_assembly_gen.oper_expression   1 
_pdbx_struct_assembly_gen.asym_id_list      A,B,C,D,E 
# 
_pdbx_struct_oper_list.id                   1 
_pdbx_struct_oper_list.type                 'identity operation' 
_pdbx_struct_oper_list.name                 1_555 
_pdbx_struct_oper_list.symmetry_operation   x,y,z 
_pdbx_struct_oper_list.matrix[1][1]         1.0000000000 
_pdbx_struct_oper_list.matrix[1][2]         0.0000000000 
_pdbx_struct_oper_list.matrix[1][3]         0.0000000000 
_pdbx_struct_oper_list.vector[1]            0.0000000000 
_pdbx_struct_oper_list.matrix[2][1]         0.0000000000 
_pdbx_struct_oper_list.matrix[2][2]         1.0000000000 
_pdbx_struct_oper_list.matrix[2][3]         0.0000000000 
_pdbx_struct_oper_list.vector[2]            0.0000000000 
_pdbx_struct_oper_list.matrix[3][1]         0.0000000000 
_pdbx_struct_oper_list.matrix[3][2]         0.0000000000 
_pdbx_struct_oper_list.matrix[3][3]         1.0000000000 
_pdbx_struct_oper_list.vector[3]            0.0000000000 
# 
loop_
_pdbx_audit_revision_history.ordinal 
_pdbx_audit_revision_history.data_content_type 
_pdbx_audit_revision_history.major_revision 
_pdbx_audit_revision_history.minor_revision 
_pdbx_audit_revision_history.revision_date 
1 'Structure model' 1 0 2022-02-02 
2 'Structure model' 1 1 2023-08-16 
3 'Structure model' 1 2 2023-10-18 
# 
_pdbx_audit_revision_details.ordinal             1 
_pdbx_audit_revision_details.revision_ordinal    1 
_pdbx_audit_revision_details.data_content_type   'Structure model' 
_pdbx_audit_revision_details.provider            repository 
_pdbx_audit_revision_details.type                'Initial release' 
_pdbx_audit_revision_details.description         ? 
_pdbx_audit_revision_details.details             ? 
# 
loop_
_pdbx_audit_revision_group.ordinal 
_pdbx_audit_revision_group.revision_ordinal 
_pdbx_audit_revision_group.data_content_type 
_pdbx_audit_revision_group.group 
1 2 'Structure model' 'Data collection'        
2 2 'Structure model' 'Database references'    
3 3 'Structure model' 'Refinement description' 
# 
loop_
_pdbx_audit_revision_category.ordinal 
_pdbx_audit_revision_category.revision_ordinal 
_pdbx_audit_revision_category.data_content_type 
_pdbx_audit_revision_category.category 
1 2 'Structure model' chem_comp_atom                
2 2 'Structure model' chem_comp_bond                
3 2 'Structure model' citation                      
4 2 'Structure model' citation_author               
5 3 'Structure model' pdbx_initial_refinement_model 
# 
loop_
_pdbx_audit_revision_item.ordinal 
_pdbx_audit_revision_item.revision_ordinal 
_pdbx_audit_revision_item.data_content_type 
_pdbx_audit_revision_item.item 
1  2 'Structure model' '_citation.country'                 
2  2 'Structure model' '_citation.journal_abbrev'          
3  2 'Structure model' '_citation.journal_id_CSD'          
4  2 'Structure model' '_citation.journal_id_ISSN'         
5  2 'Structure model' '_citation.journal_volume'          
6  2 'Structure model' '_citation.page_first'              
7  2 'Structure model' '_citation.page_last'               
8  2 'Structure model' '_citation.pdbx_database_id_DOI'    
9  2 'Structure model' '_citation.pdbx_database_id_PubMed' 
10 2 'Structure model' '_citation.title'                   
11 2 'Structure model' '_citation.year'                    
# 
loop_
_software.citation_id 
_software.classification 
_software.compiler_name 
_software.compiler_version 
_software.contact_author 
_software.contact_author_email 
_software.date 
_software.description 
_software.dependencies 
_software.hardware 
_software.language 
_software.location 
_software.mods 
_software.name 
_software.os 
_software.os_version 
_software.type 
_software.version 
_software.pdbx_ordinal 
? refinement       ? ? ? ? ? ? ? ? ? ? ? PHENIX   ? ? ? '(1.14_3260)' 1 
? 'data reduction' ? ? ? ? ? ? ? ? ? ? ? HKL-2000 ? ? ? .             2 
? 'data scaling'   ? ? ? ? ? ? ? ? ? ? ? HKL-2000 ? ? ? .             3 
? phasing          ? ? ? ? ? ? ? ? ? ? ? PHENIX   ? ? ? .             4 
# 
_pdbx_entry_details.entry_id                 7T7S 
_pdbx_entry_details.nonpolymer_details       ? 
_pdbx_entry_details.sequence_details         ? 
_pdbx_entry_details.compound_details         ? 
_pdbx_entry_details.source_details           ? 
_pdbx_entry_details.has_ligand_of_interest   Y 
# 
loop_
_pdbx_validate_torsion.id 
_pdbx_validate_torsion.PDB_model_num 
_pdbx_validate_torsion.auth_comp_id 
_pdbx_validate_torsion.auth_asym_id 
_pdbx_validate_torsion.auth_seq_id 
_pdbx_validate_torsion.PDB_ins_code 
_pdbx_validate_torsion.label_alt_id 
_pdbx_validate_torsion.phi 
_pdbx_validate_torsion.psi 
1 1 HIS X 38  ? ? -125.25 -150.64 
2 1 ASN X 56  ? ? 70.79   31.46   
3 1 ASP X 142 ? ? -162.89 -162.60 
4 1 GLU X 143 ? ? -21.95  -72.83  
# 
loop_
_pdbx_unobs_or_zero_occ_atoms.id 
_pdbx_unobs_or_zero_occ_atoms.PDB_model_num 
_pdbx_unobs_or_zero_occ_atoms.polymer_flag 
_pdbx_unobs_or_zero_occ_atoms.occupancy_flag 
_pdbx_unobs_or_zero_occ_atoms.auth_asym_id 
_pdbx_unobs_or_zero_occ_atoms.auth_comp_id 
_pdbx_unobs_or_zero_occ_atoms.auth_seq_id 
_pdbx_unobs_or_zero_occ_atoms.PDB_ins_code 
_pdbx_unobs_or_zero_occ_atoms.auth_atom_id 
_pdbx_unobs_or_zero_occ_atoms.label_alt_id 
_pdbx_unobs_or_zero_occ_atoms.label_asym_id 
_pdbx_unobs_or_zero_occ_atoms.label_comp_id 
_pdbx_unobs_or_zero_occ_atoms.label_seq_id 
_pdbx_unobs_or_zero_occ_atoms.label_atom_id 
1 1 Y 1 X LYS 52 ? CG ? A LYS 52 CG 
2 1 Y 1 X LYS 52 ? CD ? A LYS 52 CD 
3 1 Y 1 X LYS 52 ? CE ? A LYS 52 CE 
4 1 Y 1 X LYS 52 ? NZ ? A LYS 52 NZ 
# 
loop_
_chem_comp_atom.comp_id 
_chem_comp_atom.atom_id 
_chem_comp_atom.type_symbol 
_chem_comp_atom.pdbx_aromatic_flag 
_chem_comp_atom.pdbx_stereo_config 
_chem_comp_atom.pdbx_ordinal 
06U N1    N Y N 1   
06U C2    C Y N 2   
06U N3    N Y N 3   
06U C4    C Y N 4   
06U C5    C Y N 5   
06U C6    C Y N 6   
06U CAA   C Y N 7   
06U NAH   N N N 8   
06U CAI   C N N 9   
06U NAJ   N N N 10  
06U CAK   C N N 11  
06U CAL   C N N 12  
06U CAM   C N R 13  
06U CAN   C N N 14  
06U CAO   C Y N 15  
06U CAP   C Y N 16  
06U CAQ   C Y N 17  
06U CAR   C Y N 18  
06U CAS   C Y N 19  
06U CAT   C Y N 20  
06U CAU   C Y N 21  
06U CAV   C Y N 22  
06U CAW   C Y N 23  
06U NAX   N Y N 24  
06U CAY   C Y N 25  
06U CAZ   C N N 26  
06U OBA   O N N 27  
06U CBB   C N N 28  
06U HAA   H N N 29  
06U HNAH  H N N 30  
06U HNAA  H N N 31  
06U HAI   H N N 32  
06U HAIA  H N N 33  
06U HNAJ  H N N 34  
06U HNAB  H N N 35  
06U HAM   H N N 36  
06U HAN   H N N 37  
06U HANA  H N N 38  
06U HANB  H N N 39  
06U HAP   H N N 40  
06U HAR   H N N 41  
06U HAT   H N N 42  
06U HAV   H N N 43  
06U HAW   H N N 44  
06U HAY   H N N 45  
06U HAZ   H N N 46  
06U HAZA  H N N 47  
06U HAZB  H N N 48  
06U HBB   H N N 49  
06U HBBA  H N N 50  
06U HBBB  H N N 51  
ACT C     C N N 52  
ACT O     O N N 53  
ACT OXT   O N N 54  
ACT CH3   C N N 55  
ACT H1    H N N 56  
ACT H2    H N N 57  
ACT H3    H N N 58  
ALA N     N N N 59  
ALA CA    C N S 60  
ALA C     C N N 61  
ALA O     O N N 62  
ALA CB    C N N 63  
ALA OXT   O N N 64  
ALA H     H N N 65  
ALA H2    H N N 66  
ALA HA    H N N 67  
ALA HB1   H N N 68  
ALA HB2   H N N 69  
ALA HB3   H N N 70  
ALA HXT   H N N 71  
ARG N     N N N 72  
ARG CA    C N S 73  
ARG C     C N N 74  
ARG O     O N N 75  
ARG CB    C N N 76  
ARG CG    C N N 77  
ARG CD    C N N 78  
ARG NE    N N N 79  
ARG CZ    C N N 80  
ARG NH1   N N N 81  
ARG NH2   N N N 82  
ARG OXT   O N N 83  
ARG H     H N N 84  
ARG H2    H N N 85  
ARG HA    H N N 86  
ARG HB2   H N N 87  
ARG HB3   H N N 88  
ARG HG2   H N N 89  
ARG HG3   H N N 90  
ARG HD2   H N N 91  
ARG HD3   H N N 92  
ARG HE    H N N 93  
ARG HH11  H N N 94  
ARG HH12  H N N 95  
ARG HH21  H N N 96  
ARG HH22  H N N 97  
ARG HXT   H N N 98  
ASN N     N N N 99  
ASN CA    C N S 100 
ASN C     C N N 101 
ASN O     O N N 102 
ASN CB    C N N 103 
ASN CG    C N N 104 
ASN OD1   O N N 105 
ASN ND2   N N N 106 
ASN OXT   O N N 107 
ASN H     H N N 108 
ASN H2    H N N 109 
ASN HA    H N N 110 
ASN HB2   H N N 111 
ASN HB3   H N N 112 
ASN HD21  H N N 113 
ASN HD22  H N N 114 
ASN HXT   H N N 115 
ASP N     N N N 116 
ASP CA    C N S 117 
ASP C     C N N 118 
ASP O     O N N 119 
ASP CB    C N N 120 
ASP CG    C N N 121 
ASP OD1   O N N 122 
ASP OD2   O N N 123 
ASP OXT   O N N 124 
ASP H     H N N 125 
ASP H2    H N N 126 
ASP HA    H N N 127 
ASP HB2   H N N 128 
ASP HB3   H N N 129 
ASP HD2   H N N 130 
ASP HXT   H N N 131 
GLN N     N N N 132 
GLN CA    C N S 133 
GLN C     C N N 134 
GLN O     O N N 135 
GLN CB    C N N 136 
GLN CG    C N N 137 
GLN CD    C N N 138 
GLN OE1   O N N 139 
GLN NE2   N N N 140 
GLN OXT   O N N 141 
GLN H     H N N 142 
GLN H2    H N N 143 
GLN HA    H N N 144 
GLN HB2   H N N 145 
GLN HB3   H N N 146 
GLN HG2   H N N 147 
GLN HG3   H N N 148 
GLN HE21  H N N 149 
GLN HE22  H N N 150 
GLN HXT   H N N 151 
GLU N     N N N 152 
GLU CA    C N S 153 
GLU C     C N N 154 
GLU O     O N N 155 
GLU CB    C N N 156 
GLU CG    C N N 157 
GLU CD    C N N 158 
GLU OE1   O N N 159 
GLU OE2   O N N 160 
GLU OXT   O N N 161 
GLU H     H N N 162 
GLU H2    H N N 163 
GLU HA    H N N 164 
GLU HB2   H N N 165 
GLU HB3   H N N 166 
GLU HG2   H N N 167 
GLU HG3   H N N 168 
GLU HE2   H N N 169 
GLU HXT   H N N 170 
GLY N     N N N 171 
GLY CA    C N N 172 
GLY C     C N N 173 
GLY O     O N N 174 
GLY OXT   O N N 175 
GLY H     H N N 176 
GLY H2    H N N 177 
GLY HA2   H N N 178 
GLY HA3   H N N 179 
GLY HXT   H N N 180 
HIS N     N N N 181 
HIS CA    C N S 182 
HIS C     C N N 183 
HIS O     O N N 184 
HIS CB    C N N 185 
HIS CG    C Y N 186 
HIS ND1   N Y N 187 
HIS CD2   C Y N 188 
HIS CE1   C Y N 189 
HIS NE2   N Y N 190 
HIS OXT   O N N 191 
HIS H     H N N 192 
HIS H2    H N N 193 
HIS HA    H N N 194 
HIS HB2   H N N 195 
HIS HB3   H N N 196 
HIS HD1   H N N 197 
HIS HD2   H N N 198 
HIS HE1   H N N 199 
HIS HE2   H N N 200 
HIS HXT   H N N 201 
HOH O     O N N 202 
HOH H1    H N N 203 
HOH H2    H N N 204 
ILE N     N N N 205 
ILE CA    C N S 206 
ILE C     C N N 207 
ILE O     O N N 208 
ILE CB    C N S 209 
ILE CG1   C N N 210 
ILE CG2   C N N 211 
ILE CD1   C N N 212 
ILE OXT   O N N 213 
ILE H     H N N 214 
ILE H2    H N N 215 
ILE HA    H N N 216 
ILE HB    H N N 217 
ILE HG12  H N N 218 
ILE HG13  H N N 219 
ILE HG21  H N N 220 
ILE HG22  H N N 221 
ILE HG23  H N N 222 
ILE HD11  H N N 223 
ILE HD12  H N N 224 
ILE HD13  H N N 225 
ILE HXT   H N N 226 
LEU N     N N N 227 
LEU CA    C N S 228 
LEU C     C N N 229 
LEU O     O N N 230 
LEU CB    C N N 231 
LEU CG    C N N 232 
LEU CD1   C N N 233 
LEU CD2   C N N 234 
LEU OXT   O N N 235 
LEU H     H N N 236 
LEU H2    H N N 237 
LEU HA    H N N 238 
LEU HB2   H N N 239 
LEU HB3   H N N 240 
LEU HG    H N N 241 
LEU HD11  H N N 242 
LEU HD12  H N N 243 
LEU HD13  H N N 244 
LEU HD21  H N N 245 
LEU HD22  H N N 246 
LEU HD23  H N N 247 
LEU HXT   H N N 248 
LYS N     N N N 249 
LYS CA    C N S 250 
LYS C     C N N 251 
LYS O     O N N 252 
LYS CB    C N N 253 
LYS CG    C N N 254 
LYS CD    C N N 255 
LYS CE    C N N 256 
LYS NZ    N N N 257 
LYS OXT   O N N 258 
LYS H     H N N 259 
LYS H2    H N N 260 
LYS HA    H N N 261 
LYS HB2   H N N 262 
LYS HB3   H N N 263 
LYS HG2   H N N 264 
LYS HG3   H N N 265 
LYS HD2   H N N 266 
LYS HD3   H N N 267 
LYS HE2   H N N 268 
LYS HE3   H N N 269 
LYS HZ1   H N N 270 
LYS HZ2   H N N 271 
LYS HZ3   H N N 272 
LYS HXT   H N N 273 
MET N     N N N 274 
MET CA    C N S 275 
MET C     C N N 276 
MET O     O N N 277 
MET CB    C N N 278 
MET CG    C N N 279 
MET SD    S N N 280 
MET CE    C N N 281 
MET OXT   O N N 282 
MET H     H N N 283 
MET H2    H N N 284 
MET HA    H N N 285 
MET HB2   H N N 286 
MET HB3   H N N 287 
MET HG2   H N N 288 
MET HG3   H N N 289 
MET HE1   H N N 290 
MET HE2   H N N 291 
MET HE3   H N N 292 
MET HXT   H N N 293 
PHE N     N N N 294 
PHE CA    C N S 295 
PHE C     C N N 296 
PHE O     O N N 297 
PHE CB    C N N 298 
PHE CG    C Y N 299 
PHE CD1   C Y N 300 
PHE CD2   C Y N 301 
PHE CE1   C Y N 302 
PHE CE2   C Y N 303 
PHE CZ    C Y N 304 
PHE OXT   O N N 305 
PHE H     H N N 306 
PHE H2    H N N 307 
PHE HA    H N N 308 
PHE HB2   H N N 309 
PHE HB3   H N N 310 
PHE HD1   H N N 311 
PHE HD2   H N N 312 
PHE HE1   H N N 313 
PHE HE2   H N N 314 
PHE HZ    H N N 315 
PHE HXT   H N N 316 
PRO N     N N N 317 
PRO CA    C N S 318 
PRO C     C N N 319 
PRO O     O N N 320 
PRO CB    C N N 321 
PRO CG    C N N 322 
PRO CD    C N N 323 
PRO OXT   O N N 324 
PRO H     H N N 325 
PRO HA    H N N 326 
PRO HB2   H N N 327 
PRO HB3   H N N 328 
PRO HG2   H N N 329 
PRO HG3   H N N 330 
PRO HD2   H N N 331 
PRO HD3   H N N 332 
PRO HXT   H N N 333 
SER N     N N N 334 
SER CA    C N S 335 
SER C     C N N 336 
SER O     O N N 337 
SER CB    C N N 338 
SER OG    O N N 339 
SER OXT   O N N 340 
SER H     H N N 341 
SER H2    H N N 342 
SER HA    H N N 343 
SER HB2   H N N 344 
SER HB3   H N N 345 
SER HG    H N N 346 
SER HXT   H N N 347 
THR N     N N N 348 
THR CA    C N S 349 
THR C     C N N 350 
THR O     O N N 351 
THR CB    C N R 352 
THR OG1   O N N 353 
THR CG2   C N N 354 
THR OXT   O N N 355 
THR H     H N N 356 
THR H2    H N N 357 
THR HA    H N N 358 
THR HB    H N N 359 
THR HG1   H N N 360 
THR HG21  H N N 361 
THR HG22  H N N 362 
THR HG23  H N N 363 
THR HXT   H N N 364 
TRP N     N N N 365 
TRP CA    C N S 366 
TRP C     C N N 367 
TRP O     O N N 368 
TRP CB    C N N 369 
TRP CG    C Y N 370 
TRP CD1   C Y N 371 
TRP CD2   C Y N 372 
TRP NE1   N Y N 373 
TRP CE2   C Y N 374 
TRP CE3   C Y N 375 
TRP CZ2   C Y N 376 
TRP CZ3   C Y N 377 
TRP CH2   C Y N 378 
TRP OXT   O N N 379 
TRP H     H N N 380 
TRP H2    H N N 381 
TRP HA    H N N 382 
TRP HB2   H N N 383 
TRP HB3   H N N 384 
TRP HD1   H N N 385 
TRP HE1   H N N 386 
TRP HE3   H N N 387 
TRP HZ2   H N N 388 
TRP HZ3   H N N 389 
TRP HH2   H N N 390 
TRP HXT   H N N 391 
TYR N     N N N 392 
TYR CA    C N S 393 
TYR C     C N N 394 
TYR O     O N N 395 
TYR CB    C N N 396 
TYR CG    C Y N 397 
TYR CD1   C Y N 398 
TYR CD2   C Y N 399 
TYR CE1   C Y N 400 
TYR CE2   C Y N 401 
TYR CZ    C Y N 402 
TYR OH    O N N 403 
TYR OXT   O N N 404 
TYR H     H N N 405 
TYR H2    H N N 406 
TYR HA    H N N 407 
TYR HB2   H N N 408 
TYR HB3   H N N 409 
TYR HD1   H N N 410 
TYR HD2   H N N 411 
TYR HE1   H N N 412 
TYR HE2   H N N 413 
TYR HH    H N N 414 
TYR HXT   H N N 415 
VAL N     N N N 416 
VAL CA    C N S 417 
VAL C     C N N 418 
VAL O     O N N 419 
VAL CB    C N N 420 
VAL CG1   C N N 421 
VAL CG2   C N N 422 
VAL OXT   O N N 423 
VAL H     H N N 424 
VAL H2    H N N 425 
VAL HA    H N N 426 
VAL HB    H N N 427 
VAL HG11  H N N 428 
VAL HG12  H N N 429 
VAL HG13  H N N 430 
VAL HG21  H N N 431 
VAL HG22  H N N 432 
VAL HG23  H N N 433 
VAL HXT   H N N 434 
XNP "O3'" O N N 435 
XNP "C3'" C N R 436 
XNP "C2'" C N R 437 
XNP "O2'" O N N 438 
XNP CAA   C N R 439 
XNP CAB   C N N 440 
XNP CAC   C N N 441 
XNP CAD   C N N 442 
XNP CBT   C N N 443 
XNP OBV   O N N 444 
XNP NBU   N N N 445 
XNP CAE   C N N 446 
XNP NAF   N N N 447 
XNP "C1'" C N R 448 
XNP "O4'" O N N 449 
XNP "C4'" C N R 450 
XNP "C5'" C N N 451 
XNP "O5'" O N N 452 
XNP PAN   P N N 453 
XNP OBP   O N N 454 
XNP OBO   O N N 455 
XNP OAO   O N N 456 
XNP PAP   P N N 457 
XNP OBQ   O N N 458 
XNP OBR   O N N 459 
XNP OAQ   O N N 460 
XNP CAR   C N N 461 
XNP CAS   C N R 462 
XNP OAW   O N N 463 
XNP CAT   C N R 464 
XNP OAZ   O N N 465 
XNP CAU   C N R 466 
XNP OAY   O N N 467 
XNP PBA   P N N 468 
XNP OBB   O N N 469 
XNP OBC   O N N 470 
XNP OBD   O N N 471 
XNP CAV   C N R 472 
XNP NAX   N Y N 473 
XNP CBE   C Y N 474 
XNP NBF   N Y N 475 
XNP CBG   C Y N 476 
XNP CBH   C Y N 477 
XNP NBL   N Y N 478 
XNP CBK   C Y N 479 
XNP NBJ   N Y N 480 
XNP CBI   C Y N 481 
XNP NBM   N N N 482 
XNP H1    H N N 483 
XNP H2    H N N 484 
XNP H3    H N N 485 
XNP H4    H N N 486 
XNP H5    H N N 487 
XNP H6    H N N 488 
XNP H7    H N N 489 
XNP H8    H N N 490 
XNP H9    H N N 491 
XNP H10   H N N 492 
XNP H11   H N N 493 
XNP H12   H N N 494 
XNP H13   H N N 495 
XNP H14   H N N 496 
XNP H15   H N N 497 
XNP H16   H N N 498 
XNP H17   H N N 499 
XNP H18   H N N 500 
XNP H19   H N N 501 
XNP H20   H N N 502 
XNP H21   H N N 503 
XNP H22   H N N 504 
XNP H23   H N N 505 
XNP H24   H N N 506 
XNP H25   H N N 507 
XNP H26   H N N 508 
XNP H27   H N N 509 
XNP H30   H N N 510 
XNP H31   H N N 511 
XNP H32   H N N 512 
# 
loop_
_chem_comp_bond.comp_id 
_chem_comp_bond.atom_id_1 
_chem_comp_bond.atom_id_2 
_chem_comp_bond.value_order 
_chem_comp_bond.pdbx_aromatic_flag 
_chem_comp_bond.pdbx_stereo_config 
_chem_comp_bond.pdbx_ordinal 
06U C2    N1    doub Y N 1   
06U N1    C6    sing Y N 2   
06U N3    C2    sing Y N 3   
06U NAH   C2    sing N N 4   
06U N3    C4    doub Y N 5   
06U CAI   C4    sing N N 6   
06U C4    C5    sing Y N 7   
06U C5    CAK   sing N N 8   
06U C5    C6    doub Y N 9   
06U C6    NAJ   sing N N 10  
06U CAY   CAA   doub Y N 11  
06U CAA   CAU   sing Y N 12  
06U CAA   HAA   sing N N 13  
06U NAH   HNAH  sing N N 14  
06U NAH   HNAA  sing N N 15  
06U CAZ   CAI   sing N N 16  
06U CAI   HAI   sing N N 17  
06U CAI   HAIA  sing N N 18  
06U NAJ   HNAJ  sing N N 19  
06U NAJ   HNAB  sing N N 20  
06U CAK   CAL   trip N N 21  
06U CAL   CAM   sing N N 22  
06U CAO   CAM   sing N N 23  
06U CAM   CAN   sing N N 24  
06U CAM   HAM   sing N N 25  
06U CAN   HAN   sing N N 26  
06U CAN   HANA  sing N N 27  
06U CAN   HANB  sing N N 28  
06U CAP   CAO   doub Y N 29  
06U CAT   CAO   sing Y N 30  
06U CAQ   CAP   sing Y N 31  
06U CAP   HAP   sing N N 32  
06U OBA   CAQ   sing N N 33  
06U CAR   CAQ   doub Y N 34  
06U CAR   CAS   sing Y N 35  
06U CAR   HAR   sing N N 36  
06U CAU   CAS   sing Y N 37  
06U CAS   CAT   doub Y N 38  
06U CAT   HAT   sing N N 39  
06U CAU   CAV   doub Y N 40  
06U CAW   CAV   sing Y N 41  
06U CAV   HAV   sing N N 42  
06U NAX   CAW   doub Y N 43  
06U CAW   HAW   sing N N 44  
06U CAY   NAX   sing Y N 45  
06U CAY   HAY   sing N N 46  
06U CAZ   HAZ   sing N N 47  
06U CAZ   HAZA  sing N N 48  
06U CAZ   HAZB  sing N N 49  
06U OBA   CBB   sing N N 50  
06U CBB   HBB   sing N N 51  
06U CBB   HBBA  sing N N 52  
06U CBB   HBBB  sing N N 53  
ACT C     O     doub N N 54  
ACT C     OXT   sing N N 55  
ACT C     CH3   sing N N 56  
ACT CH3   H1    sing N N 57  
ACT CH3   H2    sing N N 58  
ACT CH3   H3    sing N N 59  
ALA N     CA    sing N N 60  
ALA N     H     sing N N 61  
ALA N     H2    sing N N 62  
ALA CA    C     sing N N 63  
ALA CA    CB    sing N N 64  
ALA CA    HA    sing N N 65  
ALA C     O     doub N N 66  
ALA C     OXT   sing N N 67  
ALA CB    HB1   sing N N 68  
ALA CB    HB2   sing N N 69  
ALA CB    HB3   sing N N 70  
ALA OXT   HXT   sing N N 71  
ARG N     CA    sing N N 72  
ARG N     H     sing N N 73  
ARG N     H2    sing N N 74  
ARG CA    C     sing N N 75  
ARG CA    CB    sing N N 76  
ARG CA    HA    sing N N 77  
ARG C     O     doub N N 78  
ARG C     OXT   sing N N 79  
ARG CB    CG    sing N N 80  
ARG CB    HB2   sing N N 81  
ARG CB    HB3   sing N N 82  
ARG CG    CD    sing N N 83  
ARG CG    HG2   sing N N 84  
ARG CG    HG3   sing N N 85  
ARG CD    NE    sing N N 86  
ARG CD    HD2   sing N N 87  
ARG CD    HD3   sing N N 88  
ARG NE    CZ    sing N N 89  
ARG NE    HE    sing N N 90  
ARG CZ    NH1   sing N N 91  
ARG CZ    NH2   doub N N 92  
ARG NH1   HH11  sing N N 93  
ARG NH1   HH12  sing N N 94  
ARG NH2   HH21  sing N N 95  
ARG NH2   HH22  sing N N 96  
ARG OXT   HXT   sing N N 97  
ASN N     CA    sing N N 98  
ASN N     H     sing N N 99  
ASN N     H2    sing N N 100 
ASN CA    C     sing N N 101 
ASN CA    CB    sing N N 102 
ASN CA    HA    sing N N 103 
ASN C     O     doub N N 104 
ASN C     OXT   sing N N 105 
ASN CB    CG    sing N N 106 
ASN CB    HB2   sing N N 107 
ASN CB    HB3   sing N N 108 
ASN CG    OD1   doub N N 109 
ASN CG    ND2   sing N N 110 
ASN ND2   HD21  sing N N 111 
ASN ND2   HD22  sing N N 112 
ASN OXT   HXT   sing N N 113 
ASP N     CA    sing N N 114 
ASP N     H     sing N N 115 
ASP N     H2    sing N N 116 
ASP CA    C     sing N N 117 
ASP CA    CB    sing N N 118 
ASP CA    HA    sing N N 119 
ASP C     O     doub N N 120 
ASP C     OXT   sing N N 121 
ASP CB    CG    sing N N 122 
ASP CB    HB2   sing N N 123 
ASP CB    HB3   sing N N 124 
ASP CG    OD1   doub N N 125 
ASP CG    OD2   sing N N 126 
ASP OD2   HD2   sing N N 127 
ASP OXT   HXT   sing N N 128 
GLN N     CA    sing N N 129 
GLN N     H     sing N N 130 
GLN N     H2    sing N N 131 
GLN CA    C     sing N N 132 
GLN CA    CB    sing N N 133 
GLN CA    HA    sing N N 134 
GLN C     O     doub N N 135 
GLN C     OXT   sing N N 136 
GLN CB    CG    sing N N 137 
GLN CB    HB2   sing N N 138 
GLN CB    HB3   sing N N 139 
GLN CG    CD    sing N N 140 
GLN CG    HG2   sing N N 141 
GLN CG    HG3   sing N N 142 
GLN CD    OE1   doub N N 143 
GLN CD    NE2   sing N N 144 
GLN NE2   HE21  sing N N 145 
GLN NE2   HE22  sing N N 146 
GLN OXT   HXT   sing N N 147 
GLU N     CA    sing N N 148 
GLU N     H     sing N N 149 
GLU N     H2    sing N N 150 
GLU CA    C     sing N N 151 
GLU CA    CB    sing N N 152 
GLU CA    HA    sing N N 153 
GLU C     O     doub N N 154 
GLU C     OXT   sing N N 155 
GLU CB    CG    sing N N 156 
GLU CB    HB2   sing N N 157 
GLU CB    HB3   sing N N 158 
GLU CG    CD    sing N N 159 
GLU CG    HG2   sing N N 160 
GLU CG    HG3   sing N N 161 
GLU CD    OE1   doub N N 162 
GLU CD    OE2   sing N N 163 
GLU OE2   HE2   sing N N 164 
GLU OXT   HXT   sing N N 165 
GLY N     CA    sing N N 166 
GLY N     H     sing N N 167 
GLY N     H2    sing N N 168 
GLY CA    C     sing N N 169 
GLY CA    HA2   sing N N 170 
GLY CA    HA3   sing N N 171 
GLY C     O     doub N N 172 
GLY C     OXT   sing N N 173 
GLY OXT   HXT   sing N N 174 
HIS N     CA    sing N N 175 
HIS N     H     sing N N 176 
HIS N     H2    sing N N 177 
HIS CA    C     sing N N 178 
HIS CA    CB    sing N N 179 
HIS CA    HA    sing N N 180 
HIS C     O     doub N N 181 
HIS C     OXT   sing N N 182 
HIS CB    CG    sing N N 183 
HIS CB    HB2   sing N N 184 
HIS CB    HB3   sing N N 185 
HIS CG    ND1   sing Y N 186 
HIS CG    CD2   doub Y N 187 
HIS ND1   CE1   doub Y N 188 
HIS ND1   HD1   sing N N 189 
HIS CD2   NE2   sing Y N 190 
HIS CD2   HD2   sing N N 191 
HIS CE1   NE2   sing Y N 192 
HIS CE1   HE1   sing N N 193 
HIS NE2   HE2   sing N N 194 
HIS OXT   HXT   sing N N 195 
HOH O     H1    sing N N 196 
HOH O     H2    sing N N 197 
ILE N     CA    sing N N 198 
ILE N     H     sing N N 199 
ILE N     H2    sing N N 200 
ILE CA    C     sing N N 201 
ILE CA    CB    sing N N 202 
ILE CA    HA    sing N N 203 
ILE C     O     doub N N 204 
ILE C     OXT   sing N N 205 
ILE CB    CG1   sing N N 206 
ILE CB    CG2   sing N N 207 
ILE CB    HB    sing N N 208 
ILE CG1   CD1   sing N N 209 
ILE CG1   HG12  sing N N 210 
ILE CG1   HG13  sing N N 211 
ILE CG2   HG21  sing N N 212 
ILE CG2   HG22  sing N N 213 
ILE CG2   HG23  sing N N 214 
ILE CD1   HD11  sing N N 215 
ILE CD1   HD12  sing N N 216 
ILE CD1   HD13  sing N N 217 
ILE OXT   HXT   sing N N 218 
LEU N     CA    sing N N 219 
LEU N     H     sing N N 220 
LEU N     H2    sing N N 221 
LEU CA    C     sing N N 222 
LEU CA    CB    sing N N 223 
LEU CA    HA    sing N N 224 
LEU C     O     doub N N 225 
LEU C     OXT   sing N N 226 
LEU CB    CG    sing N N 227 
LEU CB    HB2   sing N N 228 
LEU CB    HB3   sing N N 229 
LEU CG    CD1   sing N N 230 
LEU CG    CD2   sing N N 231 
LEU CG    HG    sing N N 232 
LEU CD1   HD11  sing N N 233 
LEU CD1   HD12  sing N N 234 
LEU CD1   HD13  sing N N 235 
LEU CD2   HD21  sing N N 236 
LEU CD2   HD22  sing N N 237 
LEU CD2   HD23  sing N N 238 
LEU OXT   HXT   sing N N 239 
LYS N     CA    sing N N 240 
LYS N     H     sing N N 241 
LYS N     H2    sing N N 242 
LYS CA    C     sing N N 243 
LYS CA    CB    sing N N 244 
LYS CA    HA    sing N N 245 
LYS C     O     doub N N 246 
LYS C     OXT   sing N N 247 
LYS CB    CG    sing N N 248 
LYS CB    HB2   sing N N 249 
LYS CB    HB3   sing N N 250 
LYS CG    CD    sing N N 251 
LYS CG    HG2   sing N N 252 
LYS CG    HG3   sing N N 253 
LYS CD    CE    sing N N 254 
LYS CD    HD2   sing N N 255 
LYS CD    HD3   sing N N 256 
LYS CE    NZ    sing N N 257 
LYS CE    HE2   sing N N 258 
LYS CE    HE3   sing N N 259 
LYS NZ    HZ1   sing N N 260 
LYS NZ    HZ2   sing N N 261 
LYS NZ    HZ3   sing N N 262 
LYS OXT   HXT   sing N N 263 
MET N     CA    sing N N 264 
MET N     H     sing N N 265 
MET N     H2    sing N N 266 
MET CA    C     sing N N 267 
MET CA    CB    sing N N 268 
MET CA    HA    sing N N 269 
MET C     O     doub N N 270 
MET C     OXT   sing N N 271 
MET CB    CG    sing N N 272 
MET CB    HB2   sing N N 273 
MET CB    HB3   sing N N 274 
MET CG    SD    sing N N 275 
MET CG    HG2   sing N N 276 
MET CG    HG3   sing N N 277 
MET SD    CE    sing N N 278 
MET CE    HE1   sing N N 279 
MET CE    HE2   sing N N 280 
MET CE    HE3   sing N N 281 
MET OXT   HXT   sing N N 282 
PHE N     CA    sing N N 283 
PHE N     H     sing N N 284 
PHE N     H2    sing N N 285 
PHE CA    C     sing N N 286 
PHE CA    CB    sing N N 287 
PHE CA    HA    sing N N 288 
PHE C     O     doub N N 289 
PHE C     OXT   sing N N 290 
PHE CB    CG    sing N N 291 
PHE CB    HB2   sing N N 292 
PHE CB    HB3   sing N N 293 
PHE CG    CD1   doub Y N 294 
PHE CG    CD2   sing Y N 295 
PHE CD1   CE1   sing Y N 296 
PHE CD1   HD1   sing N N 297 
PHE CD2   CE2   doub Y N 298 
PHE CD2   HD2   sing N N 299 
PHE CE1   CZ    doub Y N 300 
PHE CE1   HE1   sing N N 301 
PHE CE2   CZ    sing Y N 302 
PHE CE2   HE2   sing N N 303 
PHE CZ    HZ    sing N N 304 
PHE OXT   HXT   sing N N 305 
PRO N     CA    sing N N 306 
PRO N     CD    sing N N 307 
PRO N     H     sing N N 308 
PRO CA    C     sing N N 309 
PRO CA    CB    sing N N 310 
PRO CA    HA    sing N N 311 
PRO C     O     doub N N 312 
PRO C     OXT   sing N N 313 
PRO CB    CG    sing N N 314 
PRO CB    HB2   sing N N 315 
PRO CB    HB3   sing N N 316 
PRO CG    CD    sing N N 317 
PRO CG    HG2   sing N N 318 
PRO CG    HG3   sing N N 319 
PRO CD    HD2   sing N N 320 
PRO CD    HD3   sing N N 321 
PRO OXT   HXT   sing N N 322 
SER N     CA    sing N N 323 
SER N     H     sing N N 324 
SER N     H2    sing N N 325 
SER CA    C     sing N N 326 
SER CA    CB    sing N N 327 
SER CA    HA    sing N N 328 
SER C     O     doub N N 329 
SER C     OXT   sing N N 330 
SER CB    OG    sing N N 331 
SER CB    HB2   sing N N 332 
SER CB    HB3   sing N N 333 
SER OG    HG    sing N N 334 
SER OXT   HXT   sing N N 335 
THR N     CA    sing N N 336 
THR N     H     sing N N 337 
THR N     H2    sing N N 338 
THR CA    C     sing N N 339 
THR CA    CB    sing N N 340 
THR CA    HA    sing N N 341 
THR C     O     doub N N 342 
THR C     OXT   sing N N 343 
THR CB    OG1   sing N N 344 
THR CB    CG2   sing N N 345 
THR CB    HB    sing N N 346 
THR OG1   HG1   sing N N 347 
THR CG2   HG21  sing N N 348 
THR CG2   HG22  sing N N 349 
THR CG2   HG23  sing N N 350 
THR OXT   HXT   sing N N 351 
TRP N     CA    sing N N 352 
TRP N     H     sing N N 353 
TRP N     H2    sing N N 354 
TRP CA    C     sing N N 355 
TRP CA    CB    sing N N 356 
TRP CA    HA    sing N N 357 
TRP C     O     doub N N 358 
TRP C     OXT   sing N N 359 
TRP CB    CG    sing N N 360 
TRP CB    HB2   sing N N 361 
TRP CB    HB3   sing N N 362 
TRP CG    CD1   doub Y N 363 
TRP CG    CD2   sing Y N 364 
TRP CD1   NE1   sing Y N 365 
TRP CD1   HD1   sing N N 366 
TRP CD2   CE2   doub Y N 367 
TRP CD2   CE3   sing Y N 368 
TRP NE1   CE2   sing Y N 369 
TRP NE1   HE1   sing N N 370 
TRP CE2   CZ2   sing Y N 371 
TRP CE3   CZ3   doub Y N 372 
TRP CE3   HE3   sing N N 373 
TRP CZ2   CH2   doub Y N 374 
TRP CZ2   HZ2   sing N N 375 
TRP CZ3   CH2   sing Y N 376 
TRP CZ3   HZ3   sing N N 377 
TRP CH2   HH2   sing N N 378 
TRP OXT   HXT   sing N N 379 
TYR N     CA    sing N N 380 
TYR N     H     sing N N 381 
TYR N     H2    sing N N 382 
TYR CA    C     sing N N 383 
TYR CA    CB    sing N N 384 
TYR CA    HA    sing N N 385 
TYR C     O     doub N N 386 
TYR C     OXT   sing N N 387 
TYR CB    CG    sing N N 388 
TYR CB    HB2   sing N N 389 
TYR CB    HB3   sing N N 390 
TYR CG    CD1   doub Y N 391 
TYR CG    CD2   sing Y N 392 
TYR CD1   CE1   sing Y N 393 
TYR CD1   HD1   sing N N 394 
TYR CD2   CE2   doub Y N 395 
TYR CD2   HD2   sing N N 396 
TYR CE1   CZ    doub Y N 397 
TYR CE1   HE1   sing N N 398 
TYR CE2   CZ    sing Y N 399 
TYR CE2   HE2   sing N N 400 
TYR CZ    OH    sing N N 401 
TYR OH    HH    sing N N 402 
TYR OXT   HXT   sing N N 403 
VAL N     CA    sing N N 404 
VAL N     H     sing N N 405 
VAL N     H2    sing N N 406 
VAL CA    C     sing N N 407 
VAL CA    CB    sing N N 408 
VAL CA    HA    sing N N 409 
VAL C     O     doub N N 410 
VAL C     OXT   sing N N 411 
VAL CB    CG1   sing N N 412 
VAL CB    CG2   sing N N 413 
VAL CB    HB    sing N N 414 
VAL CG1   HG11  sing N N 415 
VAL CG1   HG12  sing N N 416 
VAL CG1   HG13  sing N N 417 
VAL CG2   HG21  sing N N 418 
VAL CG2   HG22  sing N N 419 
VAL CG2   HG23  sing N N 420 
VAL OXT   HXT   sing N N 421 
XNP "O3'" "C3'" sing N N 422 
XNP "C3'" "C2'" sing N N 423 
XNP "C3'" "C4'" sing N N 424 
XNP "C2'" "O2'" sing N N 425 
XNP "C2'" "C1'" sing N N 426 
XNP "O2'" CAA   sing N N 427 
XNP CAA   CAB   sing N N 428 
XNP CAA   NAF   sing N N 429 
XNP CAB   CAC   sing N N 430 
XNP CAC   CAD   sing N N 431 
XNP CAD   CBT   sing N N 432 
XNP CAD   CAE   doub N N 433 
XNP CBT   OBV   doub N N 434 
XNP CBT   NBU   sing N N 435 
XNP CAE   NAF   sing N N 436 
XNP NAF   "C1'" sing N N 437 
XNP "C1'" "O4'" sing N N 438 
XNP "O4'" "C4'" sing N N 439 
XNP "C4'" "C5'" sing N N 440 
XNP "C5'" "O5'" sing N N 441 
XNP "O5'" PAN   sing N N 442 
XNP PAN   OBP   doub N N 443 
XNP PAN   OBO   sing N N 444 
XNP PAN   OAO   sing N N 445 
XNP OAO   PAP   sing N N 446 
XNP PAP   OBQ   doub N N 447 
XNP PAP   OBR   sing N N 448 
XNP PAP   OAQ   sing N N 449 
XNP OAQ   CAR   sing N N 450 
XNP CAR   CAS   sing N N 451 
XNP CAS   OAW   sing N N 452 
XNP CAS   CAT   sing N N 453 
XNP OAW   CAV   sing N N 454 
XNP CAT   OAZ   sing N N 455 
XNP CAT   CAU   sing N N 456 
XNP CAU   OAY   sing N N 457 
XNP CAU   CAV   sing N N 458 
XNP OAY   PBA   sing N N 459 
XNP PBA   OBB   doub N N 460 
XNP PBA   OBC   sing N N 461 
XNP PBA   OBD   sing N N 462 
XNP CAV   NAX   sing N N 463 
XNP NAX   CBE   sing Y N 464 
XNP NAX   CBH   sing Y N 465 
XNP CBE   NBF   doub Y N 466 
XNP NBF   CBG   sing Y N 467 
XNP CBG   CBH   doub Y N 468 
XNP CBG   CBI   sing Y N 469 
XNP CBH   NBL   sing Y N 470 
XNP NBL   CBK   doub Y N 471 
XNP CBK   NBJ   sing Y N 472 
XNP NBJ   CBI   doub Y N 473 
XNP CBI   NBM   sing N N 474 
XNP "O3'" H1    sing N N 475 
XNP "C3'" H2    sing N N 476 
XNP "C2'" H3    sing N N 477 
XNP CAA   H4    sing N N 478 
XNP CAB   H5    sing N N 479 
XNP CAB   H6    sing N N 480 
XNP CAC   H7    sing N N 481 
XNP CAC   H8    sing N N 482 
XNP NBU   H9    sing N N 483 
XNP NBU   H10   sing N N 484 
XNP CAE   H11   sing N N 485 
XNP "C1'" H12   sing N N 486 
XNP "C4'" H13   sing N N 487 
XNP "C5'" H14   sing N N 488 
XNP "C5'" H15   sing N N 489 
XNP OBO   H16   sing N N 490 
XNP OBR   H17   sing N N 491 
XNP CAR   H18   sing N N 492 
XNP CAR   H19   sing N N 493 
XNP CAS   H20   sing N N 494 
XNP CAT   H21   sing N N 495 
XNP OAZ   H22   sing N N 496 
XNP CAU   H23   sing N N 497 
XNP OBC   H24   sing N N 498 
XNP OBD   H25   sing N N 499 
XNP CAV   H26   sing N N 500 
XNP CBE   H27   sing N N 501 
XNP CBK   H30   sing N N 502 
XNP NBM   H31   sing N N 503 
XNP NBM   H32   sing N N 504 
# 
loop_
_pdbx_audit_support.funding_organization 
_pdbx_audit_support.country 
_pdbx_audit_support.grant_number 
_pdbx_audit_support.ordinal 
'National Institutes of Health/National Institute Of Allergy and Infectious Diseases (NIH/NIAID)' 'United States' AI104841 1 
'National Institutes of Health/National Institute of General Medical Sciences (NIH/NIGMS)'        'United States' GM078031 2 
'National Institutes of Health/National Institute of General Medical Sciences (NIH/NIGMS)'        'United States' GM118543 3 
# 
_pdbx_entity_instance_feature.ordinal        1 
_pdbx_entity_instance_feature.comp_id        XNP 
_pdbx_entity_instance_feature.asym_id        ? 
_pdbx_entity_instance_feature.seq_num        ? 
_pdbx_entity_instance_feature.auth_comp_id   XNP 
_pdbx_entity_instance_feature.auth_asym_id   ? 
_pdbx_entity_instance_feature.auth_seq_num   ? 
_pdbx_entity_instance_feature.feature_type   'SUBJECT OF INVESTIGATION' 
_pdbx_entity_instance_feature.details        ? 
# 
loop_
_pdbx_entity_nonpoly.entity_id 
_pdbx_entity_nonpoly.name 
_pdbx_entity_nonpoly.comp_id 
2 'Tricyclic NADPH'                                                                          XNP 
3 '6-ethyl-5-{(3R)-3-[3-methoxy-5-(pyridin-4-yl)phenyl]but-1-yn-1-yl}pyrimidine-2,4-diamine' 06U 
4 'ACETATE ION'                                                                              ACT 
5 water                                                                                      HOH 
# 
_pdbx_initial_refinement_model.id               1 
_pdbx_initial_refinement_model.entity_id_list   ? 
_pdbx_initial_refinement_model.type             'experimental model' 
_pdbx_initial_refinement_model.source_name      PDB 
_pdbx_initial_refinement_model.accession_code   3F0Q 
_pdbx_initial_refinement_model.details          ? 
# 
_pdbx_struct_assembly_auth_evidence.id                     1 
_pdbx_struct_assembly_auth_evidence.assembly_id            1 
_pdbx_struct_assembly_auth_evidence.experimental_support   'gel filtration' 
_pdbx_struct_assembly_auth_evidence.details                ? 
# 
